data_2D28
# 
_entry.id   2D28 
# 
_audit_conform.dict_name       mmcif_pdbx.dic 
_audit_conform.dict_version    5.397 
_audit_conform.dict_location   http://mmcif.pdb.org/dictionaries/ascii/mmcif_pdbx.dic 
# 
loop_
_database_2.database_id 
_database_2.database_code 
_database_2.pdbx_database_accession 
_database_2.pdbx_DOI 
PDB   2D28         pdb_00002d28 10.2210/pdb2d28/pdb 
RCSB  RCSB024896   ?            ?                   
WWPDB D_1000024896 ?            ?                   
# 
loop_
_pdbx_audit_revision_history.ordinal 
_pdbx_audit_revision_history.data_content_type 
_pdbx_audit_revision_history.major_revision 
_pdbx_audit_revision_history.minor_revision 
_pdbx_audit_revision_history.revision_date 
1 'Structure model' 1 0 2005-09-20 
2 'Structure model' 1 1 2008-04-30 
3 'Structure model' 1 2 2011-07-13 
4 'Structure model' 1 3 2021-11-10 
5 'Structure model' 1 4 2024-10-16 
# 
_pdbx_audit_revision_details.ordinal             1 
_pdbx_audit_revision_details.revision_ordinal    1 
_pdbx_audit_revision_details.data_content_type   'Structure model' 
_pdbx_audit_revision_details.provider            repository 
_pdbx_audit_revision_details.type                'Initial release' 
_pdbx_audit_revision_details.description         ? 
_pdbx_audit_revision_details.details             ? 
# 
loop_
_pdbx_audit_revision_group.ordinal 
_pdbx_audit_revision_group.revision_ordinal 
_pdbx_audit_revision_group.data_content_type 
_pdbx_audit_revision_group.group 
1 2 'Structure model' 'Version format compliance' 
2 3 'Structure model' 'Non-polymer description'   
3 3 'Structure model' 'Version format compliance' 
4 4 'Structure model' 'Database references'       
5 4 'Structure model' 'Derived calculations'      
6 5 'Structure model' 'Data collection'           
7 5 'Structure model' 'Structure summary'         
# 
loop_
_pdbx_audit_revision_category.ordinal 
_pdbx_audit_revision_category.revision_ordinal 
_pdbx_audit_revision_category.data_content_type 
_pdbx_audit_revision_category.category 
1 4 'Structure model' database_2                
2 4 'Structure model' struct_conn               
3 4 'Structure model' struct_ref_seq_dif        
4 4 'Structure model' struct_site               
5 5 'Structure model' chem_comp_atom            
6 5 'Structure model' chem_comp_bond            
7 5 'Structure model' pdbx_entry_details        
8 5 'Structure model' pdbx_modification_feature 
# 
loop_
_pdbx_audit_revision_item.ordinal 
_pdbx_audit_revision_item.revision_ordinal 
_pdbx_audit_revision_item.data_content_type 
_pdbx_audit_revision_item.item 
1 4 'Structure model' '_database_2.pdbx_DOI'                
2 4 'Structure model' '_database_2.pdbx_database_accession' 
3 4 'Structure model' '_struct_conn.pdbx_leaving_atom_flag' 
4 4 'Structure model' '_struct_ref_seq_dif.details'         
5 4 'Structure model' '_struct_site.pdbx_auth_asym_id'      
6 4 'Structure model' '_struct_site.pdbx_auth_comp_id'      
7 4 'Structure model' '_struct_site.pdbx_auth_seq_id'       
# 
_pdbx_database_status.entry_id                        2D28 
_pdbx_database_status.deposit_site                    PDBJ 
_pdbx_database_status.process_site                    PDBJ 
_pdbx_database_status.recvd_initial_deposition_date   2005-09-03 
_pdbx_database_status.status_code                     REL 
_pdbx_database_status.status_code_sf                  REL 
_pdbx_database_status.status_code_mr                  ? 
_pdbx_database_status.SG_entry                        ? 
_pdbx_database_status.pdb_format_compatible           Y 
_pdbx_database_status.status_code_cs                  ? 
_pdbx_database_status.status_code_nmr_data            ? 
_pdbx_database_status.methods_development_category    ? 
# 
_pdbx_database_related.db_name        PDB 
_pdbx_database_related.db_id          2D27 
_pdbx_database_related.details        'the same protein in crystal form I4122' 
_pdbx_database_related.content_type   unspecified 
# 
loop_
_audit_author.name 
_audit_author.pdbx_ordinal 
'Chen, Y.'     1 
'Shiue, S.-J.' 2 
'Huang, C.-W.' 3 
'Chang, J.-L.' 4 
'Chien, Y.-L.' 5 
'Hu, N.-T.'    6 
'Chan, N.-L.'  7 
# 
_citation.id                        primary 
_citation.title                     
'Structure and Function of the XpsE N-Terminal Domain, an Essential Component of the Xanthomonas campestris Type II Secretion System' 
_citation.journal_abbrev            J.Biol.Chem. 
_citation.journal_volume            280 
_citation.page_first                42356 
_citation.page_last                 42363 
_citation.year                      2005 
_citation.journal_id_ASTM           JBCHA3 
_citation.country                   US 
_citation.journal_id_ISSN           0021-9258 
_citation.journal_id_CSD            0071 
_citation.book_publisher            ? 
_citation.pdbx_database_id_PubMed   16162504 
_citation.pdbx_database_id_DOI      10.1074/jbc.M506843200 
# 
loop_
_citation_author.citation_id 
_citation_author.name 
_citation_author.ordinal 
_citation_author.identifier_ORCID 
primary 'Chen, Y.'     1 ? 
primary 'Shiue, S.-J.' 2 ? 
primary 'Huang, C.-W.' 3 ? 
primary 'Chang, J.-L.' 4 ? 
primary 'Chien, Y.-L.' 5 ? 
primary 'Hu, N.-T.'    6 ? 
primary 'Chan, N.-L.'  7 ? 
# 
loop_
_entity.id 
_entity.type 
_entity.src_method 
_entity.pdbx_description 
_entity.formula_weight 
_entity.pdbx_number_of_molecules 
_entity.pdbx_ec 
_entity.pdbx_mutation 
_entity.pdbx_fragment 
_entity.details 
1 polymer     man 'type II secretion ATPase XpsE' 16943.967 1   ? L26V 'N-terminal domain' ? 
2 non-polymer syn 'CACODYLATE ION'                136.989   1   ? ?    ?                   ? 
3 water       nat water                           18.015    152 ? ?    ?                   ? 
# 
_entity_name_com.entity_id   1 
_entity_name_com.name        XpsE 
# 
_entity_poly.entity_id                      1 
_entity_poly.type                           'polypeptide(L)' 
_entity_poly.nstd_linkage                   no 
_entity_poly.nstd_monomer                   yes 
_entity_poly.pdbx_seq_one_letter_code       
;(MSE)EQRSAETRIVEALLERRRLKDTDLVRARQLQAESG(MSE)GLLALLGRLGLVSERDHAETCAEVLGLPLVDARQL
GDTPPE(MSE)LPEVQGLSLRFLKQFHLCPVGERDGRLDLWIADPYDDYAIDAVRLATGLPLLLHVGLRSEIDDLIERWY
G
;
_entity_poly.pdbx_seq_one_letter_code_can   
;MEQRSAETRIVEALLERRRLKDTDLVRARQLQAESGMGLLALLGRLGLVSERDHAETCAEVLGLPLVDARQLGDTPPEML
PEVQGLSLRFLKQFHLCPVGERDGRLDLWIADPYDDYAIDAVRLATGLPLLLHVGLRSEIDDLIERWYG
;
_entity_poly.pdbx_strand_id                 C 
_entity_poly.pdbx_target_identifier         ? 
# 
loop_
_pdbx_entity_nonpoly.entity_id 
_pdbx_entity_nonpoly.name 
_pdbx_entity_nonpoly.comp_id 
2 'CACODYLATE ION' CAC 
3 water            HOH 
# 
loop_
_entity_poly_seq.entity_id 
_entity_poly_seq.num 
_entity_poly_seq.mon_id 
_entity_poly_seq.hetero 
1 1   MSE n 
1 2   GLU n 
1 3   GLN n 
1 4   ARG n 
1 5   SER n 
1 6   ALA n 
1 7   GLU n 
1 8   THR n 
1 9   ARG n 
1 10  ILE n 
1 11  VAL n 
1 12  GLU n 
1 13  ALA n 
1 14  LEU n 
1 15  LEU n 
1 16  GLU n 
1 17  ARG n 
1 18  ARG n 
1 19  ARG n 
1 20  LEU n 
1 21  LYS n 
1 22  ASP n 
1 23  THR n 
1 24  ASP n 
1 25  LEU n 
1 26  VAL n 
1 27  ARG n 
1 28  ALA n 
1 29  ARG n 
1 30  GLN n 
1 31  LEU n 
1 32  GLN n 
1 33  ALA n 
1 34  GLU n 
1 35  SER n 
1 36  GLY n 
1 37  MSE n 
1 38  GLY n 
1 39  LEU n 
1 40  LEU n 
1 41  ALA n 
1 42  LEU n 
1 43  LEU n 
1 44  GLY n 
1 45  ARG n 
1 46  LEU n 
1 47  GLY n 
1 48  LEU n 
1 49  VAL n 
1 50  SER n 
1 51  GLU n 
1 52  ARG n 
1 53  ASP n 
1 54  HIS n 
1 55  ALA n 
1 56  GLU n 
1 57  THR n 
1 58  CYS n 
1 59  ALA n 
1 60  GLU n 
1 61  VAL n 
1 62  LEU n 
1 63  GLY n 
1 64  LEU n 
1 65  PRO n 
1 66  LEU n 
1 67  VAL n 
1 68  ASP n 
1 69  ALA n 
1 70  ARG n 
1 71  GLN n 
1 72  LEU n 
1 73  GLY n 
1 74  ASP n 
1 75  THR n 
1 76  PRO n 
1 77  PRO n 
1 78  GLU n 
1 79  MSE n 
1 80  LEU n 
1 81  PRO n 
1 82  GLU n 
1 83  VAL n 
1 84  GLN n 
1 85  GLY n 
1 86  LEU n 
1 87  SER n 
1 88  LEU n 
1 89  ARG n 
1 90  PHE n 
1 91  LEU n 
1 92  LYS n 
1 93  GLN n 
1 94  PHE n 
1 95  HIS n 
1 96  LEU n 
1 97  CYS n 
1 98  PRO n 
1 99  VAL n 
1 100 GLY n 
1 101 GLU n 
1 102 ARG n 
1 103 ASP n 
1 104 GLY n 
1 105 ARG n 
1 106 LEU n 
1 107 ASP n 
1 108 LEU n 
1 109 TRP n 
1 110 ILE n 
1 111 ALA n 
1 112 ASP n 
1 113 PRO n 
1 114 TYR n 
1 115 ASP n 
1 116 ASP n 
1 117 TYR n 
1 118 ALA n 
1 119 ILE n 
1 120 ASP n 
1 121 ALA n 
1 122 VAL n 
1 123 ARG n 
1 124 LEU n 
1 125 ALA n 
1 126 THR n 
1 127 GLY n 
1 128 LEU n 
1 129 PRO n 
1 130 LEU n 
1 131 LEU n 
1 132 LEU n 
1 133 HIS n 
1 134 VAL n 
1 135 GLY n 
1 136 LEU n 
1 137 ARG n 
1 138 SER n 
1 139 GLU n 
1 140 ILE n 
1 141 ASP n 
1 142 ASP n 
1 143 LEU n 
1 144 ILE n 
1 145 GLU n 
1 146 ARG n 
1 147 TRP n 
1 148 TYR n 
1 149 GLY n 
# 
_entity_src_gen.entity_id                          1 
_entity_src_gen.pdbx_src_id                        1 
_entity_src_gen.pdbx_alt_source_flag               sample 
_entity_src_gen.pdbx_seq_type                      ? 
_entity_src_gen.pdbx_beg_seq_num                   ? 
_entity_src_gen.pdbx_end_seq_num                   ? 
_entity_src_gen.gene_src_common_name               ? 
_entity_src_gen.gene_src_genus                     Xanthomonas 
_entity_src_gen.pdbx_gene_src_gene                 xpsE 
_entity_src_gen.gene_src_species                   ? 
_entity_src_gen.gene_src_strain                    ? 
_entity_src_gen.gene_src_tissue                    ? 
_entity_src_gen.gene_src_tissue_fraction           ? 
_entity_src_gen.gene_src_details                   ? 
_entity_src_gen.pdbx_gene_src_fragment             ? 
_entity_src_gen.pdbx_gene_src_scientific_name      'Xanthomonas campestris' 
_entity_src_gen.pdbx_gene_src_ncbi_taxonomy_id     339 
_entity_src_gen.pdbx_gene_src_variant              ? 
_entity_src_gen.pdbx_gene_src_cell_line            ? 
_entity_src_gen.pdbx_gene_src_atcc                 ? 
_entity_src_gen.pdbx_gene_src_organ                ? 
_entity_src_gen.pdbx_gene_src_organelle            ? 
_entity_src_gen.pdbx_gene_src_cell                 ? 
_entity_src_gen.pdbx_gene_src_cellular_location    ? 
_entity_src_gen.host_org_common_name               ? 
_entity_src_gen.pdbx_host_org_scientific_name      'Escherichia coli BL21(DE3)' 
_entity_src_gen.pdbx_host_org_ncbi_taxonomy_id     469008 
_entity_src_gen.host_org_genus                     Escherichia 
_entity_src_gen.pdbx_host_org_gene                 ? 
_entity_src_gen.pdbx_host_org_organ                ? 
_entity_src_gen.host_org_species                   'Escherichia coli' 
_entity_src_gen.pdbx_host_org_tissue               ? 
_entity_src_gen.pdbx_host_org_tissue_fraction      ? 
_entity_src_gen.pdbx_host_org_strain               'BL21 (DE3)' 
_entity_src_gen.pdbx_host_org_variant              ? 
_entity_src_gen.pdbx_host_org_cell_line            ? 
_entity_src_gen.pdbx_host_org_atcc                 ? 
_entity_src_gen.pdbx_host_org_culture_collection   ? 
_entity_src_gen.pdbx_host_org_cell                 ? 
_entity_src_gen.pdbx_host_org_organelle            ? 
_entity_src_gen.pdbx_host_org_cellular_location    ? 
_entity_src_gen.pdbx_host_org_vector_type          plasmid 
_entity_src_gen.pdbx_host_org_vector               ? 
_entity_src_gen.host_org_details                   ? 
_entity_src_gen.expression_system_id               ? 
_entity_src_gen.plasmid_name                       pET16b 
_entity_src_gen.plasmid_details                    ? 
_entity_src_gen.pdbx_description                   ? 
# 
loop_
_chem_comp.id 
_chem_comp.type 
_chem_comp.mon_nstd_flag 
_chem_comp.name 
_chem_comp.pdbx_synonyms 
_chem_comp.formula 
_chem_comp.formula_weight 
ALA 'L-peptide linking' y ALANINE          ?                'C3 H7 N O2'     89.093  
ARG 'L-peptide linking' y ARGININE         ?                'C6 H15 N4 O2 1' 175.209 
ASP 'L-peptide linking' y 'ASPARTIC ACID'  ?                'C4 H7 N O4'     133.103 
CAC non-polymer         . 'CACODYLATE ION' dimethylarsinate 'C2 H6 As O2 -1' 136.989 
CYS 'L-peptide linking' y CYSTEINE         ?                'C3 H7 N O2 S'   121.158 
GLN 'L-peptide linking' y GLUTAMINE        ?                'C5 H10 N2 O3'   146.144 
GLU 'L-peptide linking' y 'GLUTAMIC ACID'  ?                'C5 H9 N O4'     147.129 
GLY 'peptide linking'   y GLYCINE          ?                'C2 H5 N O2'     75.067  
HIS 'L-peptide linking' y HISTIDINE        ?                'C6 H10 N3 O2 1' 156.162 
HOH non-polymer         . WATER            ?                'H2 O'           18.015  
ILE 'L-peptide linking' y ISOLEUCINE       ?                'C6 H13 N O2'    131.173 
LEU 'L-peptide linking' y LEUCINE          ?                'C6 H13 N O2'    131.173 
LYS 'L-peptide linking' y LYSINE           ?                'C6 H15 N2 O2 1' 147.195 
MET 'L-peptide linking' y METHIONINE       ?                'C5 H11 N O2 S'  149.211 
MSE 'L-peptide linking' n SELENOMETHIONINE ?                'C5 H11 N O2 Se' 196.106 
PHE 'L-peptide linking' y PHENYLALANINE    ?                'C9 H11 N O2'    165.189 
PRO 'L-peptide linking' y PROLINE          ?                'C5 H9 N O2'     115.130 
SER 'L-peptide linking' y SERINE           ?                'C3 H7 N O3'     105.093 
THR 'L-peptide linking' y THREONINE        ?                'C4 H9 N O3'     119.119 
TRP 'L-peptide linking' y TRYPTOPHAN       ?                'C11 H12 N2 O2'  204.225 
TYR 'L-peptide linking' y TYROSINE         ?                'C9 H11 N O3'    181.189 
VAL 'L-peptide linking' y VALINE           ?                'C5 H11 N O2'    117.146 
# 
loop_
_pdbx_poly_seq_scheme.asym_id 
_pdbx_poly_seq_scheme.entity_id 
_pdbx_poly_seq_scheme.seq_id 
_pdbx_poly_seq_scheme.mon_id 
_pdbx_poly_seq_scheme.ndb_seq_num 
_pdbx_poly_seq_scheme.pdb_seq_num 
_pdbx_poly_seq_scheme.auth_seq_num 
_pdbx_poly_seq_scheme.pdb_mon_id 
_pdbx_poly_seq_scheme.auth_mon_id 
_pdbx_poly_seq_scheme.pdb_strand_id 
_pdbx_poly_seq_scheme.pdb_ins_code 
_pdbx_poly_seq_scheme.hetero 
A 1 1   MSE 1   1   1   MSE MSE C . n 
A 1 2   GLU 2   2   2   GLU GLU C . n 
A 1 3   GLN 3   3   3   GLN GLN C . n 
A 1 4   ARG 4   4   4   ARG ARG C . n 
A 1 5   SER 5   5   5   SER SER C . n 
A 1 6   ALA 6   6   6   ALA ALA C . n 
A 1 7   GLU 7   7   7   GLU GLU C . n 
A 1 8   THR 8   8   8   THR THR C . n 
A 1 9   ARG 9   9   9   ARG ARG C . n 
A 1 10  ILE 10  10  10  ILE ILE C . n 
A 1 11  VAL 11  11  11  VAL VAL C . n 
A 1 12  GLU 12  12  12  GLU GLU C . n 
A 1 13  ALA 13  13  13  ALA ALA C . n 
A 1 14  LEU 14  14  14  LEU LEU C . n 
A 1 15  LEU 15  15  15  LEU LEU C . n 
A 1 16  GLU 16  16  16  GLU GLU C . n 
A 1 17  ARG 17  17  17  ARG ARG C . n 
A 1 18  ARG 18  18  18  ARG ARG C . n 
A 1 19  ARG 19  19  19  ARG ARG C . n 
A 1 20  LEU 20  20  20  LEU LEU C . n 
A 1 21  LYS 21  21  21  LYS LYS C . n 
A 1 22  ASP 22  22  22  ASP ASP C . n 
A 1 23  THR 23  23  23  THR THR C . n 
A 1 24  ASP 24  24  24  ASP ASP C . n 
A 1 25  LEU 25  25  25  LEU LEU C . n 
A 1 26  VAL 26  26  26  VAL VAL C . n 
A 1 27  ARG 27  27  27  ARG ARG C . n 
A 1 28  ALA 28  28  28  ALA ALA C . n 
A 1 29  ARG 29  29  29  ARG ARG C . n 
A 1 30  GLN 30  30  30  GLN GLN C . n 
A 1 31  LEU 31  31  ?   ?   ?   C . n 
A 1 32  GLN 32  32  ?   ?   ?   C . n 
A 1 33  ALA 33  33  ?   ?   ?   C . n 
A 1 34  GLU 34  34  34  GLU GLU C . n 
A 1 35  SER 35  35  35  SER SER C . n 
A 1 36  GLY 36  36  36  GLY GLY C . n 
A 1 37  MSE 37  37  37  MSE MSE C . n 
A 1 38  GLY 38  38  38  GLY GLY C . n 
A 1 39  LEU 39  39  39  LEU LEU C . n 
A 1 40  LEU 40  40  40  LEU LEU C . n 
A 1 41  ALA 41  41  41  ALA ALA C . n 
A 1 42  LEU 42  42  42  LEU LEU C . n 
A 1 43  LEU 43  43  43  LEU LEU C . n 
A 1 44  GLY 44  44  44  GLY GLY C . n 
A 1 45  ARG 45  45  45  ARG ARG C . n 
A 1 46  LEU 46  46  46  LEU LEU C . n 
A 1 47  GLY 47  47  47  GLY GLY C . n 
A 1 48  LEU 48  48  48  LEU LEU C . n 
A 1 49  VAL 49  49  49  VAL VAL C . n 
A 1 50  SER 50  50  50  SER SER C . n 
A 1 51  GLU 51  51  51  GLU GLU C . n 
A 1 52  ARG 52  52  52  ARG ARG C . n 
A 1 53  ASP 53  53  53  ASP ASP C . n 
A 1 54  HIS 54  54  54  HIS HIS C . n 
A 1 55  ALA 55  55  55  ALA ALA C . n 
A 1 56  GLU 56  56  56  GLU GLU C . n 
A 1 57  THR 57  57  57  THR THR C . n 
A 1 58  CYS 58  58  58  CYS CYS C . n 
A 1 59  ALA 59  59  59  ALA ALA C . n 
A 1 60  GLU 60  60  60  GLU GLU C . n 
A 1 61  VAL 61  61  61  VAL VAL C . n 
A 1 62  LEU 62  62  62  LEU LEU C . n 
A 1 63  GLY 63  63  63  GLY GLY C . n 
A 1 64  LEU 64  64  64  LEU LEU C . n 
A 1 65  PRO 65  65  65  PRO PRO C . n 
A 1 66  LEU 66  66  66  LEU LEU C . n 
A 1 67  VAL 67  67  67  VAL VAL C . n 
A 1 68  ASP 68  68  68  ASP ASP C . n 
A 1 69  ALA 69  69  69  ALA ALA C . n 
A 1 70  ARG 70  70  70  ARG ARG C . n 
A 1 71  GLN 71  71  71  GLN GLN C . n 
A 1 72  LEU 72  72  72  LEU LEU C . n 
A 1 73  GLY 73  73  73  GLY GLY C . n 
A 1 74  ASP 74  74  74  ASP ASP C . n 
A 1 75  THR 75  75  75  THR THR C . n 
A 1 76  PRO 76  76  76  PRO PRO C . n 
A 1 77  PRO 77  77  77  PRO PRO C . n 
A 1 78  GLU 78  78  78  GLU GLU C . n 
A 1 79  MSE 79  79  79  MSE MSE C . n 
A 1 80  LEU 80  80  ?   ?   ?   C . n 
A 1 81  PRO 81  81  ?   ?   ?   C . n 
A 1 82  GLU 82  82  82  GLU GLU C . n 
A 1 83  VAL 83  83  83  VAL VAL C . n 
A 1 84  GLN 84  84  84  GLN GLN C . n 
A 1 85  GLY 85  85  85  GLY GLY C . n 
A 1 86  LEU 86  86  86  LEU LEU C . n 
A 1 87  SER 87  87  87  SER SER C . n 
A 1 88  LEU 88  88  88  LEU LEU C . n 
A 1 89  ARG 89  89  89  ARG ARG C . n 
A 1 90  PHE 90  90  90  PHE PHE C . n 
A 1 91  LEU 91  91  91  LEU LEU C . n 
A 1 92  LYS 92  92  92  LYS LYS C . n 
A 1 93  GLN 93  93  93  GLN GLN C . n 
A 1 94  PHE 94  94  94  PHE PHE C . n 
A 1 95  HIS 95  95  95  HIS HIS C . n 
A 1 96  LEU 96  96  96  LEU LEU C . n 
A 1 97  CYS 97  97  97  CYS CYS C . n 
A 1 98  PRO 98  98  98  PRO PRO C . n 
A 1 99  VAL 99  99  99  VAL VAL C . n 
A 1 100 GLY 100 100 100 GLY GLY C . n 
A 1 101 GLU 101 101 101 GLU GLU C . n 
A 1 102 ARG 102 102 102 ARG ARG C . n 
A 1 103 ASP 103 103 103 ASP ASP C . n 
A 1 104 GLY 104 104 104 GLY GLY C . n 
A 1 105 ARG 105 105 105 ARG ARG C . n 
A 1 106 LEU 106 106 106 LEU LEU C . n 
A 1 107 ASP 107 107 107 ASP ASP C . n 
A 1 108 LEU 108 108 108 LEU LEU C . n 
A 1 109 TRP 109 109 109 TRP TRP C . n 
A 1 110 ILE 110 110 110 ILE ILE C . n 
A 1 111 ALA 111 111 111 ALA ALA C . n 
A 1 112 ASP 112 112 112 ASP ASP C . n 
A 1 113 PRO 113 113 113 PRO PRO C . n 
A 1 114 TYR 114 114 114 TYR TYR C . n 
A 1 115 ASP 115 115 115 ASP ASP C . n 
A 1 116 ASP 116 116 116 ASP ASP C . n 
A 1 117 TYR 117 117 117 TYR TYR C . n 
A 1 118 ALA 118 118 118 ALA ALA C . n 
A 1 119 ILE 119 119 119 ILE ILE C . n 
A 1 120 ASP 120 120 120 ASP ASP C . n 
A 1 121 ALA 121 121 121 ALA ALA C . n 
A 1 122 VAL 122 122 122 VAL VAL C . n 
A 1 123 ARG 123 123 123 ARG ARG C . n 
A 1 124 LEU 124 124 124 LEU LEU C . n 
A 1 125 ALA 125 125 125 ALA ALA C . n 
A 1 126 THR 126 126 126 THR THR C . n 
A 1 127 GLY 127 127 127 GLY GLY C . n 
A 1 128 LEU 128 128 128 LEU LEU C . n 
A 1 129 PRO 129 129 129 PRO PRO C . n 
A 1 130 LEU 130 130 130 LEU LEU C . n 
A 1 131 LEU 131 131 131 LEU LEU C . n 
A 1 132 LEU 132 132 132 LEU LEU C . n 
A 1 133 HIS 133 133 133 HIS HIS C . n 
A 1 134 VAL 134 134 134 VAL VAL C . n 
A 1 135 GLY 135 135 135 GLY GLY C . n 
A 1 136 LEU 136 136 136 LEU LEU C . n 
A 1 137 ARG 137 137 137 ARG ARG C . n 
A 1 138 SER 138 138 138 SER SER C . n 
A 1 139 GLU 139 139 139 GLU GLU C . n 
A 1 140 ILE 140 140 140 ILE ILE C . n 
A 1 141 ASP 141 141 141 ASP ASP C . n 
A 1 142 ASP 142 142 142 ASP ASP C . n 
A 1 143 LEU 143 143 143 LEU LEU C . n 
A 1 144 ILE 144 144 144 ILE ILE C . n 
A 1 145 GLU 145 145 145 GLU GLU C . n 
A 1 146 ARG 146 146 146 ARG ARG C . n 
A 1 147 TRP 147 147 147 TRP TRP C . n 
A 1 148 TYR 148 148 148 TYR TYR C . n 
A 1 149 GLY 149 149 149 GLY GLY C . n 
# 
loop_
_pdbx_nonpoly_scheme.asym_id 
_pdbx_nonpoly_scheme.entity_id 
_pdbx_nonpoly_scheme.mon_id 
_pdbx_nonpoly_scheme.ndb_seq_num 
_pdbx_nonpoly_scheme.pdb_seq_num 
_pdbx_nonpoly_scheme.auth_seq_num 
_pdbx_nonpoly_scheme.pdb_mon_id 
_pdbx_nonpoly_scheme.auth_mon_id 
_pdbx_nonpoly_scheme.pdb_strand_id 
_pdbx_nonpoly_scheme.pdb_ins_code 
B 2 CAC 1   200 200 CAC CAC C . 
C 3 HOH 1   201 9   HOH HOH C . 
C 3 HOH 2   202 46  HOH HOH C . 
C 3 HOH 3   203 47  HOH HOH C . 
C 3 HOH 4   204 48  HOH HOH C . 
C 3 HOH 5   205 49  HOH HOH C . 
C 3 HOH 6   206 50  HOH HOH C . 
C 3 HOH 7   207 51  HOH HOH C . 
C 3 HOH 8   208 52  HOH HOH C . 
C 3 HOH 9   209 53  HOH HOH C . 
C 3 HOH 10  210 54  HOH HOH C . 
C 3 HOH 11  211 63  HOH HOH C . 
C 3 HOH 12  212 64  HOH HOH C . 
C 3 HOH 13  213 65  HOH HOH C . 
C 3 HOH 14  214 70  HOH HOH C . 
C 3 HOH 15  215 71  HOH HOH C . 
C 3 HOH 16  216 72  HOH HOH C . 
C 3 HOH 17  217 73  HOH HOH C . 
C 3 HOH 18  218 74  HOH HOH C . 
C 3 HOH 19  219 76  HOH HOH C . 
C 3 HOH 20  220 84  HOH HOH C . 
C 3 HOH 21  221 86  HOH HOH C . 
C 3 HOH 22  222 88  HOH HOH C . 
C 3 HOH 23  223 91  HOH HOH C . 
C 3 HOH 24  224 93  HOH HOH C . 
C 3 HOH 25  225 95  HOH HOH C . 
C 3 HOH 26  226 100 HOH HOH C . 
C 3 HOH 27  227 101 HOH HOH C . 
C 3 HOH 28  228 108 HOH HOH C . 
C 3 HOH 29  229 110 HOH HOH C . 
C 3 HOH 30  230 113 HOH HOH C . 
C 3 HOH 31  231 114 HOH HOH C . 
C 3 HOH 32  232 119 HOH HOH C . 
C 3 HOH 33  233 120 HOH HOH C . 
C 3 HOH 34  234 121 HOH HOH C . 
C 3 HOH 35  235 122 HOH HOH C . 
C 3 HOH 36  236 123 HOH HOH C . 
C 3 HOH 37  237 126 HOH HOH C . 
C 3 HOH 38  238 130 HOH HOH C . 
C 3 HOH 39  239 131 HOH HOH C . 
C 3 HOH 40  240 137 HOH HOH C . 
C 3 HOH 41  241 138 HOH HOH C . 
C 3 HOH 42  242 140 HOH HOH C . 
C 3 HOH 43  243 141 HOH HOH C . 
C 3 HOH 44  244 143 HOH HOH C . 
C 3 HOH 45  245 146 HOH HOH C . 
C 3 HOH 46  246 151 HOH HOH C . 
C 3 HOH 47  247 161 HOH HOH C . 
C 3 HOH 48  248 168 HOH HOH C . 
C 3 HOH 49  249 170 HOH HOH C . 
C 3 HOH 50  250 174 HOH HOH C . 
C 3 HOH 51  251 175 HOH HOH C . 
C 3 HOH 52  252 179 HOH HOH C . 
C 3 HOH 53  253 180 HOH HOH C . 
C 3 HOH 54  254 184 HOH HOH C . 
C 3 HOH 55  255 186 HOH HOH C . 
C 3 HOH 56  256 188 HOH HOH C . 
C 3 HOH 57  257 189 HOH HOH C . 
C 3 HOH 58  258 191 HOH HOH C . 
C 3 HOH 59  259 193 HOH HOH C . 
C 3 HOH 60  260 195 HOH HOH C . 
C 3 HOH 61  261 197 HOH HOH C . 
C 3 HOH 62  262 205 HOH HOH C . 
C 3 HOH 63  263 208 HOH HOH C . 
C 3 HOH 64  264 211 HOH HOH C . 
C 3 HOH 65  265 212 HOH HOH C . 
C 3 HOH 66  266 219 HOH HOH C . 
C 3 HOH 67  267 220 HOH HOH C . 
C 3 HOH 68  268 222 HOH HOH C . 
C 3 HOH 69  269 224 HOH HOH C . 
C 3 HOH 70  270 225 HOH HOH C . 
C 3 HOH 71  271 226 HOH HOH C . 
C 3 HOH 72  272 230 HOH HOH C . 
C 3 HOH 73  273 233 HOH HOH C . 
C 3 HOH 74  274 235 HOH HOH C . 
C 3 HOH 75  275 237 HOH HOH C . 
C 3 HOH 76  276 241 HOH HOH C . 
C 3 HOH 77  277 245 HOH HOH C . 
C 3 HOH 78  278 247 HOH HOH C . 
C 3 HOH 79  279 250 HOH HOH C . 
C 3 HOH 80  280 254 HOH HOH C . 
C 3 HOH 81  281 267 HOH HOH C . 
C 3 HOH 82  282 268 HOH HOH C . 
C 3 HOH 83  283 275 HOH HOH C . 
C 3 HOH 84  284 280 HOH HOH C . 
C 3 HOH 85  285 286 HOH HOH C . 
C 3 HOH 86  286 291 HOH HOH C . 
C 3 HOH 87  287 298 HOH HOH C . 
C 3 HOH 88  288 305 HOH HOH C . 
C 3 HOH 89  289 316 HOH HOH C . 
C 3 HOH 90  290 328 HOH HOH C . 
C 3 HOH 91  291 333 HOH HOH C . 
C 3 HOH 92  292 334 HOH HOH C . 
C 3 HOH 93  293 342 HOH HOH C . 
C 3 HOH 94  294 343 HOH HOH C . 
C 3 HOH 95  295 344 HOH HOH C . 
C 3 HOH 96  296 350 HOH HOH C . 
C 3 HOH 97  297 352 HOH HOH C . 
C 3 HOH 98  298 354 HOH HOH C . 
C 3 HOH 99  299 360 HOH HOH C . 
C 3 HOH 100 300 364 HOH HOH C . 
C 3 HOH 101 301 365 HOH HOH C . 
C 3 HOH 102 302 379 HOH HOH C . 
C 3 HOH 103 303 380 HOH HOH C . 
C 3 HOH 104 304 383 HOH HOH C . 
C 3 HOH 105 305 384 HOH HOH C . 
C 3 HOH 106 306 386 HOH HOH C . 
C 3 HOH 107 307 392 HOH HOH C . 
C 3 HOH 108 308 395 HOH HOH C . 
C 3 HOH 109 309 398 HOH HOH C . 
C 3 HOH 110 310 410 HOH HOH C . 
C 3 HOH 111 311 413 HOH HOH C . 
C 3 HOH 112 312 414 HOH HOH C . 
C 3 HOH 113 313 505 HOH HOH C . 
C 3 HOH 114 314 506 HOH HOH C . 
C 3 HOH 115 315 509 HOH HOH C . 
C 3 HOH 116 316 513 HOH HOH C . 
C 3 HOH 117 317 518 HOH HOH C . 
C 3 HOH 118 318 521 HOH HOH C . 
C 3 HOH 119 319 601 HOH HOH C . 
C 3 HOH 120 320 606 HOH HOH C . 
C 3 HOH 121 321 608 HOH HOH C . 
C 3 HOH 122 322 613 HOH HOH C . 
C 3 HOH 123 323 616 HOH HOH C . 
C 3 HOH 124 324 620 HOH HOH C . 
C 3 HOH 125 325 622 HOH HOH C . 
C 3 HOH 126 326 625 HOH HOH C . 
C 3 HOH 127 327 631 HOH HOH C . 
C 3 HOH 128 328 638 HOH HOH C . 
C 3 HOH 129 329 647 HOH HOH C . 
C 3 HOH 130 330 648 HOH HOH C . 
C 3 HOH 131 331 655 HOH HOH C . 
C 3 HOH 132 332 658 HOH HOH C . 
C 3 HOH 133 333 664 HOH HOH C . 
C 3 HOH 134 334 672 HOH HOH C . 
C 3 HOH 135 335 673 HOH HOH C . 
C 3 HOH 136 336 678 HOH HOH C . 
C 3 HOH 137 337 683 HOH HOH C . 
C 3 HOH 138 338 688 HOH HOH C . 
C 3 HOH 139 339 690 HOH HOH C . 
C 3 HOH 140 340 694 HOH HOH C . 
C 3 HOH 141 341 696 HOH HOH C . 
C 3 HOH 142 342 702 HOH HOH C . 
C 3 HOH 143 343 706 HOH HOH C . 
C 3 HOH 144 344 707 HOH HOH C . 
C 3 HOH 145 345 710 HOH HOH C . 
C 3 HOH 146 346 722 HOH HOH C . 
C 3 HOH 147 347 728 HOH HOH C . 
C 3 HOH 148 348 729 HOH HOH C . 
C 3 HOH 149 349 732 HOH HOH C . 
C 3 HOH 150 350 750 HOH HOH C . 
C 3 HOH 151 351 751 HOH HOH C . 
C 3 HOH 152 352 753 HOH HOH C . 
# 
loop_
_pdbx_unobs_or_zero_occ_atoms.id 
_pdbx_unobs_or_zero_occ_atoms.PDB_model_num 
_pdbx_unobs_or_zero_occ_atoms.polymer_flag 
_pdbx_unobs_or_zero_occ_atoms.occupancy_flag 
_pdbx_unobs_or_zero_occ_atoms.auth_asym_id 
_pdbx_unobs_or_zero_occ_atoms.auth_comp_id 
_pdbx_unobs_or_zero_occ_atoms.auth_seq_id 
_pdbx_unobs_or_zero_occ_atoms.PDB_ins_code 
_pdbx_unobs_or_zero_occ_atoms.auth_atom_id 
_pdbx_unobs_or_zero_occ_atoms.label_alt_id 
_pdbx_unobs_or_zero_occ_atoms.label_asym_id 
_pdbx_unobs_or_zero_occ_atoms.label_comp_id 
_pdbx_unobs_or_zero_occ_atoms.label_seq_id 
_pdbx_unobs_or_zero_occ_atoms.label_atom_id 
1 1 Y 1 C GLU 34 ? CG  ? A GLU 34 CG  
2 1 Y 1 C GLU 34 ? CD  ? A GLU 34 CD  
3 1 Y 1 C GLU 34 ? OE1 ? A GLU 34 OE1 
4 1 Y 1 C GLU 34 ? OE2 ? A GLU 34 OE2 
5 1 Y 1 C SER 35 ? OG  ? A SER 35 OG  
# 
loop_
_software.name 
_software.version 
_software.date 
_software.type 
_software.contact_author 
_software.contact_author_email 
_software.classification 
_software.location 
_software.language 
_software.citation_id 
_software.pdbx_ordinal 
REFMAC      .     ?               program 'Murshudov, G.N.' ccp4@dl.ac.uk            refinement        
http://www.ccp4.ac.uk/main.html  Fortran ? 1 
PDB_EXTRACT 1.700 'May. 30, 2005' package PDB               sw-help@rcsb.rutgers.edu 'data extraction' 
http://pdb.rutgers.edu/software/ C++     ? 2 
HKL-2000    .     ?               ?       ?                 ?                        'data reduction'  ? ?       ? 3 
SCALEPACK   .     ?               ?       ?                 ?                        'data scaling'    ? ?       ? 4 
SHARP       .     ?               ?       ?                 ?                        phasing           ? ?       ? 5 
# 
_cell.length_a           55.914 
_cell.length_b           55.914 
_cell.length_c           104.813 
_cell.angle_alpha        90.00 
_cell.angle_beta         90.00 
_cell.angle_gamma        90.00 
_cell.entry_id           2D28 
_cell.pdbx_unique_axis   ? 
_cell.Z_PDB              8 
_cell.length_a_esd       ? 
_cell.length_b_esd       ? 
_cell.length_c_esd       ? 
_cell.angle_alpha_esd    ? 
_cell.angle_beta_esd     ? 
_cell.angle_gamma_esd    ? 
# 
_symmetry.space_group_name_H-M             'P 43 21 2' 
_symmetry.entry_id                         2D28 
_symmetry.pdbx_full_space_group_name_H-M   ? 
_symmetry.Int_Tables_number                96 
_symmetry.cell_setting                     ? 
_symmetry.space_group_name_Hall            ? 
# 
_exptl.entry_id          2D28 
_exptl.crystals_number   1 
_exptl.method            'X-RAY DIFFRACTION' 
# 
_exptl_crystal.id                    1 
_exptl_crystal.density_Matthews      2.56 
_exptl_crystal.density_meas          ? 
_exptl_crystal.density_percent_sol   51.7 
_exptl_crystal.description           ? 
_exptl_crystal.F_000                 ? 
_exptl_crystal.preparation           ? 
# 
_exptl_crystal_grow.crystal_id      1 
_exptl_crystal_grow.method          'VAPOR DIFFUSION, HANGING DROP' 
_exptl_crystal_grow.pH              6.5 
_exptl_crystal_grow.temp            277 
_exptl_crystal_grow.temp_details    ? 
_exptl_crystal_grow.pdbx_details    
'magnesium acetate, sodium cacodylate pH 6.5, PEG400, VAPOR DIFFUSION, HANGING DROP, temperature 277K' 
_exptl_crystal_grow.pdbx_pH_range   . 
# 
_diffrn.id                     1 
_diffrn.ambient_temp           100 
_diffrn.ambient_temp_details   ? 
_diffrn.crystal_id             1 
# 
_diffrn_detector.diffrn_id              1 
_diffrn_detector.detector               CCD 
_diffrn_detector.type                   'ADSC QUANTUM 4' 
_diffrn_detector.pdbx_collection_date   2004-02-11 
_diffrn_detector.details                ? 
# 
_diffrn_radiation.diffrn_id                        1 
_diffrn_radiation.wavelength_id                    1 
_diffrn_radiation.pdbx_diffrn_protocol             MAD 
_diffrn_radiation.monochromator                    ? 
_diffrn_radiation.pdbx_monochromatic_or_laue_m_l   M 
_diffrn_radiation.pdbx_scattering_type             x-ray 
# 
loop_
_diffrn_radiation_wavelength.id 
_diffrn_radiation_wavelength.wavelength 
_diffrn_radiation_wavelength.wt 
1 0.9537  1.0 
2 0.97990 1.0 
3 0.97980 1.0 
# 
_diffrn_source.diffrn_id                   1 
_diffrn_source.source                      SYNCHROTRON 
_diffrn_source.type                        'SPRING-8 BEAMLINE BL12B2' 
_diffrn_source.pdbx_wavelength             ? 
_diffrn_source.pdbx_wavelength_list        '0.9537, 0.97990, 0.97980' 
_diffrn_source.pdbx_synchrotron_site       SPring-8 
_diffrn_source.pdbx_synchrotron_beamline   BL12B2 
# 
_reflns.entry_id                     2D28 
_reflns.observed_criterion_sigma_F   2.0 
_reflns.observed_criterion_sigma_I   2.0 
_reflns.d_resolution_high            2.0 
_reflns.d_resolution_low             28.0 
_reflns.number_all                   ? 
_reflns.number_obs                   12460 
_reflns.percent_possible_obs         99.4 
_reflns.pdbx_Rmerge_I_obs            0.045 
_reflns.pdbx_Rsym_value              ? 
_reflns.pdbx_netI_over_sigmaI        ? 
_reflns.B_iso_Wilson_estimate        ? 
_reflns.pdbx_redundancy              ? 
_reflns.R_free_details               ? 
_reflns.limit_h_max                  ? 
_reflns.limit_h_min                  ? 
_reflns.limit_k_max                  ? 
_reflns.limit_k_min                  ? 
_reflns.limit_l_max                  ? 
_reflns.limit_l_min                  ? 
_reflns.observed_criterion_F_max     ? 
_reflns.observed_criterion_F_min     ? 
_reflns.pdbx_chi_squared             ? 
_reflns.pdbx_scaling_rejects         ? 
_reflns.pdbx_ordinal                 1 
_reflns.pdbx_diffrn_id               1 
# 
_reflns_shell.d_res_high             2.0 
_reflns_shell.d_res_low              2.07 
_reflns_shell.percent_possible_obs   ? 
_reflns_shell.percent_possible_all   100 
_reflns_shell.Rmerge_I_obs           0.09 
_reflns_shell.meanI_over_sigI_obs    ? 
_reflns_shell.pdbx_Rsym_value        ? 
_reflns_shell.pdbx_redundancy        ? 
_reflns_shell.number_unique_all      1161 
_reflns_shell.number_measured_all    ? 
_reflns_shell.number_measured_obs    ? 
_reflns_shell.number_unique_obs      ? 
_reflns_shell.pdbx_chi_squared       ? 
_reflns_shell.pdbx_ordinal           1 
_reflns_shell.pdbx_diffrn_id         1 
# 
_refine.ls_d_res_high                            2.000 
_refine.ls_d_res_low                             28.000 
_refine.pdbx_ls_sigma_F                          0.00 
_refine.ls_percent_reflns_obs                    99.550 
_refine.ls_number_reflns_obs                     11783 
_refine.pdbx_ls_cross_valid_method               THROUGHOUT 
_refine.pdbx_R_Free_selection_details            RANDOM 
_refine.details                                  'HYDROGENS HAVE BEEN ADDED IN THE RIDING POSITIONS' 
_refine.ls_R_factor_all                          0.192 
_refine.ls_R_factor_R_work                       0.189 
_refine.ls_R_factor_R_free                       0.252 
_refine.ls_percent_reflns_R_free                 4.800 
_refine.ls_number_reflns_R_free                  570 
_refine.B_iso_mean                               21.385 
_refine.aniso_B[1][1]                            0.280 
_refine.aniso_B[2][2]                            0.280 
_refine.aniso_B[3][3]                            -0.560 
_refine.aniso_B[1][2]                            0.000 
_refine.aniso_B[1][3]                            0.000 
_refine.aniso_B[2][3]                            0.000 
_refine.correlation_coeff_Fo_to_Fc               0.935 
_refine.correlation_coeff_Fo_to_Fc_free          0.902 
_refine.pdbx_overall_ESU_R                       0.178 
_refine.pdbx_overall_ESU_R_Free                  0.174 
_refine.overall_SU_ML                            0.098 
_refine.overall_SU_B                             3.280 
_refine.solvent_model_details                    'BABINET MODEL WITH MASK' 
_refine.pdbx_solvent_vdw_probe_radii             1.400 
_refine.pdbx_solvent_ion_probe_radii             0.800 
_refine.pdbx_solvent_shrinkage_radii             0.800 
_refine.pdbx_stereochemistry_target_values       'MAXIMUM LIKELIHOOD' 
_refine.entry_id                                 2D28 
_refine.pdbx_ls_sigma_I                          ? 
_refine.ls_number_reflns_all                     12460 
_refine.ls_R_factor_obs                          0.192 
_refine.ls_redundancy_reflns_obs                 ? 
_refine.pdbx_data_cutoff_high_absF               ? 
_refine.pdbx_data_cutoff_low_absF                ? 
_refine.ls_number_parameters                     ? 
_refine.ls_number_restraints                     ? 
_refine.ls_R_factor_R_free_error                 ? 
_refine.ls_R_factor_R_free_error_details         ? 
_refine.pdbx_method_to_determine_struct          MAD 
_refine.pdbx_starting_model                      ? 
_refine.pdbx_stereochem_target_val_spec_case     ? 
_refine.solvent_model_param_bsol                 ? 
_refine.solvent_model_param_ksol                 ? 
_refine.occupancy_max                            ? 
_refine.occupancy_min                            ? 
_refine.pdbx_isotropic_thermal_model             ? 
_refine.B_iso_min                                ? 
_refine.B_iso_max                                ? 
_refine.overall_SU_R_Cruickshank_DPI             ? 
_refine.overall_SU_R_free                        ? 
_refine.pdbx_data_cutoff_high_rms_absF           ? 
_refine.ls_wR_factor_R_free                      ? 
_refine.ls_wR_factor_R_work                      ? 
_refine.overall_FOM_free_R_set                   ? 
_refine.overall_FOM_work_R_set                   ? 
_refine.pdbx_refine_id                           'X-RAY DIFFRACTION' 
_refine.pdbx_diffrn_id                           1 
_refine.pdbx_TLS_residual_ADP_flag               ? 
_refine.pdbx_overall_phase_error                 ? 
_refine.pdbx_overall_SU_R_free_Cruickshank_DPI   ? 
_refine.pdbx_overall_SU_R_Blow_DPI               ? 
_refine.pdbx_overall_SU_R_free_Blow_DPI          ? 
# 
_refine_hist.pdbx_refine_id                   'X-RAY DIFFRACTION' 
_refine_hist.cycle_id                         LAST 
_refine_hist.pdbx_number_atoms_protein        1136 
_refine_hist.pdbx_number_atoms_nucleic_acid   0 
_refine_hist.pdbx_number_atoms_ligand         5 
_refine_hist.number_atoms_solvent             152 
_refine_hist.number_atoms_total               1293 
_refine_hist.d_res_high                       2.000 
_refine_hist.d_res_low                        28.000 
# 
loop_
_refine_ls_restr.type 
_refine_ls_restr.number 
_refine_ls_restr.dev_ideal 
_refine_ls_restr.dev_ideal_target 
_refine_ls_restr.weight 
_refine_ls_restr.pdbx_refine_id 
_refine_ls_restr.pdbx_restraint_function 
r_bond_refined_d         1155 0.022  0.021 ? 'X-RAY DIFFRACTION' ? 
r_bond_other_d           1122 0.003  0.020 ? 'X-RAY DIFFRACTION' ? 
r_angle_refined_deg      1560 2.175  2.000 ? 'X-RAY DIFFRACTION' ? 
r_angle_other_deg        2577 1.035  3.000 ? 'X-RAY DIFFRACTION' ? 
r_dihedral_angle_1_deg   141  10.273 5.000 ? 'X-RAY DIFFRACTION' ? 
r_chiral_restr           178  0.112  0.200 ? 'X-RAY DIFFRACTION' ? 
r_gen_planes_refined     1269 0.013  0.020 ? 'X-RAY DIFFRACTION' ? 
r_gen_planes_other       237  0.015  0.020 ? 'X-RAY DIFFRACTION' ? 
r_nbd_refined            282  0.266  0.200 ? 'X-RAY DIFFRACTION' ? 
r_nbd_other              1308 0.264  0.200 ? 'X-RAY DIFFRACTION' ? 
r_nbtor_other            730  0.091  0.200 ? 'X-RAY DIFFRACTION' ? 
r_xyhbond_nbd_refined    98   0.171  0.200 ? 'X-RAY DIFFRACTION' ? 
r_symmetry_vdw_refined   8    0.379  0.200 ? 'X-RAY DIFFRACTION' ? 
r_symmetry_vdw_other     73   0.342  0.200 ? 'X-RAY DIFFRACTION' ? 
r_symmetry_hbond_refined 28   0.196  0.200 ? 'X-RAY DIFFRACTION' ? 
r_mcbond_it              711  1.428  1.500 ? 'X-RAY DIFFRACTION' ? 
r_mcangle_it             1131 2.507  2.000 ? 'X-RAY DIFFRACTION' ? 
r_scbond_it              444  3.657  3.000 ? 'X-RAY DIFFRACTION' ? 
r_scangle_it             429  5.550  4.500 ? 'X-RAY DIFFRACTION' ? 
# 
_refine_ls_shell.d_res_high                       2.000 
_refine_ls_shell.d_res_low                        2.052 
_refine_ls_shell.pdbx_total_number_of_bins_used   20 
_refine_ls_shell.percent_reflns_obs               ? 
_refine_ls_shell.number_reflns_R_work             807 
_refine_ls_shell.R_factor_R_work                  0.15 
_refine_ls_shell.R_factor_R_free                  0.289 
_refine_ls_shell.percent_reflns_R_free            ? 
_refine_ls_shell.number_reflns_R_free             49 
_refine_ls_shell.R_factor_R_free_error            ? 
_refine_ls_shell.number_reflns_all                856 
_refine_ls_shell.number_reflns_obs                ? 
_refine_ls_shell.redundancy_reflns_obs            ? 
_refine_ls_shell.R_factor_all                     ? 
_refine_ls_shell.pdbx_refine_id                   'X-RAY DIFFRACTION' 
# 
_struct.entry_id                  2D28 
_struct.title                     'Structure of the N-terminal domain of XpsE (crystal form P43212)' 
_struct.pdbx_model_details        ? 
_struct.pdbx_CASP_flag            ? 
_struct.pdbx_model_type_details   ? 
# 
_struct_keywords.entry_id        2D28 
_struct_keywords.pdbx_keywords   'PROTEIN TRANSPORT' 
_struct_keywords.text            'alpha-beta sandwich, PROTEIN TRANSPORT' 
# 
loop_
_struct_asym.id 
_struct_asym.pdbx_blank_PDB_chainid_flag 
_struct_asym.pdbx_modified 
_struct_asym.entity_id 
_struct_asym.details 
A N N 1 ? 
B N N 2 ? 
C N N 3 ? 
# 
_struct_ref.id                         1 
_struct_ref.db_name                    UNP 
_struct_ref.db_code                    GSPE_XANCP 
_struct_ref.pdbx_db_accession          P31742 
_struct_ref.entity_id                  1 
_struct_ref.pdbx_seq_one_letter_code   
;MEQRSAETRIVEALLERRRLKDTDLLRARQLQAESGMGLLALLGRLGLVSERDHAETCAEVLGLPLVDARQLGDTPPEML
PEVQGLSLRFLKQFHLCPVGERDGRLDLWIADPYDDYAIDAVRLATGLPLLLHVGLRSEIDDLIERWYG
;
_struct_ref.pdbx_align_begin           1 
_struct_ref.pdbx_db_isoform            ? 
# 
_struct_ref_seq.align_id                      1 
_struct_ref_seq.ref_id                        1 
_struct_ref_seq.pdbx_PDB_id_code              2D28 
_struct_ref_seq.pdbx_strand_id                C 
_struct_ref_seq.seq_align_beg                 1 
_struct_ref_seq.pdbx_seq_align_beg_ins_code   ? 
_struct_ref_seq.seq_align_end                 149 
_struct_ref_seq.pdbx_seq_align_end_ins_code   ? 
_struct_ref_seq.pdbx_db_accession             P31742 
_struct_ref_seq.db_align_beg                  1 
_struct_ref_seq.pdbx_db_align_beg_ins_code    ? 
_struct_ref_seq.db_align_end                  149 
_struct_ref_seq.pdbx_db_align_end_ins_code    ? 
_struct_ref_seq.pdbx_auth_seq_align_beg       1 
_struct_ref_seq.pdbx_auth_seq_align_end       149 
# 
loop_
_struct_ref_seq_dif.align_id 
_struct_ref_seq_dif.pdbx_pdb_id_code 
_struct_ref_seq_dif.mon_id 
_struct_ref_seq_dif.pdbx_pdb_strand_id 
_struct_ref_seq_dif.seq_num 
_struct_ref_seq_dif.pdbx_pdb_ins_code 
_struct_ref_seq_dif.pdbx_seq_db_name 
_struct_ref_seq_dif.pdbx_seq_db_accession_code 
_struct_ref_seq_dif.db_mon_id 
_struct_ref_seq_dif.pdbx_seq_db_seq_num 
_struct_ref_seq_dif.details 
_struct_ref_seq_dif.pdbx_auth_seq_num 
_struct_ref_seq_dif.pdbx_ordinal 
1 2D28 MSE C 1  ? UNP P31742 MET 1  'modified residue'    1  1 
1 2D28 VAL C 26 ? UNP P31742 LEU 26 'engineered mutation' 26 2 
1 2D28 MSE C 37 ? UNP P31742 MET 37 'modified residue'    37 3 
1 2D28 MSE C 79 ? UNP P31742 MET 79 'modified residue'    79 4 
# 
_pdbx_struct_assembly.id                   1 
_pdbx_struct_assembly.details              author_defined_assembly 
_pdbx_struct_assembly.method_details       ? 
_pdbx_struct_assembly.oligomeric_details   monomeric 
_pdbx_struct_assembly.oligomeric_count     1 
# 
_pdbx_struct_assembly_gen.assembly_id       1 
_pdbx_struct_assembly_gen.oper_expression   1 
_pdbx_struct_assembly_gen.asym_id_list      A,B,C 
# 
_pdbx_struct_oper_list.id                   1 
_pdbx_struct_oper_list.type                 'identity operation' 
_pdbx_struct_oper_list.name                 1_555 
_pdbx_struct_oper_list.symmetry_operation   x,y,z 
_pdbx_struct_oper_list.matrix[1][1]         1.0000000000 
_pdbx_struct_oper_list.matrix[1][2]         0.0000000000 
_pdbx_struct_oper_list.matrix[1][3]         0.0000000000 
_pdbx_struct_oper_list.vector[1]            0.0000000000 
_pdbx_struct_oper_list.matrix[2][1]         0.0000000000 
_pdbx_struct_oper_list.matrix[2][2]         1.0000000000 
_pdbx_struct_oper_list.matrix[2][3]         0.0000000000 
_pdbx_struct_oper_list.vector[2]            0.0000000000 
_pdbx_struct_oper_list.matrix[3][1]         0.0000000000 
_pdbx_struct_oper_list.matrix[3][2]         0.0000000000 
_pdbx_struct_oper_list.matrix[3][3]         1.0000000000 
_pdbx_struct_oper_list.vector[3]            0.0000000000 
# 
_struct_biol.id                    1 
_struct_biol.pdbx_parent_biol_id   ? 
_struct_biol.details               ? 
# 
loop_
_struct_conf.conf_type_id 
_struct_conf.id 
_struct_conf.pdbx_PDB_helix_id 
_struct_conf.beg_label_comp_id 
_struct_conf.beg_label_asym_id 
_struct_conf.beg_label_seq_id 
_struct_conf.pdbx_beg_PDB_ins_code 
_struct_conf.end_label_comp_id 
_struct_conf.end_label_asym_id 
_struct_conf.end_label_seq_id 
_struct_conf.pdbx_end_PDB_ins_code 
_struct_conf.beg_auth_comp_id 
_struct_conf.beg_auth_asym_id 
_struct_conf.beg_auth_seq_id 
_struct_conf.end_auth_comp_id 
_struct_conf.end_auth_asym_id 
_struct_conf.end_auth_seq_id 
_struct_conf.pdbx_PDB_helix_class 
_struct_conf.details 
_struct_conf.pdbx_PDB_helix_length 
HELX_P HELX_P1 1 SER A 5   ? ARG A 17  ? SER C 5   ARG C 17  1 ? 13 
HELX_P HELX_P2 2 LYS A 21  ? ALA A 28  ? LYS C 21  ALA C 28  1 ? 8  
HELX_P HELX_P3 3 GLY A 38  ? LEU A 46  ? GLY C 38  LEU C 46  1 ? 9  
HELX_P HELX_P4 4 SER A 50  ? GLY A 63  ? SER C 50  GLY C 63  1 ? 14 
HELX_P HELX_P5 5 ASP A 68  ? LEU A 72  ? ASP C 68  LEU C 72  5 ? 5  
HELX_P HELX_P6 6 SER A 87  ? HIS A 95  ? SER C 87  HIS C 95  1 ? 9  
HELX_P HELX_P7 7 ASP A 115 ? GLY A 127 ? ASP C 115 GLY C 127 1 ? 13 
HELX_P HELX_P8 8 LEU A 136 ? TYR A 148 ? LEU C 136 TYR C 148 1 ? 13 
# 
_struct_conf_type.id          HELX_P 
_struct_conf_type.criteria    ? 
_struct_conf_type.reference   ? 
# 
loop_
_struct_conn.id 
_struct_conn.conn_type_id 
_struct_conn.pdbx_leaving_atom_flag 
_struct_conn.pdbx_PDB_id 
_struct_conn.ptnr1_label_asym_id 
_struct_conn.ptnr1_label_comp_id 
_struct_conn.ptnr1_label_seq_id 
_struct_conn.ptnr1_label_atom_id 
_struct_conn.pdbx_ptnr1_label_alt_id 
_struct_conn.pdbx_ptnr1_PDB_ins_code 
_struct_conn.pdbx_ptnr1_standard_comp_id 
_struct_conn.ptnr1_symmetry 
_struct_conn.ptnr2_label_asym_id 
_struct_conn.ptnr2_label_comp_id 
_struct_conn.ptnr2_label_seq_id 
_struct_conn.ptnr2_label_atom_id 
_struct_conn.pdbx_ptnr2_label_alt_id 
_struct_conn.pdbx_ptnr2_PDB_ins_code 
_struct_conn.ptnr1_auth_asym_id 
_struct_conn.ptnr1_auth_comp_id 
_struct_conn.ptnr1_auth_seq_id 
_struct_conn.ptnr2_auth_asym_id 
_struct_conn.ptnr2_auth_comp_id 
_struct_conn.ptnr2_auth_seq_id 
_struct_conn.ptnr2_symmetry 
_struct_conn.pdbx_ptnr3_label_atom_id 
_struct_conn.pdbx_ptnr3_label_seq_id 
_struct_conn.pdbx_ptnr3_label_comp_id 
_struct_conn.pdbx_ptnr3_label_asym_id 
_struct_conn.pdbx_ptnr3_label_alt_id 
_struct_conn.pdbx_ptnr3_PDB_ins_code 
_struct_conn.details 
_struct_conn.pdbx_dist_value 
_struct_conn.pdbx_value_order 
_struct_conn.pdbx_role 
covale1 covale both ? A MSE 1  C ? ? ? 1_555 A GLU 2  N ? ? C MSE 1  C GLU 2  1_555 ? ? ? ? ? ? ? 1.327 ? ? 
covale2 covale both ? A GLY 36 C ? ? ? 1_555 A MSE 37 N ? ? C GLY 36 C MSE 37 1_555 ? ? ? ? ? ? ? 1.325 ? ? 
covale3 covale both ? A MSE 37 C ? ? ? 1_555 A GLY 38 N ? ? C MSE 37 C GLY 38 1_555 ? ? ? ? ? ? ? 1.324 ? ? 
covale4 covale both ? A GLU 78 C ? ? ? 1_555 A MSE 79 N ? ? C GLU 78 C MSE 79 1_555 ? ? ? ? ? ? ? 1.330 ? ? 
# 
_struct_conn_type.id          covale 
_struct_conn_type.criteria    ? 
_struct_conn_type.reference   ? 
# 
loop_
_pdbx_modification_feature.ordinal 
_pdbx_modification_feature.label_comp_id 
_pdbx_modification_feature.label_asym_id 
_pdbx_modification_feature.label_seq_id 
_pdbx_modification_feature.label_alt_id 
_pdbx_modification_feature.modified_residue_label_comp_id 
_pdbx_modification_feature.modified_residue_label_asym_id 
_pdbx_modification_feature.modified_residue_label_seq_id 
_pdbx_modification_feature.modified_residue_label_alt_id 
_pdbx_modification_feature.auth_comp_id 
_pdbx_modification_feature.auth_asym_id 
_pdbx_modification_feature.auth_seq_id 
_pdbx_modification_feature.PDB_ins_code 
_pdbx_modification_feature.symmetry 
_pdbx_modification_feature.modified_residue_auth_comp_id 
_pdbx_modification_feature.modified_residue_auth_asym_id 
_pdbx_modification_feature.modified_residue_auth_seq_id 
_pdbx_modification_feature.modified_residue_PDB_ins_code 
_pdbx_modification_feature.modified_residue_symmetry 
_pdbx_modification_feature.comp_id_linking_atom 
_pdbx_modification_feature.modified_residue_id_linking_atom 
_pdbx_modification_feature.modified_residue_id 
_pdbx_modification_feature.ref_pcm_id 
_pdbx_modification_feature.ref_comp_id 
_pdbx_modification_feature.type 
_pdbx_modification_feature.category 
1 MSE A 1  ? . . . . MSE C 1  ? 1_555 . . . . . . . MET 1 MSE Selenomethionine 'Named protein modification' 
2 MSE A 37 ? . . . . MSE C 37 ? 1_555 . . . . . . . MET 1 MSE Selenomethionine 'Named protein modification' 
3 MSE A 79 ? . . . . MSE C 79 ? 1_555 . . . . . . . MET 1 MSE Selenomethionine 'Named protein modification' 
# 
_struct_sheet.id               A 
_struct_sheet.type             ? 
_struct_sheet.number_strands   3 
_struct_sheet.details          ? 
# 
loop_
_struct_sheet_order.sheet_id 
_struct_sheet_order.range_id_1 
_struct_sheet_order.range_id_2 
_struct_sheet_order.offset 
_struct_sheet_order.sense 
A 1 2 ? anti-parallel 
A 2 3 ? parallel      
# 
loop_
_struct_sheet_range.sheet_id 
_struct_sheet_range.id 
_struct_sheet_range.beg_label_comp_id 
_struct_sheet_range.beg_label_asym_id 
_struct_sheet_range.beg_label_seq_id 
_struct_sheet_range.pdbx_beg_PDB_ins_code 
_struct_sheet_range.end_label_comp_id 
_struct_sheet_range.end_label_asym_id 
_struct_sheet_range.end_label_seq_id 
_struct_sheet_range.pdbx_end_PDB_ins_code 
_struct_sheet_range.beg_auth_comp_id 
_struct_sheet_range.beg_auth_asym_id 
_struct_sheet_range.beg_auth_seq_id 
_struct_sheet_range.end_auth_comp_id 
_struct_sheet_range.end_auth_asym_id 
_struct_sheet_range.end_auth_seq_id 
A 1 LEU A 96  ? ARG A 102 ? LEU C 96  ARG C 102 
A 2 ARG A 105 ? ILE A 110 ? ARG C 105 ILE C 110 
A 3 LEU A 130 ? VAL A 134 ? LEU C 130 VAL C 134 
# 
loop_
_pdbx_struct_sheet_hbond.sheet_id 
_pdbx_struct_sheet_hbond.range_id_1 
_pdbx_struct_sheet_hbond.range_id_2 
_pdbx_struct_sheet_hbond.range_1_label_atom_id 
_pdbx_struct_sheet_hbond.range_1_label_comp_id 
_pdbx_struct_sheet_hbond.range_1_label_asym_id 
_pdbx_struct_sheet_hbond.range_1_label_seq_id 
_pdbx_struct_sheet_hbond.range_1_PDB_ins_code 
_pdbx_struct_sheet_hbond.range_1_auth_atom_id 
_pdbx_struct_sheet_hbond.range_1_auth_comp_id 
_pdbx_struct_sheet_hbond.range_1_auth_asym_id 
_pdbx_struct_sheet_hbond.range_1_auth_seq_id 
_pdbx_struct_sheet_hbond.range_2_label_atom_id 
_pdbx_struct_sheet_hbond.range_2_label_comp_id 
_pdbx_struct_sheet_hbond.range_2_label_asym_id 
_pdbx_struct_sheet_hbond.range_2_label_seq_id 
_pdbx_struct_sheet_hbond.range_2_PDB_ins_code 
_pdbx_struct_sheet_hbond.range_2_auth_atom_id 
_pdbx_struct_sheet_hbond.range_2_auth_comp_id 
_pdbx_struct_sheet_hbond.range_2_auth_asym_id 
_pdbx_struct_sheet_hbond.range_2_auth_seq_id 
A 1 2 N VAL A 99  ? N VAL C 99  O ASP A 107 ? O ASP C 107 
A 2 3 N ILE A 110 ? N ILE C 110 O HIS A 133 ? O HIS C 133 
# 
_struct_site.id                   AC1 
_struct_site.pdbx_evidence_code   Software 
_struct_site.pdbx_auth_asym_id    C 
_struct_site.pdbx_auth_comp_id    CAC 
_struct_site.pdbx_auth_seq_id     200 
_struct_site.pdbx_auth_ins_code   ? 
_struct_site.pdbx_num_residues    8 
_struct_site.details              'BINDING SITE FOR RESIDUE CAC C 200' 
# 
loop_
_struct_site_gen.id 
_struct_site_gen.site_id 
_struct_site_gen.pdbx_num_res 
_struct_site_gen.label_comp_id 
_struct_site_gen.label_asym_id 
_struct_site_gen.label_seq_id 
_struct_site_gen.pdbx_auth_ins_code 
_struct_site_gen.auth_comp_id 
_struct_site_gen.auth_asym_id 
_struct_site_gen.auth_seq_id 
_struct_site_gen.label_atom_id 
_struct_site_gen.label_alt_id 
_struct_site_gen.symmetry 
_struct_site_gen.details 
1 AC1 8 GLU A 78  ? GLU C 78  . ? 1_555 ? 
2 AC1 8 MSE A 79  ? MSE C 79  . ? 1_555 ? 
3 AC1 8 VAL A 83  ? VAL C 83  . ? 1_555 ? 
4 AC1 8 PRO A 98  ? PRO C 98  . ? 1_555 ? 
5 AC1 8 VAL A 99  ? VAL C 99  . ? 1_555 ? 
6 AC1 8 GLY A 100 ? GLY C 100 . ? 1_555 ? 
7 AC1 8 GLU A 101 ? GLU C 101 . ? 1_555 ? 
8 AC1 8 LEU A 106 ? LEU C 106 . ? 1_555 ? 
# 
_pdbx_entry_details.entry_id                   2D28 
_pdbx_entry_details.compound_details           ? 
_pdbx_entry_details.source_details             ? 
_pdbx_entry_details.nonpolymer_details         ? 
_pdbx_entry_details.sequence_details           ? 
_pdbx_entry_details.has_ligand_of_interest     ? 
_pdbx_entry_details.has_protein_modification   Y 
# 
loop_
_pdbx_validate_close_contact.id 
_pdbx_validate_close_contact.PDB_model_num 
_pdbx_validate_close_contact.auth_atom_id_1 
_pdbx_validate_close_contact.auth_asym_id_1 
_pdbx_validate_close_contact.auth_comp_id_1 
_pdbx_validate_close_contact.auth_seq_id_1 
_pdbx_validate_close_contact.PDB_ins_code_1 
_pdbx_validate_close_contact.label_alt_id_1 
_pdbx_validate_close_contact.auth_atom_id_2 
_pdbx_validate_close_contact.auth_asym_id_2 
_pdbx_validate_close_contact.auth_comp_id_2 
_pdbx_validate_close_contact.auth_seq_id_2 
_pdbx_validate_close_contact.PDB_ins_code_2 
_pdbx_validate_close_contact.label_alt_id_2 
_pdbx_validate_close_contact.dist 
1 1 O C ARG 29  ? ? O C GLN 30  ? ? 1.80 
2 1 O C GLU 145 ? ? O C TYR 148 ? ? 2.12 
# 
loop_
_pdbx_validate_rmsd_angle.id 
_pdbx_validate_rmsd_angle.PDB_model_num 
_pdbx_validate_rmsd_angle.auth_atom_id_1 
_pdbx_validate_rmsd_angle.auth_asym_id_1 
_pdbx_validate_rmsd_angle.auth_comp_id_1 
_pdbx_validate_rmsd_angle.auth_seq_id_1 
_pdbx_validate_rmsd_angle.PDB_ins_code_1 
_pdbx_validate_rmsd_angle.label_alt_id_1 
_pdbx_validate_rmsd_angle.auth_atom_id_2 
_pdbx_validate_rmsd_angle.auth_asym_id_2 
_pdbx_validate_rmsd_angle.auth_comp_id_2 
_pdbx_validate_rmsd_angle.auth_seq_id_2 
_pdbx_validate_rmsd_angle.PDB_ins_code_2 
_pdbx_validate_rmsd_angle.label_alt_id_2 
_pdbx_validate_rmsd_angle.auth_atom_id_3 
_pdbx_validate_rmsd_angle.auth_asym_id_3 
_pdbx_validate_rmsd_angle.auth_comp_id_3 
_pdbx_validate_rmsd_angle.auth_seq_id_3 
_pdbx_validate_rmsd_angle.PDB_ins_code_3 
_pdbx_validate_rmsd_angle.label_alt_id_3 
_pdbx_validate_rmsd_angle.angle_value 
_pdbx_validate_rmsd_angle.angle_target_value 
_pdbx_validate_rmsd_angle.angle_deviation 
_pdbx_validate_rmsd_angle.angle_standard_deviation 
_pdbx_validate_rmsd_angle.linker_flag 
1 1 CD C ARG 9   ? ? NE C ARG 9   ? ? CZ  C ARG 9   ? ? 135.26 123.60 11.66  1.40 N 
2 1 NE C ARG 9   ? ? CZ C ARG 9   ? ? NH1 C ARG 9   ? ? 131.04 120.30 10.74  0.50 N 
3 1 NE C ARG 9   ? ? CZ C ARG 9   ? ? NH2 C ARG 9   ? ? 109.65 120.30 -10.65 0.50 N 
4 1 N  C GLY 36  ? ? CA C GLY 36  ? ? C   C GLY 36  ? ? 97.10  113.10 -16.00 2.50 N 
5 1 NE C ARG 123 ? ? CZ C ARG 123 ? ? NH1 C ARG 123 ? ? 123.62 120.30 3.32   0.50 N 
6 1 NE C ARG 123 ? ? CZ C ARG 123 ? ? NH2 C ARG 123 ? ? 117.15 120.30 -3.15  0.50 N 
7 1 NE C ARG 146 ? ? CZ C ARG 146 ? ? NH2 C ARG 146 ? ? 116.94 120.30 -3.36  0.50 N 
# 
loop_
_pdbx_validate_torsion.id 
_pdbx_validate_torsion.PDB_model_num 
_pdbx_validate_torsion.auth_comp_id 
_pdbx_validate_torsion.auth_asym_id 
_pdbx_validate_torsion.auth_seq_id 
_pdbx_validate_torsion.PDB_ins_code 
_pdbx_validate_torsion.label_alt_id 
_pdbx_validate_torsion.phi 
_pdbx_validate_torsion.psi 
1 1 ARG C 29 ? ? 176.18  97.15  
2 1 MSE C 37 ? ? 79.70   108.22 
3 1 GLU C 78 ? ? 169.70  -71.38 
4 1 VAL C 83 ? ? -177.76 118.14 
# 
loop_
_pdbx_validate_peptide_omega.id 
_pdbx_validate_peptide_omega.PDB_model_num 
_pdbx_validate_peptide_omega.auth_comp_id_1 
_pdbx_validate_peptide_omega.auth_asym_id_1 
_pdbx_validate_peptide_omega.auth_seq_id_1 
_pdbx_validate_peptide_omega.PDB_ins_code_1 
_pdbx_validate_peptide_omega.label_alt_id_1 
_pdbx_validate_peptide_omega.auth_comp_id_2 
_pdbx_validate_peptide_omega.auth_asym_id_2 
_pdbx_validate_peptide_omega.auth_seq_id_2 
_pdbx_validate_peptide_omega.PDB_ins_code_2 
_pdbx_validate_peptide_omega.label_alt_id_2 
_pdbx_validate_peptide_omega.omega 
1 1 MSE C 1  ? ? GLU C 2  ? ? 135.12 
2 1 SER C 35 ? ? GLY C 36 ? ? 130.04 
3 1 GLY C 36 ? ? MSE C 37 ? ? 146.70 
4 1 GLU C 82 ? ? VAL C 83 ? ? 120.72 
# 
loop_
_pdbx_struct_mod_residue.id 
_pdbx_struct_mod_residue.label_asym_id 
_pdbx_struct_mod_residue.label_comp_id 
_pdbx_struct_mod_residue.label_seq_id 
_pdbx_struct_mod_residue.auth_asym_id 
_pdbx_struct_mod_residue.auth_comp_id 
_pdbx_struct_mod_residue.auth_seq_id 
_pdbx_struct_mod_residue.PDB_ins_code 
_pdbx_struct_mod_residue.parent_comp_id 
_pdbx_struct_mod_residue.details 
1 A MSE 1  C MSE 1  ? MET SELENOMETHIONINE 
2 A MSE 37 C MSE 37 ? MET SELENOMETHIONINE 
3 A MSE 79 C MSE 79 ? MET SELENOMETHIONINE 
# 
loop_
_pdbx_unobs_or_zero_occ_residues.id 
_pdbx_unobs_or_zero_occ_residues.PDB_model_num 
_pdbx_unobs_or_zero_occ_residues.polymer_flag 
_pdbx_unobs_or_zero_occ_residues.occupancy_flag 
_pdbx_unobs_or_zero_occ_residues.auth_asym_id 
_pdbx_unobs_or_zero_occ_residues.auth_comp_id 
_pdbx_unobs_or_zero_occ_residues.auth_seq_id 
_pdbx_unobs_or_zero_occ_residues.PDB_ins_code 
_pdbx_unobs_or_zero_occ_residues.label_asym_id 
_pdbx_unobs_or_zero_occ_residues.label_comp_id 
_pdbx_unobs_or_zero_occ_residues.label_seq_id 
1 1 Y 1 C LEU 31 ? A LEU 31 
2 1 Y 1 C GLN 32 ? A GLN 32 
3 1 Y 1 C ALA 33 ? A ALA 33 
4 1 Y 1 C LEU 80 ? A LEU 80 
5 1 Y 1 C PRO 81 ? A PRO 81 
# 
loop_
_chem_comp_atom.comp_id 
_chem_comp_atom.atom_id 
_chem_comp_atom.type_symbol 
_chem_comp_atom.pdbx_aromatic_flag 
_chem_comp_atom.pdbx_stereo_config 
_chem_comp_atom.pdbx_ordinal 
ALA N    N  N N 1   
ALA CA   C  N S 2   
ALA C    C  N N 3   
ALA O    O  N N 4   
ALA CB   C  N N 5   
ALA OXT  O  N N 6   
ALA H    H  N N 7   
ALA H2   H  N N 8   
ALA HA   H  N N 9   
ALA HB1  H  N N 10  
ALA HB2  H  N N 11  
ALA HB3  H  N N 12  
ALA HXT  H  N N 13  
ARG N    N  N N 14  
ARG CA   C  N S 15  
ARG C    C  N N 16  
ARG O    O  N N 17  
ARG CB   C  N N 18  
ARG CG   C  N N 19  
ARG CD   C  N N 20  
ARG NE   N  N N 21  
ARG CZ   C  N N 22  
ARG NH1  N  N N 23  
ARG NH2  N  N N 24  
ARG OXT  O  N N 25  
ARG H    H  N N 26  
ARG H2   H  N N 27  
ARG HA   H  N N 28  
ARG HB2  H  N N 29  
ARG HB3  H  N N 30  
ARG HG2  H  N N 31  
ARG HG3  H  N N 32  
ARG HD2  H  N N 33  
ARG HD3  H  N N 34  
ARG HE   H  N N 35  
ARG HH11 H  N N 36  
ARG HH12 H  N N 37  
ARG HH21 H  N N 38  
ARG HH22 H  N N 39  
ARG HXT  H  N N 40  
ASP N    N  N N 41  
ASP CA   C  N S 42  
ASP C    C  N N 43  
ASP O    O  N N 44  
ASP CB   C  N N 45  
ASP CG   C  N N 46  
ASP OD1  O  N N 47  
ASP OD2  O  N N 48  
ASP OXT  O  N N 49  
ASP H    H  N N 50  
ASP H2   H  N N 51  
ASP HA   H  N N 52  
ASP HB2  H  N N 53  
ASP HB3  H  N N 54  
ASP HD2  H  N N 55  
ASP HXT  H  N N 56  
CAC AS   AS N N 57  
CAC O1   O  N N 58  
CAC O2   O  N N 59  
CAC C1   C  N N 60  
CAC C2   C  N N 61  
CAC H11  H  N N 62  
CAC H12  H  N N 63  
CAC H13  H  N N 64  
CAC H21  H  N N 65  
CAC H22  H  N N 66  
CAC H23  H  N N 67  
CYS N    N  N N 68  
CYS CA   C  N R 69  
CYS C    C  N N 70  
CYS O    O  N N 71  
CYS CB   C  N N 72  
CYS SG   S  N N 73  
CYS OXT  O  N N 74  
CYS H    H  N N 75  
CYS H2   H  N N 76  
CYS HA   H  N N 77  
CYS HB2  H  N N 78  
CYS HB3  H  N N 79  
CYS HG   H  N N 80  
CYS HXT  H  N N 81  
GLN N    N  N N 82  
GLN CA   C  N S 83  
GLN C    C  N N 84  
GLN O    O  N N 85  
GLN CB   C  N N 86  
GLN CG   C  N N 87  
GLN CD   C  N N 88  
GLN OE1  O  N N 89  
GLN NE2  N  N N 90  
GLN OXT  O  N N 91  
GLN H    H  N N 92  
GLN H2   H  N N 93  
GLN HA   H  N N 94  
GLN HB2  H  N N 95  
GLN HB3  H  N N 96  
GLN HG2  H  N N 97  
GLN HG3  H  N N 98  
GLN HE21 H  N N 99  
GLN HE22 H  N N 100 
GLN HXT  H  N N 101 
GLU N    N  N N 102 
GLU CA   C  N S 103 
GLU C    C  N N 104 
GLU O    O  N N 105 
GLU CB   C  N N 106 
GLU CG   C  N N 107 
GLU CD   C  N N 108 
GLU OE1  O  N N 109 
GLU OE2  O  N N 110 
GLU OXT  O  N N 111 
GLU H    H  N N 112 
GLU H2   H  N N 113 
GLU HA   H  N N 114 
GLU HB2  H  N N 115 
GLU HB3  H  N N 116 
GLU HG2  H  N N 117 
GLU HG3  H  N N 118 
GLU HE2  H  N N 119 
GLU HXT  H  N N 120 
GLY N    N  N N 121 
GLY CA   C  N N 122 
GLY C    C  N N 123 
GLY O    O  N N 124 
GLY OXT  O  N N 125 
GLY H    H  N N 126 
GLY H2   H  N N 127 
GLY HA2  H  N N 128 
GLY HA3  H  N N 129 
GLY HXT  H  N N 130 
HIS N    N  N N 131 
HIS CA   C  N S 132 
HIS C    C  N N 133 
HIS O    O  N N 134 
HIS CB   C  N N 135 
HIS CG   C  Y N 136 
HIS ND1  N  Y N 137 
HIS CD2  C  Y N 138 
HIS CE1  C  Y N 139 
HIS NE2  N  Y N 140 
HIS OXT  O  N N 141 
HIS H    H  N N 142 
HIS H2   H  N N 143 
HIS HA   H  N N 144 
HIS HB2  H  N N 145 
HIS HB3  H  N N 146 
HIS HD1  H  N N 147 
HIS HD2  H  N N 148 
HIS HE1  H  N N 149 
HIS HE2  H  N N 150 
HIS HXT  H  N N 151 
HOH O    O  N N 152 
HOH H1   H  N N 153 
HOH H2   H  N N 154 
ILE N    N  N N 155 
ILE CA   C  N S 156 
ILE C    C  N N 157 
ILE O    O  N N 158 
ILE CB   C  N S 159 
ILE CG1  C  N N 160 
ILE CG2  C  N N 161 
ILE CD1  C  N N 162 
ILE OXT  O  N N 163 
ILE H    H  N N 164 
ILE H2   H  N N 165 
ILE HA   H  N N 166 
ILE HB   H  N N 167 
ILE HG12 H  N N 168 
ILE HG13 H  N N 169 
ILE HG21 H  N N 170 
ILE HG22 H  N N 171 
ILE HG23 H  N N 172 
ILE HD11 H  N N 173 
ILE HD12 H  N N 174 
ILE HD13 H  N N 175 
ILE HXT  H  N N 176 
LEU N    N  N N 177 
LEU CA   C  N S 178 
LEU C    C  N N 179 
LEU O    O  N N 180 
LEU CB   C  N N 181 
LEU CG   C  N N 182 
LEU CD1  C  N N 183 
LEU CD2  C  N N 184 
LEU OXT  O  N N 185 
LEU H    H  N N 186 
LEU H2   H  N N 187 
LEU HA   H  N N 188 
LEU HB2  H  N N 189 
LEU HB3  H  N N 190 
LEU HG   H  N N 191 
LEU HD11 H  N N 192 
LEU HD12 H  N N 193 
LEU HD13 H  N N 194 
LEU HD21 H  N N 195 
LEU HD22 H  N N 196 
LEU HD23 H  N N 197 
LEU HXT  H  N N 198 
LYS N    N  N N 199 
LYS CA   C  N S 200 
LYS C    C  N N 201 
LYS O    O  N N 202 
LYS CB   C  N N 203 
LYS CG   C  N N 204 
LYS CD   C  N N 205 
LYS CE   C  N N 206 
LYS NZ   N  N N 207 
LYS OXT  O  N N 208 
LYS H    H  N N 209 
LYS H2   H  N N 210 
LYS HA   H  N N 211 
LYS HB2  H  N N 212 
LYS HB3  H  N N 213 
LYS HG2  H  N N 214 
LYS HG3  H  N N 215 
LYS HD2  H  N N 216 
LYS HD3  H  N N 217 
LYS HE2  H  N N 218 
LYS HE3  H  N N 219 
LYS HZ1  H  N N 220 
LYS HZ2  H  N N 221 
LYS HZ3  H  N N 222 
LYS HXT  H  N N 223 
MET N    N  N N 224 
MET CA   C  N S 225 
MET C    C  N N 226 
MET O    O  N N 227 
MET CB   C  N N 228 
MET CG   C  N N 229 
MET SD   S  N N 230 
MET CE   C  N N 231 
MET OXT  O  N N 232 
MET H    H  N N 233 
MET H2   H  N N 234 
MET HA   H  N N 235 
MET HB2  H  N N 236 
MET HB3  H  N N 237 
MET HG2  H  N N 238 
MET HG3  H  N N 239 
MET HE1  H  N N 240 
MET HE2  H  N N 241 
MET HE3  H  N N 242 
MET HXT  H  N N 243 
MSE N    N  N N 244 
MSE CA   C  N S 245 
MSE C    C  N N 246 
MSE O    O  N N 247 
MSE OXT  O  N N 248 
MSE CB   C  N N 249 
MSE CG   C  N N 250 
MSE SE   SE N N 251 
MSE CE   C  N N 252 
MSE H    H  N N 253 
MSE H2   H  N N 254 
MSE HA   H  N N 255 
MSE HXT  H  N N 256 
MSE HB2  H  N N 257 
MSE HB3  H  N N 258 
MSE HG2  H  N N 259 
MSE HG3  H  N N 260 
MSE HE1  H  N N 261 
MSE HE2  H  N N 262 
MSE HE3  H  N N 263 
PHE N    N  N N 264 
PHE CA   C  N S 265 
PHE C    C  N N 266 
PHE O    O  N N 267 
PHE CB   C  N N 268 
PHE CG   C  Y N 269 
PHE CD1  C  Y N 270 
PHE CD2  C  Y N 271 
PHE CE1  C  Y N 272 
PHE CE2  C  Y N 273 
PHE CZ   C  Y N 274 
PHE OXT  O  N N 275 
PHE H    H  N N 276 
PHE H2   H  N N 277 
PHE HA   H  N N 278 
PHE HB2  H  N N 279 
PHE HB3  H  N N 280 
PHE HD1  H  N N 281 
PHE HD2  H  N N 282 
PHE HE1  H  N N 283 
PHE HE2  H  N N 284 
PHE HZ   H  N N 285 
PHE HXT  H  N N 286 
PRO N    N  N N 287 
PRO CA   C  N S 288 
PRO C    C  N N 289 
PRO O    O  N N 290 
PRO CB   C  N N 291 
PRO CG   C  N N 292 
PRO CD   C  N N 293 
PRO OXT  O  N N 294 
PRO H    H  N N 295 
PRO HA   H  N N 296 
PRO HB2  H  N N 297 
PRO HB3  H  N N 298 
PRO HG2  H  N N 299 
PRO HG3  H  N N 300 
PRO HD2  H  N N 301 
PRO HD3  H  N N 302 
PRO HXT  H  N N 303 
SER N    N  N N 304 
SER CA   C  N S 305 
SER C    C  N N 306 
SER O    O  N N 307 
SER CB   C  N N 308 
SER OG   O  N N 309 
SER OXT  O  N N 310 
SER H    H  N N 311 
SER H2   H  N N 312 
SER HA   H  N N 313 
SER HB2  H  N N 314 
SER HB3  H  N N 315 
SER HG   H  N N 316 
SER HXT  H  N N 317 
THR N    N  N N 318 
THR CA   C  N S 319 
THR C    C  N N 320 
THR O    O  N N 321 
THR CB   C  N R 322 
THR OG1  O  N N 323 
THR CG2  C  N N 324 
THR OXT  O  N N 325 
THR H    H  N N 326 
THR H2   H  N N 327 
THR HA   H  N N 328 
THR HB   H  N N 329 
THR HG1  H  N N 330 
THR HG21 H  N N 331 
THR HG22 H  N N 332 
THR HG23 H  N N 333 
THR HXT  H  N N 334 
TRP N    N  N N 335 
TRP CA   C  N S 336 
TRP C    C  N N 337 
TRP O    O  N N 338 
TRP CB   C  N N 339 
TRP CG   C  Y N 340 
TRP CD1  C  Y N 341 
TRP CD2  C  Y N 342 
TRP NE1  N  Y N 343 
TRP CE2  C  Y N 344 
TRP CE3  C  Y N 345 
TRP CZ2  C  Y N 346 
TRP CZ3  C  Y N 347 
TRP CH2  C  Y N 348 
TRP OXT  O  N N 349 
TRP H    H  N N 350 
TRP H2   H  N N 351 
TRP HA   H  N N 352 
TRP HB2  H  N N 353 
TRP HB3  H  N N 354 
TRP HD1  H  N N 355 
TRP HE1  H  N N 356 
TRP HE3  H  N N 357 
TRP HZ2  H  N N 358 
TRP HZ3  H  N N 359 
TRP HH2  H  N N 360 
TRP HXT  H  N N 361 
TYR N    N  N N 362 
TYR CA   C  N S 363 
TYR C    C  N N 364 
TYR O    O  N N 365 
TYR CB   C  N N 366 
TYR CG   C  Y N 367 
TYR CD1  C  Y N 368 
TYR CD2  C  Y N 369 
TYR CE1  C  Y N 370 
TYR CE2  C  Y N 371 
TYR CZ   C  Y N 372 
TYR OH   O  N N 373 
TYR OXT  O  N N 374 
TYR H    H  N N 375 
TYR H2   H  N N 376 
TYR HA   H  N N 377 
TYR HB2  H  N N 378 
TYR HB3  H  N N 379 
TYR HD1  H  N N 380 
TYR HD2  H  N N 381 
TYR HE1  H  N N 382 
TYR HE2  H  N N 383 
TYR HH   H  N N 384 
TYR HXT  H  N N 385 
VAL N    N  N N 386 
VAL CA   C  N S 387 
VAL C    C  N N 388 
VAL O    O  N N 389 
VAL CB   C  N N 390 
VAL CG1  C  N N 391 
VAL CG2  C  N N 392 
VAL OXT  O  N N 393 
VAL H    H  N N 394 
VAL H2   H  N N 395 
VAL HA   H  N N 396 
VAL HB   H  N N 397 
VAL HG11 H  N N 398 
VAL HG12 H  N N 399 
VAL HG13 H  N N 400 
VAL HG21 H  N N 401 
VAL HG22 H  N N 402 
VAL HG23 H  N N 403 
VAL HXT  H  N N 404 
# 
loop_
_chem_comp_bond.comp_id 
_chem_comp_bond.atom_id_1 
_chem_comp_bond.atom_id_2 
_chem_comp_bond.value_order 
_chem_comp_bond.pdbx_aromatic_flag 
_chem_comp_bond.pdbx_stereo_config 
_chem_comp_bond.pdbx_ordinal 
ALA N   CA   sing N N 1   
ALA N   H    sing N N 2   
ALA N   H2   sing N N 3   
ALA CA  C    sing N N 4   
ALA CA  CB   sing N N 5   
ALA CA  HA   sing N N 6   
ALA C   O    doub N N 7   
ALA C   OXT  sing N N 8   
ALA CB  HB1  sing N N 9   
ALA CB  HB2  sing N N 10  
ALA CB  HB3  sing N N 11  
ALA OXT HXT  sing N N 12  
ARG N   CA   sing N N 13  
ARG N   H    sing N N 14  
ARG N   H2   sing N N 15  
ARG CA  C    sing N N 16  
ARG CA  CB   sing N N 17  
ARG CA  HA   sing N N 18  
ARG C   O    doub N N 19  
ARG C   OXT  sing N N 20  
ARG CB  CG   sing N N 21  
ARG CB  HB2  sing N N 22  
ARG CB  HB3  sing N N 23  
ARG CG  CD   sing N N 24  
ARG CG  HG2  sing N N 25  
ARG CG  HG3  sing N N 26  
ARG CD  NE   sing N N 27  
ARG CD  HD2  sing N N 28  
ARG CD  HD3  sing N N 29  
ARG NE  CZ   sing N N 30  
ARG NE  HE   sing N N 31  
ARG CZ  NH1  sing N N 32  
ARG CZ  NH2  doub N N 33  
ARG NH1 HH11 sing N N 34  
ARG NH1 HH12 sing N N 35  
ARG NH2 HH21 sing N N 36  
ARG NH2 HH22 sing N N 37  
ARG OXT HXT  sing N N 38  
ASP N   CA   sing N N 39  
ASP N   H    sing N N 40  
ASP N   H2   sing N N 41  
ASP CA  C    sing N N 42  
ASP CA  CB   sing N N 43  
ASP CA  HA   sing N N 44  
ASP C   O    doub N N 45  
ASP C   OXT  sing N N 46  
ASP CB  CG   sing N N 47  
ASP CB  HB2  sing N N 48  
ASP CB  HB3  sing N N 49  
ASP CG  OD1  doub N N 50  
ASP CG  OD2  sing N N 51  
ASP OD2 HD2  sing N N 52  
ASP OXT HXT  sing N N 53  
CAC AS  O1   doub N N 54  
CAC AS  O2   sing N N 55  
CAC AS  C1   sing N N 56  
CAC AS  C2   sing N N 57  
CAC C1  H11  sing N N 58  
CAC C1  H12  sing N N 59  
CAC C1  H13  sing N N 60  
CAC C2  H21  sing N N 61  
CAC C2  H22  sing N N 62  
CAC C2  H23  sing N N 63  
CYS N   CA   sing N N 64  
CYS N   H    sing N N 65  
CYS N   H2   sing N N 66  
CYS CA  C    sing N N 67  
CYS CA  CB   sing N N 68  
CYS CA  HA   sing N N 69  
CYS C   O    doub N N 70  
CYS C   OXT  sing N N 71  
CYS CB  SG   sing N N 72  
CYS CB  HB2  sing N N 73  
CYS CB  HB3  sing N N 74  
CYS SG  HG   sing N N 75  
CYS OXT HXT  sing N N 76  
GLN N   CA   sing N N 77  
GLN N   H    sing N N 78  
GLN N   H2   sing N N 79  
GLN CA  C    sing N N 80  
GLN CA  CB   sing N N 81  
GLN CA  HA   sing N N 82  
GLN C   O    doub N N 83  
GLN C   OXT  sing N N 84  
GLN CB  CG   sing N N 85  
GLN CB  HB2  sing N N 86  
GLN CB  HB3  sing N N 87  
GLN CG  CD   sing N N 88  
GLN CG  HG2  sing N N 89  
GLN CG  HG3  sing N N 90  
GLN CD  OE1  doub N N 91  
GLN CD  NE2  sing N N 92  
GLN NE2 HE21 sing N N 93  
GLN NE2 HE22 sing N N 94  
GLN OXT HXT  sing N N 95  
GLU N   CA   sing N N 96  
GLU N   H    sing N N 97  
GLU N   H2   sing N N 98  
GLU CA  C    sing N N 99  
GLU CA  CB   sing N N 100 
GLU CA  HA   sing N N 101 
GLU C   O    doub N N 102 
GLU C   OXT  sing N N 103 
GLU CB  CG   sing N N 104 
GLU CB  HB2  sing N N 105 
GLU CB  HB3  sing N N 106 
GLU CG  CD   sing N N 107 
GLU CG  HG2  sing N N 108 
GLU CG  HG3  sing N N 109 
GLU CD  OE1  doub N N 110 
GLU CD  OE2  sing N N 111 
GLU OE2 HE2  sing N N 112 
GLU OXT HXT  sing N N 113 
GLY N   CA   sing N N 114 
GLY N   H    sing N N 115 
GLY N   H2   sing N N 116 
GLY CA  C    sing N N 117 
GLY CA  HA2  sing N N 118 
GLY CA  HA3  sing N N 119 
GLY C   O    doub N N 120 
GLY C   OXT  sing N N 121 
GLY OXT HXT  sing N N 122 
HIS N   CA   sing N N 123 
HIS N   H    sing N N 124 
HIS N   H2   sing N N 125 
HIS CA  C    sing N N 126 
HIS CA  CB   sing N N 127 
HIS CA  HA   sing N N 128 
HIS C   O    doub N N 129 
HIS C   OXT  sing N N 130 
HIS CB  CG   sing N N 131 
HIS CB  HB2  sing N N 132 
HIS CB  HB3  sing N N 133 
HIS CG  ND1  sing Y N 134 
HIS CG  CD2  doub Y N 135 
HIS ND1 CE1  doub Y N 136 
HIS ND1 HD1  sing N N 137 
HIS CD2 NE2  sing Y N 138 
HIS CD2 HD2  sing N N 139 
HIS CE1 NE2  sing Y N 140 
HIS CE1 HE1  sing N N 141 
HIS NE2 HE2  sing N N 142 
HIS OXT HXT  sing N N 143 
HOH O   H1   sing N N 144 
HOH O   H2   sing N N 145 
ILE N   CA   sing N N 146 
ILE N   H    sing N N 147 
ILE N   H2   sing N N 148 
ILE CA  C    sing N N 149 
ILE CA  CB   sing N N 150 
ILE CA  HA   sing N N 151 
ILE C   O    doub N N 152 
ILE C   OXT  sing N N 153 
ILE CB  CG1  sing N N 154 
ILE CB  CG2  sing N N 155 
ILE CB  HB   sing N N 156 
ILE CG1 CD1  sing N N 157 
ILE CG1 HG12 sing N N 158 
ILE CG1 HG13 sing N N 159 
ILE CG2 HG21 sing N N 160 
ILE CG2 HG22 sing N N 161 
ILE CG2 HG23 sing N N 162 
ILE CD1 HD11 sing N N 163 
ILE CD1 HD12 sing N N 164 
ILE CD1 HD13 sing N N 165 
ILE OXT HXT  sing N N 166 
LEU N   CA   sing N N 167 
LEU N   H    sing N N 168 
LEU N   H2   sing N N 169 
LEU CA  C    sing N N 170 
LEU CA  CB   sing N N 171 
LEU CA  HA   sing N N 172 
LEU C   O    doub N N 173 
LEU C   OXT  sing N N 174 
LEU CB  CG   sing N N 175 
LEU CB  HB2  sing N N 176 
LEU CB  HB3  sing N N 177 
LEU CG  CD1  sing N N 178 
LEU CG  CD2  sing N N 179 
LEU CG  HG   sing N N 180 
LEU CD1 HD11 sing N N 181 
LEU CD1 HD12 sing N N 182 
LEU CD1 HD13 sing N N 183 
LEU CD2 HD21 sing N N 184 
LEU CD2 HD22 sing N N 185 
LEU CD2 HD23 sing N N 186 
LEU OXT HXT  sing N N 187 
LYS N   CA   sing N N 188 
LYS N   H    sing N N 189 
LYS N   H2   sing N N 190 
LYS CA  C    sing N N 191 
LYS CA  CB   sing N N 192 
LYS CA  HA   sing N N 193 
LYS C   O    doub N N 194 
LYS C   OXT  sing N N 195 
LYS CB  CG   sing N N 196 
LYS CB  HB2  sing N N 197 
LYS CB  HB3  sing N N 198 
LYS CG  CD   sing N N 199 
LYS CG  HG2  sing N N 200 
LYS CG  HG3  sing N N 201 
LYS CD  CE   sing N N 202 
LYS CD  HD2  sing N N 203 
LYS CD  HD3  sing N N 204 
LYS CE  NZ   sing N N 205 
LYS CE  HE2  sing N N 206 
LYS CE  HE3  sing N N 207 
LYS NZ  HZ1  sing N N 208 
LYS NZ  HZ2  sing N N 209 
LYS NZ  HZ3  sing N N 210 
LYS OXT HXT  sing N N 211 
MET N   CA   sing N N 212 
MET N   H    sing N N 213 
MET N   H2   sing N N 214 
MET CA  C    sing N N 215 
MET CA  CB   sing N N 216 
MET CA  HA   sing N N 217 
MET C   O    doub N N 218 
MET C   OXT  sing N N 219 
MET CB  CG   sing N N 220 
MET CB  HB2  sing N N 221 
MET CB  HB3  sing N N 222 
MET CG  SD   sing N N 223 
MET CG  HG2  sing N N 224 
MET CG  HG3  sing N N 225 
MET SD  CE   sing N N 226 
MET CE  HE1  sing N N 227 
MET CE  HE2  sing N N 228 
MET CE  HE3  sing N N 229 
MET OXT HXT  sing N N 230 
MSE N   CA   sing N N 231 
MSE N   H    sing N N 232 
MSE N   H2   sing N N 233 
MSE CA  C    sing N N 234 
MSE CA  CB   sing N N 235 
MSE CA  HA   sing N N 236 
MSE C   O    doub N N 237 
MSE C   OXT  sing N N 238 
MSE OXT HXT  sing N N 239 
MSE CB  CG   sing N N 240 
MSE CB  HB2  sing N N 241 
MSE CB  HB3  sing N N 242 
MSE CG  SE   sing N N 243 
MSE CG  HG2  sing N N 244 
MSE CG  HG3  sing N N 245 
MSE SE  CE   sing N N 246 
MSE CE  HE1  sing N N 247 
MSE CE  HE2  sing N N 248 
MSE CE  HE3  sing N N 249 
PHE N   CA   sing N N 250 
PHE N   H    sing N N 251 
PHE N   H2   sing N N 252 
PHE CA  C    sing N N 253 
PHE CA  CB   sing N N 254 
PHE CA  HA   sing N N 255 
PHE C   O    doub N N 256 
PHE C   OXT  sing N N 257 
PHE CB  CG   sing N N 258 
PHE CB  HB2  sing N N 259 
PHE CB  HB3  sing N N 260 
PHE CG  CD1  doub Y N 261 
PHE CG  CD2  sing Y N 262 
PHE CD1 CE1  sing Y N 263 
PHE CD1 HD1  sing N N 264 
PHE CD2 CE2  doub Y N 265 
PHE CD2 HD2  sing N N 266 
PHE CE1 CZ   doub Y N 267 
PHE CE1 HE1  sing N N 268 
PHE CE2 CZ   sing Y N 269 
PHE CE2 HE2  sing N N 270 
PHE CZ  HZ   sing N N 271 
PHE OXT HXT  sing N N 272 
PRO N   CA   sing N N 273 
PRO N   CD   sing N N 274 
PRO N   H    sing N N 275 
PRO CA  C    sing N N 276 
PRO CA  CB   sing N N 277 
PRO CA  HA   sing N N 278 
PRO C   O    doub N N 279 
PRO C   OXT  sing N N 280 
PRO CB  CG   sing N N 281 
PRO CB  HB2  sing N N 282 
PRO CB  HB3  sing N N 283 
PRO CG  CD   sing N N 284 
PRO CG  HG2  sing N N 285 
PRO CG  HG3  sing N N 286 
PRO CD  HD2  sing N N 287 
PRO CD  HD3  sing N N 288 
PRO OXT HXT  sing N N 289 
SER N   CA   sing N N 290 
SER N   H    sing N N 291 
SER N   H2   sing N N 292 
SER CA  C    sing N N 293 
SER CA  CB   sing N N 294 
SER CA  HA   sing N N 295 
SER C   O    doub N N 296 
SER C   OXT  sing N N 297 
SER CB  OG   sing N N 298 
SER CB  HB2  sing N N 299 
SER CB  HB3  sing N N 300 
SER OG  HG   sing N N 301 
SER OXT HXT  sing N N 302 
THR N   CA   sing N N 303 
THR N   H    sing N N 304 
THR N   H2   sing N N 305 
THR CA  C    sing N N 306 
THR CA  CB   sing N N 307 
THR CA  HA   sing N N 308 
THR C   O    doub N N 309 
THR C   OXT  sing N N 310 
THR CB  OG1  sing N N 311 
THR CB  CG2  sing N N 312 
THR CB  HB   sing N N 313 
THR OG1 HG1  sing N N 314 
THR CG2 HG21 sing N N 315 
THR CG2 HG22 sing N N 316 
THR CG2 HG23 sing N N 317 
THR OXT HXT  sing N N 318 
TRP N   CA   sing N N 319 
TRP N   H    sing N N 320 
TRP N   H2   sing N N 321 
TRP CA  C    sing N N 322 
TRP CA  CB   sing N N 323 
TRP CA  HA   sing N N 324 
TRP C   O    doub N N 325 
TRP C   OXT  sing N N 326 
TRP CB  CG   sing N N 327 
TRP CB  HB2  sing N N 328 
TRP CB  HB3  sing N N 329 
TRP CG  CD1  doub Y N 330 
TRP CG  CD2  sing Y N 331 
TRP CD1 NE1  sing Y N 332 
TRP CD1 HD1  sing N N 333 
TRP CD2 CE2  doub Y N 334 
TRP CD2 CE3  sing Y N 335 
TRP NE1 CE2  sing Y N 336 
TRP NE1 HE1  sing N N 337 
TRP CE2 CZ2  sing Y N 338 
TRP CE3 CZ3  doub Y N 339 
TRP CE3 HE3  sing N N 340 
TRP CZ2 CH2  doub Y N 341 
TRP CZ2 HZ2  sing N N 342 
TRP CZ3 CH2  sing Y N 343 
TRP CZ3 HZ3  sing N N 344 
TRP CH2 HH2  sing N N 345 
TRP OXT HXT  sing N N 346 
TYR N   CA   sing N N 347 
TYR N   H    sing N N 348 
TYR N   H2   sing N N 349 
TYR CA  C    sing N N 350 
TYR CA  CB   sing N N 351 
TYR CA  HA   sing N N 352 
TYR C   O    doub N N 353 
TYR C   OXT  sing N N 354 
TYR CB  CG   sing N N 355 
TYR CB  HB2  sing N N 356 
TYR CB  HB3  sing N N 357 
TYR CG  CD1  doub Y N 358 
TYR CG  CD2  sing Y N 359 
TYR CD1 CE1  sing Y N 360 
TYR CD1 HD1  sing N N 361 
TYR CD2 CE2  doub Y N 362 
TYR CD2 HD2  sing N N 363 
TYR CE1 CZ   doub Y N 364 
TYR CE1 HE1  sing N N 365 
TYR CE2 CZ   sing Y N 366 
TYR CE2 HE2  sing N N 367 
TYR CZ  OH   sing N N 368 
TYR OH  HH   sing N N 369 
TYR OXT HXT  sing N N 370 
VAL N   CA   sing N N 371 
VAL N   H    sing N N 372 
VAL N   H2   sing N N 373 
VAL CA  C    sing N N 374 
VAL CA  CB   sing N N 375 
VAL CA  HA   sing N N 376 
VAL C   O    doub N N 377 
VAL C   OXT  sing N N 378 
VAL CB  CG1  sing N N 379 
VAL CB  CG2  sing N N 380 
VAL CB  HB   sing N N 381 
VAL CG1 HG11 sing N N 382 
VAL CG1 HG12 sing N N 383 
VAL CG1 HG13 sing N N 384 
VAL CG2 HG21 sing N N 385 
VAL CG2 HG22 sing N N 386 
VAL CG2 HG23 sing N N 387 
VAL OXT HXT  sing N N 388 
# 
_atom_sites.entry_id                    2D28 
_atom_sites.fract_transf_matrix[1][1]   0.01486773 
_atom_sites.fract_transf_matrix[1][2]   -0.00985221 
_atom_sites.fract_transf_matrix[1][3]   0.00125653 
_atom_sites.fract_transf_matrix[2][1]   0.00018938 
_atom_sites.fract_transf_matrix[2][2]   -0.00198044 
_atom_sites.fract_transf_matrix[2][3]   -0.01776897 
_atom_sites.fract_transf_matrix[3][1]   0.00529833 
_atom_sites.fract_transf_matrix[3][2]   0.00789062 
_atom_sites.fract_transf_matrix[3][3]   -0.00082298 
_atom_sites.fract_transf_vector[1]      0.337241 
_atom_sites.fract_transf_vector[2]      0.283231 
_atom_sites.fract_transf_vector[3]      0.107334 
# 
loop_
_atom_type.symbol 
AS 
C  
N  
O  
S  
SE 
# 
loop_
_atom_site.group_PDB 
_atom_site.id 
_atom_site.type_symbol 
_atom_site.label_atom_id 
_atom_site.label_alt_id 
_atom_site.label_comp_id 
_atom_site.label_asym_id 
_atom_site.label_entity_id 
_atom_site.label_seq_id 
_atom_site.pdbx_PDB_ins_code 
_atom_site.Cartn_x 
_atom_site.Cartn_y 
_atom_site.Cartn_z 
_atom_site.occupancy 
_atom_site.B_iso_or_equiv 
_atom_site.pdbx_formal_charge 
_atom_site.auth_seq_id 
_atom_site.auth_comp_id 
_atom_site.auth_asym_id 
_atom_site.auth_atom_id 
_atom_site.pdbx_PDB_model_num 
HETATM 1    N  N   . MSE A 1 1   ? -4.200  -21.020 -8.292  1.00 57.15 ? 1   MSE C N   1 
HETATM 2    C  CA  . MSE A 1 1   ? -5.466  -20.835 -9.095  1.00 57.31 ? 1   MSE C CA  1 
HETATM 3    C  C   . MSE A 1 1   ? -5.146  -19.869 -10.240 1.00 55.70 ? 1   MSE C C   1 
HETATM 4    O  O   . MSE A 1 1   ? -5.668  -19.986 -11.358 1.00 56.49 ? 1   MSE C O   1 
HETATM 5    C  CB  . MSE A 1 1   ? -6.618  -20.339 -8.209  1.00 58.29 ? 1   MSE C CB  1 
HETATM 6    C  CG  . MSE A 1 1   ? -8.048  -20.424 -8.850  1.00 61.90 ? 1   MSE C CG  1 
HETATM 7    SE SE  . MSE A 1 1   ? -8.759  -22.268 -9.283  1.00 72.94 ? 1   MSE C SE  1 
HETATM 8    C  CE  . MSE A 1 1   ? -10.481 -22.125 -8.053  1.00 69.21 ? 1   MSE C CE  1 
ATOM   9    N  N   . GLU A 1 2   ? -4.295  -18.896 -9.938  1.00 53.52 ? 2   GLU C N   1 
ATOM   10   C  CA  . GLU A 1 2   ? -3.211  -18.562 -10.847 1.00 52.11 ? 2   GLU C CA  1 
ATOM   11   C  C   . GLU A 1 2   ? -3.591  -17.824 -12.169 1.00 48.93 ? 2   GLU C C   1 
ATOM   12   O  O   . GLU A 1 2   ? -2.814  -17.899 -13.129 1.00 48.71 ? 2   GLU C O   1 
ATOM   13   C  CB  . GLU A 1 2   ? -2.496  -19.919 -11.156 1.00 52.30 ? 2   GLU C CB  1 
ATOM   14   C  CG  . GLU A 1 2   ? -0.981  -19.945 -11.323 1.00 55.14 ? 2   GLU C CG  1 
ATOM   15   C  CD  . GLU A 1 2   ? -0.497  -21.213 -12.078 1.00 59.10 ? 2   GLU C CD  1 
ATOM   16   O  OE1 . GLU A 1 2   ? -1.023  -22.351 -11.842 1.00 60.26 ? 2   GLU C OE1 1 
ATOM   17   O  OE2 . GLU A 1 2   ? 0.412   -21.073 -12.928 1.00 59.34 ? 2   GLU C OE2 1 
ATOM   18   N  N   . GLN A 1 3   ? -4.728  -17.096 -12.238 1.00 45.48 ? 3   GLN C N   1 
ATOM   19   C  CA  . GLN A 1 3   ? -5.165  -16.542 -13.558 1.00 42.36 ? 3   GLN C CA  1 
ATOM   20   C  C   . GLN A 1 3   ? -4.277  -15.362 -14.038 1.00 39.43 ? 3   GLN C C   1 
ATOM   21   O  O   . GLN A 1 3   ? -3.614  -15.496 -15.079 1.00 38.32 ? 3   GLN C O   1 
ATOM   22   C  CB  . GLN A 1 3   ? -6.682  -16.212 -13.622 1.00 43.32 ? 3   GLN C CB  1 
ATOM   23   C  CG  . GLN A 1 3   ? -7.528  -17.109 -14.505 1.00 42.97 ? 3   GLN C CG  1 
ATOM   24   C  CD  . GLN A 1 3   ? -7.219  -18.599 -14.329 1.00 45.20 ? 3   GLN C CD  1 
ATOM   25   O  OE1 . GLN A 1 3   ? -6.727  -19.223 -15.254 1.00 45.32 ? 3   GLN C OE1 1 
ATOM   26   N  NE2 . GLN A 1 3   ? -7.481  -19.154 -13.135 1.00 46.80 ? 3   GLN C NE2 1 
ATOM   27   N  N   . ARG A 1 4   ? -4.256  -14.241 -13.306 1.00 34.15 ? 4   ARG C N   1 
ATOM   28   C  CA  . ARG A 1 4   ? -3.300  -13.147 -13.568 1.00 30.38 ? 4   ARG C CA  1 
ATOM   29   C  C   . ARG A 1 4   ? -2.769  -12.512 -12.247 1.00 26.81 ? 4   ARG C C   1 
ATOM   30   O  O   . ARG A 1 4   ? -3.457  -12.610 -11.222 1.00 24.16 ? 4   ARG C O   1 
ATOM   31   C  CB  . ARG A 1 4   ? -4.008  -12.084 -14.347 1.00 31.08 ? 4   ARG C CB  1 
ATOM   32   C  CG  . ARG A 1 4   ? -4.701  -12.626 -15.573 1.00 31.69 ? 4   ARG C CG  1 
ATOM   33   C  CD  . ARG A 1 4   ? -5.283  -11.564 -16.354 1.00 32.54 ? 4   ARG C CD  1 
ATOM   34   N  NE  . ARG A 1 4   ? -6.473  -11.032 -15.717 1.00 27.32 ? 4   ARG C NE  1 
ATOM   35   C  CZ  . ARG A 1 4   ? -7.043  -9.929  -16.162 1.00 28.71 ? 4   ARG C CZ  1 
ATOM   36   N  NH1 . ARG A 1 4   ? -6.492  -9.337  -17.215 1.00 32.76 ? 4   ARG C NH1 1 
ATOM   37   N  NH2 . ARG A 1 4   ? -8.144  -9.421  -15.607 1.00 23.41 ? 4   ARG C NH2 1 
ATOM   38   N  N   . SER A 1 5   ? -1.566  -11.904 -12.273 1.00 23.22 ? 5   SER C N   1 
ATOM   39   C  CA  . SER A 1 5   ? -0.998  -11.230 -11.057 1.00 22.27 ? 5   SER C CA  1 
ATOM   40   C  C   . SER A 1 5   ? -1.879  -10.043 -10.613 1.00 19.34 ? 5   SER C C   1 
ATOM   41   O  O   . SER A 1 5   ? -2.545  -9.487  -11.450 1.00 17.82 ? 5   SER C O   1 
ATOM   42   C  CB  . SER A 1 5   ? 0.505   -10.834 -11.264 1.00 22.38 ? 5   SER C CB  1 
ATOM   43   O  OG  . SER A 1 5   ? 0.664   -9.519  -11.719 1.00 25.44 ? 5   SER C OG  1 
ATOM   44   N  N   . ALA A 1 6   ? -1.877  -9.695  -9.316  1.00 18.32 ? 6   ALA C N   1 
ATOM   45   C  CA  . ALA A 1 6   ? -2.591  -8.523  -8.764  1.00 18.28 ? 6   ALA C CA  1 
ATOM   46   C  C   . ALA A 1 6   ? -2.035  -7.247  -9.457  1.00 18.20 ? 6   ALA C C   1 
ATOM   47   O  O   . ALA A 1 6   ? -2.778  -6.421  -9.956  1.00 14.82 ? 6   ALA C O   1 
ATOM   48   C  CB  . ALA A 1 6   ? -2.414  -8.434  -7.273  1.00 17.62 ? 6   ALA C CB  1 
ATOM   49   N  N   . GLU A 1 7   ? -0.711  -7.141  -9.575  1.00 19.12 ? 7   GLU C N   1 
ATOM   50   C  CA  . GLU A 1 7   ? -0.119  -6.019  -10.320 1.00 20.57 ? 7   GLU C CA  1 
ATOM   51   C  C   . GLU A 1 7   ? -0.605  -5.875  -11.774 1.00 20.36 ? 7   GLU C C   1 
ATOM   52   O  O   . GLU A 1 7   ? -0.907  -4.752  -12.220 1.00 21.33 ? 7   GLU C O   1 
ATOM   53   C  CB  . GLU A 1 7   ? 1.425   -6.109  -10.306 1.00 22.09 ? 7   GLU C CB  1 
ATOM   54   C  CG  . GLU A 1 7   ? 2.084   -4.960  -11.031 1.00 26.84 ? 7   GLU C CG  1 
ATOM   55   C  CD  . GLU A 1 7   ? 3.572   -5.213  -11.272 1.00 35.90 ? 7   GLU C CD  1 
ATOM   56   O  OE1 . GLU A 1 7   ? 4.319   -5.036  -10.285 1.00 41.57 ? 7   GLU C OE1 1 
ATOM   57   O  OE2 . GLU A 1 7   ? 3.948   -5.583  -12.428 1.00 39.70 ? 7   GLU C OE2 1 
ATOM   58   N  N   . THR A 1 8   ? -0.666  -6.985  -12.503 1.00 19.16 ? 8   THR C N   1 
ATOM   59   C  CA  . THR A 1 8   ? -1.176  -7.004  -13.868 1.00 20.88 ? 8   THR C CA  1 
ATOM   60   C  C   . THR A 1 8   ? -2.657  -6.560  -13.952 1.00 18.83 ? 8   THR C C   1 
ATOM   61   O  O   . THR A 1 8   ? -3.016  -5.796  -14.832 1.00 18.00 ? 8   THR C O   1 
ATOM   62   C  CB  . THR A 1 8   ? -1.002  -8.384  -14.457 1.00 22.83 ? 8   THR C CB  1 
ATOM   63   O  OG1 . THR A 1 8   ? 0.399   -8.674  -14.570 1.00 28.04 ? 8   THR C OG1 1 
ATOM   64   C  CG2 . THR A 1 8   ? -1.519  -8.489  -15.916 1.00 25.76 ? 8   THR C CG2 1 
ATOM   65   N  N   . ARG A 1 9   ? -3.469  -6.977  -12.987 1.00 15.39 ? 9   ARG C N   1 
ATOM   66   C  CA  . ARG A 1 9   ? -4.891  -6.677  -13.028 1.00 15.00 ? 9   ARG C CA  1 
ATOM   67   C  C   . ARG A 1 9   ? -5.039  -5.209  -12.694 1.00 13.49 ? 9   ARG C C   1 
ATOM   68   O  O   . ARG A 1 9   ? -5.955  -4.539  -13.153 1.00 13.51 ? 9   ARG C O   1 
ATOM   69   C  CB  . ARG A 1 9   ? -5.637  -7.551  -12.001 1.00 13.84 ? 9   ARG C CB  1 
ATOM   70   C  CG  . ARG A 1 9   ? -5.730  -9.038  -12.391 1.00 17.64 ? 9   ARG C CG  1 
ATOM   71   C  CD  . ARG A 1 9   ? -7.169  -9.605  -11.971 1.00 26.34 ? 9   ARG C CD  1 
ATOM   72   N  NE  . ARG A 1 9   ? -6.930  -9.938  -10.659 1.00 18.03 ? 9   ARG C NE  1 
ATOM   73   C  CZ  . ARG A 1 9   ? -7.598  -9.834  -9.533  1.00 17.81 ? 9   ARG C CZ  1 
ATOM   74   N  NH1 . ARG A 1 9   ? -8.881  -9.574  -9.300  1.00 11.86 ? 9   ARG C NH1 1 
ATOM   75   N  NH2 . ARG A 1 9   ? -6.817  -10.137 -8.529  1.00 12.18 ? 9   ARG C NH2 1 
ATOM   76   N  N   . ILE A 1 10  ? -4.177  -4.704  -11.818 1.00 13.77 ? 10  ILE C N   1 
ATOM   77   C  CA  . ILE A 1 10  ? -4.211  -3.285  -11.425 1.00 12.92 ? 10  ILE C CA  1 
ATOM   78   C  C   . ILE A 1 10  ? -3.782  -2.381  -12.634 1.00 14.07 ? 10  ILE C C   1 
ATOM   79   O  O   . ILE A 1 10  ? -4.430  -1.383  -12.918 1.00 14.20 ? 10  ILE C O   1 
ATOM   80   C  CB  . ILE A 1 10  ? -3.352  -3.003  -10.159 1.00 13.32 ? 10  ILE C CB  1 
ATOM   81   C  CG1 . ILE A 1 10  ? -4.030  -3.614  -8.952  1.00 15.66 ? 10  ILE C CG1 1 
ATOM   82   C  CG2 . ILE A 1 10  ? -3.211  -1.531  -9.930  1.00 15.32 ? 10  ILE C CG2 1 
ATOM   83   C  CD1 . ILE A 1 10  ? -3.203  -3.811  -7.706  1.00 17.32 ? 10  ILE C CD1 1 
ATOM   84   N  N   . VAL A 1 11  ? -2.694  -2.715  -13.274 1.00 15.52 ? 11  VAL C N   1 
ATOM   85   C  CA  . VAL A 1 11  ? -2.311  -2.030  -14.490 1.00 17.21 ? 11  VAL C CA  1 
ATOM   86   C  C   . VAL A 1 11  ? -3.425  -2.050  -15.537 1.00 17.23 ? 11  VAL C C   1 
ATOM   87   O  O   . VAL A 1 11  ? -3.735  -1.033  -16.131 1.00 16.44 ? 11  VAL C O   1 
ATOM   88   C  CB  . VAL A 1 11  ? -1.022  -2.629  -15.094 1.00 17.57 ? 11  VAL C CB  1 
ATOM   89   C  CG1 . VAL A 1 11  ? -0.724  -2.002  -16.468 1.00 20.09 ? 11  VAL C CG1 1 
ATOM   90   C  CG2 . VAL A 1 11  ? 0.133   -2.352  -14.195 1.00 20.14 ? 11  VAL C CG2 1 
ATOM   91   N  N   . GLU A 1 12  ? -4.063  -3.212  -15.762 1.00 18.10 ? 12  GLU C N   1 
ATOM   92   C  CA  . GLU A 1 12  ? -5.138  -3.286  -16.719 1.00 17.82 ? 12  GLU C CA  1 
ATOM   93   C  C   . GLU A 1 12  ? -6.324  -2.379  -16.328 1.00 16.30 ? 12  GLU C C   1 
ATOM   94   O  O   . GLU A 1 12  ? -6.931  -1.726  -17.154 1.00 12.34 ? 12  GLU C O   1 
ATOM   95   C  CB  . GLU A 1 12  ? -5.618  -4.744  -16.829 1.00 20.78 ? 12  GLU C CB  1 
ATOM   96   C  CG  . GLU A 1 12  ? -7.028  -4.816  -17.397 1.00 23.50 ? 12  GLU C CG  1 
ATOM   97   C  CD  . GLU A 1 12  ? -7.661  -6.198  -17.274 1.00 31.85 ? 12  GLU C CD  1 
ATOM   98   O  OE1 . GLU A 1 12  ? -8.193  -6.550  -16.170 1.00 32.54 ? 12  GLU C OE1 1 
ATOM   99   O  OE2 . GLU A 1 12  ? -7.611  -6.933  -18.289 1.00 30.85 ? 12  GLU C OE2 1 
ATOM   100  N  N   . ALA A 1 13  ? -6.666  -2.344  -15.043 1.00 14.41 ? 13  ALA C N   1 
ATOM   101  C  CA  . ALA A 1 13  ? -7.708  -1.502  -14.568 1.00 14.10 ? 13  ALA C CA  1 
ATOM   102  C  C   . ALA A 1 13  ? -7.345  0.013   -14.639 1.00 14.72 ? 13  ALA C C   1 
ATOM   103  O  O   . ALA A 1 13  ? -8.210  0.836   -14.906 1.00 15.04 ? 13  ALA C O   1 
ATOM   104  C  CB  . ALA A 1 13  ? -8.117  -1.872  -13.142 1.00 15.01 ? 13  ALA C CB  1 
ATOM   105  N  N   . LEU A 1 14  ? -6.093  0.372   -14.374 1.00 14.84 ? 14  LEU C N   1 
ATOM   106  C  CA  . LEU A 1 14  ? -5.627  1.735   -14.616 1.00 14.88 ? 14  LEU C CA  1 
ATOM   107  C  C   . LEU A 1 14  ? -5.890  2.217   -16.072 1.00 14.94 ? 14  LEU C C   1 
ATOM   108  O  O   . LEU A 1 14  ? -6.437  3.324   -16.287 1.00 15.14 ? 14  LEU C O   1 
ATOM   109  C  CB  . LEU A 1 14  ? -4.142  1.868   -14.311 1.00 15.27 ? 14  LEU C CB  1 
ATOM   110  C  CG  . LEU A 1 14  ? -3.855  1.948   -12.800 1.00 15.46 ? 14  LEU C CG  1 
ATOM   111  C  CD1 . LEU A 1 14  ? -2.403  1.744   -12.600 1.00 16.52 ? 14  LEU C CD1 1 
ATOM   112  C  CD2 . LEU A 1 14  ? -4.353  3.274   -12.144 1.00 15.32 ? 14  LEU C CD2 1 
ATOM   113  N  N   . LEU A 1 15  ? -5.557  1.385   -17.022 1.00 13.44 ? 15  LEU C N   1 
ATOM   114  C  CA  . LEU A 1 15  ? -5.810  1.705   -18.453 1.00 16.63 ? 15  LEU C CA  1 
ATOM   115  C  C   . LEU A 1 15  ? -7.264  1.838   -18.772 1.00 17.76 ? 15  LEU C C   1 
ATOM   116  O  O   . LEU A 1 15  ? -7.686  2.834   -19.317 1.00 17.88 ? 15  LEU C O   1 
ATOM   117  C  CB  . LEU A 1 15  ? -5.227  0.649   -19.353 1.00 18.31 ? 15  LEU C CB  1 
ATOM   118  C  CG  . LEU A 1 15  ? -3.717  0.635   -19.377 1.00 21.29 ? 15  LEU C CG  1 
ATOM   119  C  CD1 . LEU A 1 15  ? -3.428  -0.713  -20.016 1.00 27.61 ? 15  LEU C CD1 1 
ATOM   120  C  CD2 . LEU A 1 15  ? -3.116  1.758   -20.217 1.00 24.01 ? 15  LEU C CD2 1 
ATOM   121  N  N   . GLU A 1 16  ? -8.043  0.855   -18.337 1.00 19.53 ? 16  GLU C N   1 
ATOM   122  C  CA  . GLU A 1 16  ? -9.456  0.793   -18.678 1.00 21.64 ? 16  GLU C CA  1 
ATOM   123  C  C   . GLU A 1 16  ? -10.211 1.953   -18.051 1.00 21.55 ? 16  GLU C C   1 
ATOM   124  O  O   . GLU A 1 16  ? -11.110 2.502   -18.639 1.00 21.27 ? 16  GLU C O   1 
ATOM   125  C  CB  . GLU A 1 16  ? -9.990  -0.537  -18.201 1.00 23.05 ? 16  GLU C CB  1 
ATOM   126  C  CG  . GLU A 1 16  ? -11.333 -0.438  -17.452 1.00 31.57 ? 16  GLU C CG  1 
ATOM   127  C  CD  . GLU A 1 16  ? -12.430 -0.459  -18.430 1.00 35.31 ? 16  GLU C CD  1 
ATOM   128  O  OE1 . GLU A 1 16  ? -12.136 -0.976  -19.524 1.00 45.70 ? 16  GLU C OE1 1 
ATOM   129  O  OE2 . GLU A 1 16  ? -13.521 0.051   -18.155 1.00 39.99 ? 16  GLU C OE2 1 
ATOM   130  N  N   . ARG A 1 17  ? -9.824  2.340   -16.849 1.00 22.01 ? 17  ARG C N   1 
ATOM   131  C  CA  . ARG A 1 17  ? -10.407 3.525   -16.166 1.00 21.68 ? 17  ARG C CA  1 
ATOM   132  C  C   . ARG A 1 17  ? -9.870  4.860   -16.642 1.00 21.69 ? 17  ARG C C   1 
ATOM   133  O  O   . ARG A 1 17  ? -10.287 5.951   -16.155 1.00 21.06 ? 17  ARG C O   1 
ATOM   134  C  CB  . ARG A 1 17  ? -10.219 3.388   -14.660 1.00 21.45 ? 17  ARG C CB  1 
ATOM   135  C  CG  . ARG A 1 17  ? -10.959 2.200   -14.032 1.00 24.79 ? 17  ARG C CG  1 
ATOM   136  C  CD  . ARG A 1 17  ? -12.426 2.464   -13.925 1.00 26.86 ? 17  ARG C CD  1 
ATOM   137  N  NE  . ARG A 1 17  ? -13.060 2.274   -15.212 1.00 30.62 ? 17  ARG C NE  1 
ATOM   138  C  CZ  . ARG A 1 17  ? -14.335 2.563   -15.467 1.00 39.22 ? 17  ARG C CZ  1 
ATOM   139  N  NH1 . ARG A 1 17  ? -14.860 2.301   -16.666 1.00 37.60 ? 17  ARG C NH1 1 
ATOM   140  N  NH2 . ARG A 1 17  ? -15.099 3.098   -14.516 1.00 41.05 ? 17  ARG C NH2 1 
ATOM   141  N  N   . ARG A 1 18  ? -8.918  4.785   -17.560 1.00 22.33 ? 18  ARG C N   1 
ATOM   142  C  CA  . ARG A 1 18  ? -8.218  5.926   -18.076 1.00 23.37 ? 18  ARG C CA  1 
ATOM   143  C  C   . ARG A 1 18  ? -7.475  6.748   -17.033 1.00 22.91 ? 18  ARG C C   1 
ATOM   144  O  O   . ARG A 1 18  ? -7.339  7.976   -17.128 1.00 22.06 ? 18  ARG C O   1 
ATOM   145  C  CB  . ARG A 1 18  ? -9.195  6.783   -18.843 1.00 25.61 ? 18  ARG C CB  1 
ATOM   146  C  CG  . ARG A 1 18  ? -9.800  5.969   -19.992 1.00 30.34 ? 18  ARG C CG  1 
ATOM   147  C  CD  . ARG A 1 18  ? -11.097 6.537   -20.405 1.00 37.74 ? 18  ARG C CD  1 
ATOM   148  N  NE  . ARG A 1 18  ? -10.855 7.861   -20.938 1.00 40.92 ? 18  ARG C NE  1 
ATOM   149  C  CZ  . ARG A 1 18  ? -11.650 8.923   -20.759 1.00 46.76 ? 18  ARG C CZ  1 
ATOM   150  N  NH1 . ARG A 1 18  ? -12.802 8.843   -20.070 1.00 47.14 ? 18  ARG C NH1 1 
ATOM   151  N  NH2 . ARG A 1 18  ? -11.293 10.081  -21.307 1.00 47.46 ? 18  ARG C NH2 1 
ATOM   152  N  N   . ARG A 1 19  ? -6.950  6.054   -16.041 1.00 21.30 ? 19  ARG C N   1 
ATOM   153  C  CA  . ARG A 1 19  ? -6.085  6.660   -15.015 1.00 19.88 ? 19  ARG C CA  1 
ATOM   154  C  C   . ARG A 1 19  ? -4.615  6.559   -15.384 1.00 21.38 ? 19  ARG C C   1 
ATOM   155  O  O   . ARG A 1 19  ? -3.734  6.936   -14.595 1.00 21.28 ? 19  ARG C O   1 
ATOM   156  C  CB  . ARG A 1 19  ? -6.320  5.926   -13.696 1.00 19.19 ? 19  ARG C CB  1 
ATOM   157  C  CG  . ARG A 1 19  ? -7.769  5.962   -13.201 1.00 18.30 ? 19  ARG C CG  1 
ATOM   158  C  CD  . ARG A 1 19  ? -8.086  5.034   -12.019 1.00 17.37 ? 19  ARG C CD  1 
ATOM   159  N  NE  . ARG A 1 19  ? -9.517  4.998   -11.733 1.00 20.63 ? 19  ARG C NE  1 
ATOM   160  C  CZ  . ARG A 1 19  ? -10.133 4.019   -11.051 1.00 22.46 ? 19  ARG C CZ  1 
ATOM   161  N  NH1 . ARG A 1 19  ? -9.500  2.964   -10.652 1.00 20.47 ? 19  ARG C NH1 1 
ATOM   162  N  NH2 . ARG A 1 19  ? -11.401 4.066   -10.837 1.00 20.90 ? 19  ARG C NH2 1 
ATOM   163  N  N   . LEU A 1 20  ? -4.368  5.953   -16.556 1.00 21.40 ? 20  LEU C N   1 
ATOM   164  C  CA  . LEU A 1 20  ? -3.030  5.707   -17.096 1.00 22.67 ? 20  LEU C CA  1 
ATOM   165  C  C   . LEU A 1 20  ? -3.164  5.682   -18.632 1.00 23.72 ? 20  LEU C C   1 
ATOM   166  O  O   . LEU A 1 20  ? -4.058  5.006   -19.158 1.00 22.61 ? 20  LEU C O   1 
ATOM   167  C  CB  . LEU A 1 20  ? -2.504  4.348   -16.632 1.00 22.22 ? 20  LEU C CB  1 
ATOM   168  C  CG  . LEU A 1 20  ? -1.180  3.824   -17.279 1.00 21.20 ? 20  LEU C CG  1 
ATOM   169  C  CD1 . LEU A 1 20  ? -0.033  4.686   -16.873 1.00 21.30 ? 20  LEU C CD1 1 
ATOM   170  C  CD2 . LEU A 1 20  ? -0.895  2.394   -16.850 1.00 21.90 ? 20  LEU C CD2 1 
ATOM   171  N  N   . LYS A 1 21  ? -2.275  6.376   -19.329 1.00 26.52 ? 21  LYS C N   1 
ATOM   172  C  CA  . LYS A 1 21  ? -2.258  6.391   -20.796 1.00 29.06 ? 21  LYS C CA  1 
ATOM   173  C  C   . LYS A 1 21  ? -1.394  5.298   -21.318 1.00 30.30 ? 21  LYS C C   1 
ATOM   174  O  O   . LYS A 1 21  ? -0.305  5.023   -20.771 1.00 29.79 ? 21  LYS C O   1 
ATOM   175  C  CB  . LYS A 1 21  ? -1.632  7.695   -21.341 1.00 31.02 ? 21  LYS C CB  1 
ATOM   176  C  CG  . LYS A 1 21  ? -2.165  8.966   -20.777 1.00 33.28 ? 21  LYS C CG  1 
ATOM   177  C  CD  . LYS A 1 21  ? -1.679  10.129  -21.664 1.00 38.10 ? 21  LYS C CD  1 
ATOM   178  C  CE  . LYS A 1 21  ? -1.438  11.415  -20.903 1.00 39.91 ? 21  LYS C CE  1 
ATOM   179  N  NZ  . LYS A 1 21  ? -0.175  12.090  -21.370 1.00 43.00 ? 21  LYS C NZ  1 
ATOM   180  N  N   . ASP A 1 22  ? -1.815  4.712   -22.436 1.00 32.42 ? 22  ASP C N   1 
ATOM   181  C  CA  . ASP A 1 22  ? -1.125  3.562   -22.945 1.00 34.47 ? 22  ASP C CA  1 
ATOM   182  C  C   . ASP A 1 22  ? 0.254   3.958   -23.446 1.00 34.84 ? 22  ASP C C   1 
ATOM   183  O  O   . ASP A 1 22  ? 1.183   3.144   -23.376 1.00 33.84 ? 22  ASP C O   1 
ATOM   184  C  CB  . ASP A 1 22  ? -1.950  2.830   -24.010 1.00 37.13 ? 22  ASP C CB  1 
ATOM   185  C  CG  . ASP A 1 22  ? -1.954  3.516   -25.339 1.00 40.88 ? 22  ASP C CG  1 
ATOM   186  O  OD1 . ASP A 1 22  ? -2.225  4.750   -25.411 1.00 45.91 ? 22  ASP C OD1 1 
ATOM   187  O  OD2 . ASP A 1 22  ? -1.702  2.850   -26.383 1.00 49.79 ? 22  ASP C OD2 1 
ATOM   188  N  N   . THR A 1 23  ? 0.400   5.210   -23.892 1.00 35.06 ? 23  THR C N   1 
ATOM   189  C  CA  . THR A 1 23  ? 1.723   5.708   -24.315 1.00 34.89 ? 23  THR C CA  1 
ATOM   190  C  C   . THR A 1 23  ? 2.670   5.795   -23.154 1.00 33.79 ? 23  THR C C   1 
ATOM   191  O  O   . THR A 1 23  ? 3.811   5.378   -23.243 1.00 34.46 ? 23  THR C O   1 
ATOM   192  C  CB  . THR A 1 23  ? 1.638   7.070   -25.042 1.00 34.65 ? 23  THR C CB  1 
ATOM   193  O  OG1 . THR A 1 23  ? 0.900   8.020   -24.255 1.00 37.05 ? 23  THR C OG1 1 
ATOM   194  C  CG2 . THR A 1 23  ? 0.865   6.927   -26.327 1.00 34.30 ? 23  THR C CG2 1 
ATOM   195  N  N   . ASP A 1 24  ? 2.189   6.311   -22.033 1.00 33.31 ? 24  ASP C N   1 
ATOM   196  C  CA  . ASP A 1 24  ? 2.990   6.337   -20.827 1.00 32.74 ? 24  ASP C CA  1 
ATOM   197  C  C   . ASP A 1 24  ? 3.400   4.945   -20.318 1.00 32.51 ? 24  ASP C C   1 
ATOM   198  O  O   . ASP A 1 24  ? 4.524   4.732   -19.774 1.00 32.13 ? 24  ASP C O   1 
ATOM   199  C  CB  . ASP A 1 24  ? 2.234   7.046   -19.711 1.00 32.17 ? 24  ASP C CB  1 
ATOM   200  C  CG  . ASP A 1 24  ? 2.079   8.541   -19.940 1.00 35.29 ? 24  ASP C CG  1 
ATOM   201  O  OD1 . ASP A 1 24  ? 2.718   9.102   -20.865 1.00 39.13 ? 24  ASP C OD1 1 
ATOM   202  O  OD2 . ASP A 1 24  ? 1.302   9.220   -19.240 1.00 31.20 ? 24  ASP C OD2 1 
ATOM   203  N  N   . LEU A 1 25  ? 2.484   3.998   -20.436 1.00 31.57 ? 25  LEU C N   1 
ATOM   204  C  CA  . LEU A 1 25  ? 2.738   2.671   -19.917 1.00 30.73 ? 25  LEU C CA  1 
ATOM   205  C  C   . LEU A 1 25  ? 3.811   2.042   -20.756 1.00 32.15 ? 25  LEU C C   1 
ATOM   206  O  O   . LEU A 1 25  ? 4.667   1.406   -20.212 1.00 31.67 ? 25  LEU C O   1 
ATOM   207  C  CB  . LEU A 1 25  ? 1.488   1.802   -19.955 1.00 30.26 ? 25  LEU C CB  1 
ATOM   208  C  CG  . LEU A 1 25  ? 1.719   0.331   -19.639 1.00 26.76 ? 25  LEU C CG  1 
ATOM   209  C  CD1 . LEU A 1 25  ? 2.440   0.131   -18.266 1.00 27.41 ? 25  LEU C CD1 1 
ATOM   210  C  CD2 . LEU A 1 25  ? 0.350   -0.402  -19.687 1.00 27.81 ? 25  LEU C CD2 1 
ATOM   211  N  N   . VAL A 1 26  ? 3.744   2.206   -22.080 1.00 34.86 ? 26  VAL C N   1 
ATOM   212  C  CA  . VAL A 1 26  ? 4.771   1.613   -22.964 1.00 36.96 ? 26  VAL C CA  1 
ATOM   213  C  C   . VAL A 1 26  ? 6.159   2.204   -22.682 1.00 38.41 ? 26  VAL C C   1 
ATOM   214  O  O   . VAL A 1 26  ? 7.140   1.485   -22.640 1.00 38.03 ? 26  VAL C O   1 
ATOM   215  C  CB  . VAL A 1 26  ? 4.395   1.641   -24.502 1.00 38.34 ? 26  VAL C CB  1 
ATOM   216  C  CG1 . VAL A 1 26  ? 3.825   2.969   -24.947 1.00 38.53 ? 26  VAL C CG1 1 
ATOM   217  C  CG2 . VAL A 1 26  ? 5.622   1.250   -25.391 1.00 38.22 ? 26  VAL C CG2 1 
ATOM   218  N  N   . ARG A 1 27  ? 6.241   3.499   -22.396 1.00 41.00 ? 27  ARG C N   1 
ATOM   219  C  CA  . ARG A 1 27  ? 7.533   4.080   -22.024 1.00 42.40 ? 27  ARG C CA  1 
ATOM   220  C  C   . ARG A 1 27  ? 8.068   3.498   -20.705 1.00 42.40 ? 27  ARG C C   1 
ATOM   221  O  O   . ARG A 1 27  ? 9.250   3.168   -20.598 1.00 42.84 ? 27  ARG C O   1 
ATOM   222  C  CB  . ARG A 1 27  ? 7.452   5.589   -21.880 1.00 43.30 ? 27  ARG C CB  1 
ATOM   223  C  CG  . ARG A 1 27  ? 7.092   6.406   -23.135 1.00 46.95 ? 27  ARG C CG  1 
ATOM   224  C  CD  . ARG A 1 27  ? 7.115   7.942   -22.831 1.00 49.64 ? 27  ARG C CD  1 
ATOM   225  N  NE  . ARG A 1 27  ? 7.809   8.138   -21.550 1.00 53.53 ? 27  ARG C NE  1 
ATOM   226  C  CZ  . ARG A 1 27  ? 7.293   8.664   -20.435 1.00 52.85 ? 27  ARG C CZ  1 
ATOM   227  N  NH1 . ARG A 1 27  ? 6.049   9.144   -20.405 1.00 51.84 ? 27  ARG C NH1 1 
ATOM   228  N  NH2 . ARG A 1 27  ? 8.055   8.727   -19.339 1.00 52.41 ? 27  ARG C NH2 1 
ATOM   229  N  N   . ALA A 1 28  ? 7.217   3.419   -19.691 1.00 42.25 ? 28  ALA C N   1 
ATOM   230  C  CA  . ALA A 1 28  ? 7.575   2.767   -18.434 1.00 41.63 ? 28  ALA C CA  1 
ATOM   231  C  C   . ALA A 1 28  ? 7.932   1.279   -18.696 1.00 42.58 ? 28  ALA C C   1 
ATOM   232  O  O   . ALA A 1 28  ? 7.221   0.566   -19.402 1.00 41.33 ? 28  ALA C O   1 
ATOM   233  C  CB  . ALA A 1 28  ? 6.436   2.896   -17.420 1.00 41.75 ? 28  ALA C CB  1 
ATOM   234  N  N   . ARG A 1 29  ? 9.103   0.877   -18.213 1.00 43.87 ? 29  ARG C N   1 
ATOM   235  C  CA  . ARG A 1 29  ? 9.626   -0.520  -18.218 1.00 45.80 ? 29  ARG C CA  1 
ATOM   236  C  C   . ARG A 1 29  ? 11.057  -0.432  -17.634 1.00 46.44 ? 29  ARG C C   1 
ATOM   237  O  O   . ARG A 1 29  ? 11.993  -0.062  -18.329 1.00 46.74 ? 29  ARG C O   1 
ATOM   238  C  CB  . ARG A 1 29  ? 9.664   -1.268  -19.585 1.00 45.54 ? 29  ARG C CB  1 
ATOM   239  C  CG  . ARG A 1 29  ? 8.803   -0.785  -20.734 1.00 46.25 ? 29  ARG C CG  1 
ATOM   240  C  CD  . ARG A 1 29  ? 9.402   0.317   -21.569 1.00 44.18 ? 29  ARG C CD  1 
ATOM   241  N  NE  . ARG A 1 29  ? 10.831  0.085   -21.753 1.00 45.73 ? 29  ARG C NE  1 
ATOM   242  C  CZ  . ARG A 1 29  ? 11.804  0.592   -20.994 1.00 43.91 ? 29  ARG C CZ  1 
ATOM   243  N  NH1 . ARG A 1 29  ? 11.566  1.444   -19.998 1.00 42.83 ? 29  ARG C NH1 1 
ATOM   244  N  NH2 . ARG A 1 29  ? 13.052  0.234   -21.246 1.00 45.29 ? 29  ARG C NH2 1 
ATOM   245  N  N   . GLN A 1 30  ? 11.204  -0.708  -16.338 1.00 47.17 ? 30  GLN C N   1 
ATOM   246  C  CA  . GLN A 1 30  ? 12.413  -0.348  -15.614 1.00 47.48 ? 30  GLN C CA  1 
ATOM   247  C  C   . GLN A 1 30  ? 13.276  0.678   -16.395 1.00 46.81 ? 30  GLN C C   1 
ATOM   248  O  O   . GLN A 1 30  ? 12.862  1.220   -17.421 1.00 47.02 ? 30  GLN C O   1 
ATOM   249  C  CB  . GLN A 1 30  ? 13.222  -1.612  -15.281 1.00 46.84 ? 30  GLN C CB  1 
ATOM   250  C  CG  . GLN A 1 30  ? 13.361  -2.577  -16.462 1.00 48.49 ? 30  GLN C CG  1 
ATOM   251  C  CD  . GLN A 1 30  ? 14.825  -2.910  -16.805 1.00 51.65 ? 30  GLN C CD  1 
ATOM   252  O  OE1 . GLN A 1 30  ? 15.750  -2.781  -15.963 1.00 50.48 ? 30  GLN C OE1 1 
ATOM   253  N  NE2 . GLN A 1 30  ? 15.029  -3.333  -18.047 1.00 51.22 ? 30  GLN C NE2 1 
ATOM   254  N  N   . GLU A 1 34  ? 14.303  1.159   -13.856 1.00 62.01 ? 34  GLU C N   1 
ATOM   255  C  CA  . GLU A 1 34  ? 15.357  0.208   -13.514 1.00 61.89 ? 34  GLU C CA  1 
ATOM   256  C  C   . GLU A 1 34  ? 16.112  0.716   -12.308 1.00 61.99 ? 34  GLU C C   1 
ATOM   257  O  O   . GLU A 1 34  ? 17.372  0.692   -12.295 1.00 62.84 ? 34  GLU C O   1 
ATOM   258  C  CB  . GLU A 1 34  ? 16.330  -0.021  -14.709 1.00 61.86 ? 34  GLU C CB  1 
ATOM   259  N  N   . SER A 1 35  ? 15.363  1.175   -11.302 1.00 60.94 ? 35  SER C N   1 
ATOM   260  C  CA  . SER A 1 35  ? 15.957  1.834   -10.124 1.00 60.90 ? 35  SER C CA  1 
ATOM   261  C  C   . SER A 1 35  ? 16.204  0.747   -9.086  1.00 60.13 ? 35  SER C C   1 
ATOM   262  O  O   . SER A 1 35  ? 17.304  0.612   -8.534  1.00 60.77 ? 35  SER C O   1 
ATOM   263  C  CB  . SER A 1 35  ? 15.051  2.916   -9.585  1.00 61.12 ? 35  SER C CB  1 
ATOM   264  N  N   . GLY A 1 36  ? 15.117  0.058   -8.777  1.00 58.40 ? 36  GLY C N   1 
ATOM   265  C  CA  . GLY A 1 36  ? 15.050  -1.394  -8.763  1.00 56.75 ? 36  GLY C CA  1 
ATOM   266  C  C   . GLY A 1 36  ? 13.710  -1.526  -9.456  1.00 54.88 ? 36  GLY C C   1 
ATOM   267  O  O   . GLY A 1 36  ? 13.583  -1.704  -10.682 1.00 55.39 ? 36  GLY C O   1 
HETATM 268  N  N   . MSE A 1 37  ? 12.692  -1.362  -8.624  1.00 51.87 ? 37  MSE C N   1 
HETATM 269  C  CA  . MSE A 1 37  ? 11.436  -0.759  -9.013  1.00 48.42 ? 37  MSE C CA  1 
HETATM 270  C  C   . MSE A 1 37  ? 10.459  -1.648  -9.763  1.00 44.06 ? 37  MSE C C   1 
HETATM 271  O  O   . MSE A 1 37  ? 10.644  -1.980  -10.944 1.00 42.47 ? 37  MSE C O   1 
HETATM 272  C  CB  . MSE A 1 37  ? 11.704  0.509   -9.809  1.00 49.48 ? 37  MSE C CB  1 
HETATM 273  C  CG  . MSE A 1 37  ? 10.613  1.512   -9.667  1.00 51.09 ? 37  MSE C CG  1 
HETATM 274  SE SE  . MSE A 1 37  ? 11.334  3.243   -9.405  1.00 58.08 ? 37  MSE C SE  1 
HETATM 275  C  CE  . MSE A 1 37  ? 10.800  3.531   -7.484  1.00 53.72 ? 37  MSE C CE  1 
ATOM   276  N  N   . GLY A 1 38  ? 9.402   -2.000  -9.046  1.00 40.02 ? 38  GLY C N   1 
ATOM   277  C  CA  . GLY A 1 38  ? 8.239   -2.622  -9.657  1.00 36.98 ? 38  GLY C CA  1 
ATOM   278  C  C   . GLY A 1 38  ? 7.622   -1.719  -10.722 1.00 32.91 ? 38  GLY C C   1 
ATOM   279  O  O   . GLY A 1 38  ? 7.922   -0.537  -10.798 1.00 31.11 ? 38  GLY C O   1 
ATOM   280  N  N   . LEU A 1 39  ? 6.735   -2.276  -11.525 1.00 29.65 ? 39  LEU C N   1 
ATOM   281  C  CA  . LEU A 1 39  ? 6.118   -1.503  -12.603 1.00 28.06 ? 39  LEU C CA  1 
ATOM   282  C  C   . LEU A 1 39  ? 5.280   -0.379  -12.005 1.00 25.12 ? 39  LEU C C   1 
ATOM   283  O  O   . LEU A 1 39  ? 5.414   0.791   -12.417 1.00 22.76 ? 39  LEU C O   1 
ATOM   284  C  CB  . LEU A 1 39  ? 5.291   -2.396  -13.560 1.00 28.98 ? 39  LEU C CB  1 
ATOM   285  C  CG  . LEU A 1 39  ? 4.515   -1.684  -14.671 1.00 28.37 ? 39  LEU C CG  1 
ATOM   286  C  CD1 . LEU A 1 39  ? 5.446   -0.709  -15.449 1.00 28.81 ? 39  LEU C CD1 1 
ATOM   287  C  CD2 . LEU A 1 39  ? 3.930   -2.715  -15.582 1.00 31.08 ? 39  LEU C CD2 1 
ATOM   288  N  N   . LEU A 1 40  ? 4.429   -0.691  -11.026 1.00 20.77 ? 40  LEU C N   1 
ATOM   289  C  CA  . LEU A 1 40  ? 3.536   0.337   -10.514 1.00 19.88 ? 40  LEU C CA  1 
ATOM   290  C  C   . LEU A 1 40  ? 4.312   1.449   -9.753  1.00 21.55 ? 40  LEU C C   1 
ATOM   291  O  O   . LEU A 1 40  ? 4.007   2.623   -9.835  1.00 19.61 ? 40  LEU C O   1 
ATOM   292  C  CB  . LEU A 1 40  ? 2.497   -0.269  -9.574  1.00 20.85 ? 40  LEU C CB  1 
ATOM   293  C  CG  . LEU A 1 40  ? 1.414   -1.077  -10.307 1.00 19.21 ? 40  LEU C CG  1 
ATOM   294  C  CD1 . LEU A 1 40  ? 0.638   -1.917  -9.309  1.00 23.03 ? 40  LEU C CD1 1 
ATOM   295  C  CD2 . LEU A 1 40  ? 0.462   -0.118  -11.049 1.00 17.96 ? 40  LEU C CD2 1 
ATOM   296  N  N   . ALA A 1 41  ? 5.299   1.019   -8.995  1.00 23.13 ? 41  ALA C N   1 
ATOM   297  C  CA  . ALA A 1 41  ? 6.377   1.911   -8.438  1.00 25.17 ? 41  ALA C CA  1 
ATOM   298  C  C   . ALA A 1 41  ? 6.988   2.827   -9.471  1.00 25.32 ? 41  ALA C C   1 
ATOM   299  O  O   . ALA A 1 41  ? 7.069   4.006   -9.233  1.00 28.83 ? 41  ALA C O   1 
ATOM   300  C  CB  . ALA A 1 41  ? 7.499   1.016   -7.790  1.00 25.00 ? 41  ALA C CB  1 
ATOM   301  N  N   . LEU A 1 42  ? 7.357   2.311   -10.634 1.00 26.85 ? 42  LEU C N   1 
ATOM   302  C  CA  . LEU A 1 42  ? 8.037   3.111   -11.639 1.00 27.11 ? 42  LEU C CA  1 
ATOM   303  C  C   . LEU A 1 42  ? 7.072   4.149   -12.220 1.00 27.54 ? 42  LEU C C   1 
ATOM   304  O  O   . LEU A 1 42  ? 7.439   5.321   -12.354 1.00 27.61 ? 42  LEU C O   1 
ATOM   305  C  CB  . LEU A 1 42  ? 8.583   2.248   -12.739 1.00 28.31 ? 42  LEU C CB  1 
ATOM   306  C  CG  . LEU A 1 42  ? 9.356   2.943   -13.851 1.00 29.25 ? 42  LEU C CG  1 
ATOM   307  C  CD1 . LEU A 1 42  ? 10.602  3.607   -13.260 1.00 34.47 ? 42  LEU C CD1 1 
ATOM   308  C  CD2 . LEU A 1 42  ? 9.708   1.946   -14.919 1.00 33.88 ? 42  LEU C CD2 1 
ATOM   309  N  N   . LEU A 1 43  ? 5.836   3.715   -12.514 1.00 24.70 ? 43  LEU C N   1 
ATOM   310  C  CA  . LEU A 1 43  ? 4.764   4.615   -12.938 1.00 24.03 ? 43  LEU C CA  1 
ATOM   311  C  C   . LEU A 1 43  ? 4.499   5.731   -11.968 1.00 24.13 ? 43  LEU C C   1 
ATOM   312  O  O   . LEU A 1 43  ? 4.277   6.877   -12.368 1.00 24.17 ? 43  LEU C O   1 
ATOM   313  C  CB  . LEU A 1 43  ? 3.441   3.822   -13.222 1.00 23.32 ? 43  LEU C CB  1 
ATOM   314  C  CG  . LEU A 1 43  ? 3.509   2.812   -14.367 1.00 22.23 ? 43  LEU C CG  1 
ATOM   315  C  CD1 . LEU A 1 43  ? 2.309   1.875   -14.377 1.00 21.26 ? 43  LEU C CD1 1 
ATOM   316  C  CD2 . LEU A 1 43  ? 3.618   3.563   -15.738 1.00 23.18 ? 43  LEU C CD2 1 
ATOM   317  N  N   . GLY A 1 44  ? 4.496   5.429   -10.680 1.00 24.93 ? 44  GLY C N   1 
ATOM   318  C  CA  . GLY A 1 44  ? 4.346   6.453   -9.685  1.00 26.52 ? 44  GLY C CA  1 
ATOM   319  C  C   . GLY A 1 44  ? 5.538   7.412   -9.709  1.00 29.55 ? 44  GLY C C   1 
ATOM   320  O  O   . GLY A 1 44  ? 5.363   8.640   -9.587  1.00 29.90 ? 44  GLY C O   1 
ATOM   321  N  N   . ARG A 1 45  ? 6.744   6.860   -9.887  1.00 32.22 ? 45  ARG C N   1 
ATOM   322  C  CA  . ARG A 1 45  ? 7.975   7.660   -9.798  1.00 34.28 ? 45  ARG C CA  1 
ATOM   323  C  C   . ARG A 1 45  ? 8.157   8.518   -11.046 1.00 33.59 ? 45  ARG C C   1 
ATOM   324  O  O   . ARG A 1 45  ? 8.743   9.579   -10.949 1.00 33.84 ? 45  ARG C O   1 
ATOM   325  C  CB  . ARG A 1 45  ? 9.212   6.773   -9.631  1.00 35.36 ? 45  ARG C CB  1 
ATOM   326  C  CG  . ARG A 1 45  ? 10.553  7.530   -9.325  1.00 40.87 ? 45  ARG C CG  1 
ATOM   327  C  CD  . ARG A 1 45  ? 11.825  6.872   -9.988  1.00 46.44 ? 45  ARG C CD  1 
ATOM   328  N  NE  . ARG A 1 45  ? 13.133  7.437   -9.575  1.00 50.12 ? 45  ARG C NE  1 
ATOM   329  C  CZ  . ARG A 1 45  ? 13.691  7.323   -8.367  1.00 53.45 ? 45  ARG C CZ  1 
ATOM   330  N  NH1 . ARG A 1 45  ? 13.084  6.658   -7.377  1.00 55.61 ? 45  ARG C NH1 1 
ATOM   331  N  NH2 . ARG A 1 45  ? 14.879  7.890   -8.135  1.00 55.55 ? 45  ARG C NH2 1 
ATOM   332  N  N   . LEU A 1 46  ? 7.693   8.048   -12.208 1.00 32.40 ? 46  LEU C N   1 
ATOM   333  C  CA  . LEU A 1 46  ? 7.693   8.843   -13.424 1.00 31.07 ? 46  LEU C CA  1 
ATOM   334  C  C   . LEU A 1 46  ? 6.549   9.898   -13.485 1.00 30.65 ? 46  LEU C C   1 
ATOM   335  O  O   . LEU A 1 46  ? 6.433   10.637  -14.463 1.00 30.70 ? 46  LEU C O   1 
ATOM   336  C  CB  . LEU A 1 46  ? 7.648   7.939   -14.636 1.00 31.33 ? 46  LEU C CB  1 
ATOM   337  C  CG  . LEU A 1 46  ? 8.913   7.119   -14.901 1.00 32.26 ? 46  LEU C CG  1 
ATOM   338  C  CD1 . LEU A 1 46  ? 8.653   6.023   -15.891 1.00 30.76 ? 46  LEU C CD1 1 
ATOM   339  C  CD2 . LEU A 1 46  ? 9.996   8.021   -15.449 1.00 34.10 ? 46  LEU C CD2 1 
ATOM   340  N  N   . GLY A 1 47  ? 5.738   9.989   -12.444 1.00 28.44 ? 47  GLY C N   1 
ATOM   341  C  CA  . GLY A 1 47  ? 4.602   10.899  -12.418 1.00 28.14 ? 47  GLY C CA  1 
ATOM   342  C  C   . GLY A 1 47  ? 3.408   10.512  -13.318 1.00 25.79 ? 47  GLY C C   1 
ATOM   343  O  O   . GLY A 1 47  ? 2.552   11.359  -13.666 1.00 24.51 ? 47  GLY C O   1 
ATOM   344  N  N   . LEU A 1 48  ? 3.305   9.247   -13.674 1.00 21.78 ? 48  LEU C N   1 
ATOM   345  C  CA  . LEU A 1 48  ? 2.310   8.853   -14.655 1.00 21.42 ? 48  LEU C CA  1 
ATOM   346  C  C   . LEU A 1 48  ? 1.018   8.300   -14.079 1.00 19.99 ? 48  LEU C C   1 
ATOM   347  O  O   . LEU A 1 48  ? 0.065   8.047   -14.852 1.00 19.13 ? 48  LEU C O   1 
ATOM   348  C  CB  . LEU A 1 48  ? 2.910   7.827   -15.631 1.00 22.34 ? 48  LEU C CB  1 
ATOM   349  C  CG  . LEU A 1 48  ? 4.301   8.199   -16.210 1.00 26.32 ? 48  LEU C CG  1 
ATOM   350  C  CD1 . LEU A 1 48  ? 4.844   7.041   -17.057 1.00 26.06 ? 48  LEU C CD1 1 
ATOM   351  C  CD2 . LEU A 1 48  ? 4.313   9.492   -16.991 1.00 29.48 ? 48  LEU C CD2 1 
ATOM   352  N  N   . VAL A 1 49  ? 1.028   7.939   -12.796 1.00 18.06 ? 49  VAL C N   1 
ATOM   353  C  CA  . VAL A 1 49  ? -0.196  7.483   -12.101 1.00 16.51 ? 49  VAL C CA  1 
ATOM   354  C  C   . VAL A 1 49  ? -0.201  8.238   -10.799 1.00 15.58 ? 49  VAL C C   1 
ATOM   355  O  O   . VAL A 1 49  ? 0.770   8.227   -10.060 1.00 15.04 ? 49  VAL C O   1 
ATOM   356  C  CB  . VAL A 1 49  ? -0.185  5.941   -11.852 1.00 17.26 ? 49  VAL C CB  1 
ATOM   357  C  CG1 . VAL A 1 49  ? -1.309  5.466   -10.941 1.00 17.37 ? 49  VAL C CG1 1 
ATOM   358  C  CG2 . VAL A 1 49  ? -0.258  5.267   -13.165 1.00 18.00 ? 49  VAL C CG2 1 
ATOM   359  N  N   . SER A 1 50  ? -1.274  8.947   -10.512 1.00 12.93 ? 50  SER C N   1 
ATOM   360  C  CA  . SER A 1 50  ? -1.388  9.632   -9.215  1.00 14.15 ? 50  SER C CA  1 
ATOM   361  C  C   . SER A 1 50  ? -1.495  8.664   -8.034  1.00 14.36 ? 50  SER C C   1 
ATOM   362  O  O   . SER A 1 50  ? -1.967  7.521   -8.189  1.00 14.78 ? 50  SER C O   1 
ATOM   363  C  CB  . SER A 1 50  ? -2.601  10.585  -9.189  1.00 13.48 ? 50  SER C CB  1 
ATOM   364  O  OG  . SER A 1 50  ? -3.844  9.876   -9.063  1.00 12.19 ? 50  SER C OG  1 
ATOM   365  N  N   . GLU A 1 51  ? -1.056  9.131   -6.856  1.00 13.63 ? 51  GLU C N   1 
ATOM   366  C  CA  . GLU A 1 51  ? -1.228  8.339   -5.646  1.00 13.69 ? 51  GLU C CA  1 
ATOM   367  C  C   . GLU A 1 51  ? -2.652  7.969   -5.397  1.00 13.49 ? 51  GLU C C   1 
ATOM   368  O  O   . GLU A 1 51  ? -2.952  6.831   -5.026  1.00 13.49 ? 51  GLU C O   1 
ATOM   369  C  CB  . GLU A 1 51  ? -0.705  9.099   -4.430  1.00 14.39 ? 51  GLU C CB  1 
ATOM   370  C  CG  . GLU A 1 51  ? 0.805   9.166   -4.399  1.00 18.43 ? 51  GLU C CG  1 
ATOM   371  C  CD  . GLU A 1 51  ? 1.343   9.632   -3.021  1.00 22.14 ? 51  GLU C CD  1 
ATOM   372  O  OE1 . GLU A 1 51  ? 0.527   9.840   -2.074  1.00 16.40 ? 51  GLU C OE1 1 
ATOM   373  O  OE2 . GLU A 1 51  ? 2.601   9.763   -2.894  1.00 24.87 ? 51  GLU C OE2 1 
ATOM   374  N  N   . ARG A 1 52  ? -3.581  8.906   -5.637  1.00 12.49 ? 52  ARG C N   1 
ATOM   375  C  CA  . ARG A 1 52  ? -4.975  8.598   -5.494  1.00 10.52 ? 52  ARG C CA  1 
ATOM   376  C  C   . ARG A 1 52  ? -5.481  7.467   -6.401  1.00 11.02 ? 52  ARG C C   1 
ATOM   377  O  O   . ARG A 1 52  ? -6.174  6.552   -5.933  1.00 9.80  ? 52  ARG C O   1 
ATOM   378  C  CB  . ARG A 1 52  ? -5.848  9.846   -5.646  1.00 11.48 ? 52  ARG C CB  1 
ATOM   379  C  CG  . ARG A 1 52  ? -7.320  9.523   -5.458  1.00 11.94 ? 52  ARG C CG  1 
ATOM   380  C  CD  . ARG A 1 52  ? -8.229  10.762  -5.232  1.00 14.77 ? 52  ARG C CD  1 
ATOM   381  N  NE  . ARG A 1 52  ? -7.847  11.338  -3.970  1.00 14.76 ? 52  ARG C NE  1 
ATOM   382  C  CZ  . ARG A 1 52  ? -8.259  10.877  -2.782  1.00 17.03 ? 52  ARG C CZ  1 
ATOM   383  N  NH1 . ARG A 1 52  ? -7.804  11.444  -1.704  1.00 17.65 ? 52  ARG C NH1 1 
ATOM   384  N  NH2 . ARG A 1 52  ? -9.080  9.865   -2.663  1.00 19.29 ? 52  ARG C NH2 1 
ATOM   385  N  N   . ASP A 1 53  ? -5.117  7.504   -7.677  1.00 11.44 ? 53  ASP C N   1 
ATOM   386  C  CA  . ASP A 1 53  ? -5.562  6.514   -8.635  1.00 11.77 ? 53  ASP C CA  1 
ATOM   387  C  C   . ASP A 1 53  ? -4.854  5.177   -8.394  1.00 12.11 ? 53  ASP C C   1 
ATOM   388  O  O   . ASP A 1 53  ? -5.457  4.138   -8.638  1.00 12.00 ? 53  ASP C O   1 
ATOM   389  C  CB  . ASP A 1 53  ? -5.248  6.925   -10.054 1.00 11.22 ? 53  ASP C CB  1 
ATOM   390  C  CG  . ASP A 1 53  ? -6.230  7.992   -10.613 1.00 17.03 ? 53  ASP C CG  1 
ATOM   391  O  OD1 . ASP A 1 53  ? -7.353  8.095   -10.133 1.00 15.28 ? 53  ASP C OD1 1 
ATOM   392  O  OD2 . ASP A 1 53  ? -5.880  8.756   -11.527 1.00 12.15 ? 53  ASP C OD2 1 
ATOM   393  N  N   . HIS A 1 54  ? -3.608  5.224   -7.928  1.00 12.24 ? 54  HIS C N   1 
ATOM   394  C  CA  . HIS A 1 54  ? -2.922  4.010   -7.473  1.00 12.24 ? 54  HIS C CA  1 
ATOM   395  C  C   . HIS A 1 54  ? -3.723  3.332   -6.356  1.00 11.34 ? 54  HIS C C   1 
ATOM   396  O  O   . HIS A 1 54  ? -4.161  2.146   -6.494  1.00 12.94 ? 54  HIS C O   1 
ATOM   397  C  CB  . HIS A 1 54  ? -1.474  4.277   -7.063  1.00 12.54 ? 54  HIS C CB  1 
ATOM   398  C  CG  . HIS A 1 54  ? -0.806  3.053   -6.497  1.00 23.04 ? 54  HIS C CG  1 
ATOM   399  N  ND1 . HIS A 1 54  ? -1.436  1.834   -6.459  1.00 43.58 ? 54  HIS C ND1 1 
ATOM   400  C  CD2 . HIS A 1 54  ? 0.404   2.843   -5.959  1.00 38.34 ? 54  HIS C CD2 1 
ATOM   401  C  CE1 . HIS A 1 54  ? -0.638  0.937   -5.904  1.00 42.22 ? 54  HIS C CE1 1 
ATOM   402  N  NE2 . HIS A 1 54  ? 0.467   1.532   -5.549  1.00 29.78 ? 54  HIS C NE2 1 
ATOM   403  N  N   . ALA A 1 55  ? -3.960  4.056   -5.273  1.00 11.48 ? 55  ALA C N   1 
ATOM   404  C  CA  . ALA A 1 55  ? -4.751  3.559   -4.123  1.00 12.60 ? 55  ALA C CA  1 
ATOM   405  C  C   . ALA A 1 55  ? -6.120  3.050   -4.562  1.00 14.04 ? 55  ALA C C   1 
ATOM   406  O  O   . ALA A 1 55  ? -6.577  1.917   -4.203  1.00 13.74 ? 55  ALA C O   1 
ATOM   407  C  CB  . ALA A 1 55  ? -4.923  4.667   -3.045  1.00 12.37 ? 55  ALA C CB  1 
ATOM   408  N  N   . GLU A 1 56  ? -6.839  3.896   -5.307  1.00 14.55 ? 56  GLU C N   1 
ATOM   409  C  CA  . GLU A 1 56  ? -8.150  3.517   -5.796  1.00 15.93 ? 56  GLU C CA  1 
ATOM   410  C  C   . GLU A 1 56  ? -8.260  2.192   -6.504  1.00 15.57 ? 56  GLU C C   1 
ATOM   411  O  O   . GLU A 1 56  ? -9.167  1.334   -6.215  1.00 14.43 ? 56  GLU C O   1 
ATOM   412  C  CB  . GLU A 1 56  ? -8.658  4.584   -6.789  1.00 17.12 ? 56  GLU C CB  1 
ATOM   413  C  CG  . GLU A 1 56  ? -10.110 4.342   -7.213  1.00 19.93 ? 56  GLU C CG  1 
ATOM   414  C  CD  . GLU A 1 56  ? -11.121 5.055   -6.329  1.00 29.52 ? 56  GLU C CD  1 
ATOM   415  O  OE1 . GLU A 1 56  ? -10.701 5.574   -5.240  1.00 30.16 ? 56  GLU C OE1 1 
ATOM   416  O  OE2 . GLU A 1 56  ? -12.318 5.115   -6.741  1.00 25.56 ? 56  GLU C OE2 1 
ATOM   417  N  N   . THR A 1 57  ? -7.331  2.012   -7.440  1.00 14.13 ? 57  THR C N   1 
ATOM   418  C  CA  . THR A 1 57  ? -7.315  0.857   -8.265  1.00 14.23 ? 57  THR C CA  1 
ATOM   419  C  C   . THR A 1 57  ? -6.903  -0.400  -7.486  1.00 13.70 ? 57  THR C C   1 
ATOM   420  O  O   . THR A 1 57  ? -7.461  -1.463  -7.716  1.00 12.37 ? 57  THR C O   1 
ATOM   421  C  CB  . THR A 1 57  ? -6.419  1.117   -9.468  1.00 15.29 ? 57  THR C CB  1 
ATOM   422  O  OG1 . THR A 1 57  ? -6.900  2.329   -10.071 1.00 15.96 ? 57  THR C OG1 1 
ATOM   423  C  CG2 . THR A 1 57  ? -6.653  0.004   -10.525 1.00 16.16 ? 57  THR C CG2 1 
ATOM   424  N  N   . CYS A 1 58  ? -5.863  -0.282  -6.645  1.00 13.46 ? 58  CYS C N   1 
ATOM   425  C  CA  . CYS A 1 58  ? -5.485  -1.359  -5.739  1.00 12.91 ? 58  CYS C CA  1 
ATOM   426  C  C   . CYS A 1 58  ? -6.724  -1.816  -4.949  1.00 13.33 ? 58  CYS C C   1 
ATOM   427  O  O   . CYS A 1 58  ? -7.028  -3.000  -4.874  1.00 12.39 ? 58  CYS C O   1 
ATOM   428  C  CB  . CYS A 1 58  ? -4.406  -0.868  -4.775  1.00 12.02 ? 58  CYS C CB  1 
ATOM   429  S  SG  . CYS A 1 58  ? -2.805  -0.748  -5.515  1.00 14.82 ? 58  CYS C SG  1 
ATOM   430  N  N   . ALA A 1 59  ? -7.494  -0.877  -4.435  1.00 14.39 ? 59  ALA C N   1 
ATOM   431  C  CA  . ALA A 1 59  ? -8.659  -1.211  -3.648  1.00 15.46 ? 59  ALA C CA  1 
ATOM   432  C  C   . ALA A 1 59  ? -9.748  -1.899  -4.452  1.00 15.56 ? 59  ALA C C   1 
ATOM   433  O  O   . ALA A 1 59  ? -10.294 -2.890  -3.992  1.00 14.85 ? 59  ALA C O   1 
ATOM   434  C  CB  . ALA A 1 59  ? -9.204  0.015   -2.995  1.00 17.43 ? 59  ALA C CB  1 
ATOM   435  N  N   . GLU A 1 60  ? -10.005 -1.437  -5.674  1.00 16.12 ? 60  GLU C N   1 
ATOM   436  C  CA  . GLU A 1 60  ? -10.966 -2.087  -6.543  1.00 16.44 ? 60  GLU C CA  1 
ATOM   437  C  C   . GLU A 1 60  ? -10.551 -3.456  -6.845  1.00 15.11 ? 60  GLU C C   1 
ATOM   438  O  O   . GLU A 1 60  ? -11.375 -4.316  -6.884  1.00 17.09 ? 60  GLU C O   1 
ATOM   439  C  CB  . GLU A 1 60  ? -11.136 -1.430  -7.921  1.00 16.93 ? 60  GLU C CB  1 
ATOM   440  C  CG  . GLU A 1 60  ? -11.783 -0.086  -7.918  1.00 19.03 ? 60  GLU C CG  1 
ATOM   441  C  CD  . GLU A 1 60  ? -11.589 0.686   -9.257  1.00 21.59 ? 60  GLU C CD  1 
ATOM   442  O  OE1 . GLU A 1 60  ? -10.776 0.331   -10.180 1.00 21.08 ? 60  GLU C OE1 1 
ATOM   443  O  OE2 . GLU A 1 60  ? -12.322 1.646   -9.410  1.00 19.45 ? 60  GLU C OE2 1 
ATOM   444  N  N   . VAL A 1 61  ? -9.301  -3.676  -7.199  1.00 13.60 ? 61  VAL C N   1 
ATOM   445  C  CA  . VAL A 1 61  ? -8.946  -4.970  -7.734  1.00 13.42 ? 61  VAL C CA  1 
ATOM   446  C  C   . VAL A 1 61  ? -8.937  -5.983  -6.635  1.00 13.41 ? 61  VAL C C   1 
ATOM   447  O  O   . VAL A 1 61  ? -9.296  -7.182  -6.852  1.00 14.65 ? 61  VAL C O   1 
ATOM   448  C  CB  . VAL A 1 61  ? -7.596  -4.971  -8.488  1.00 13.10 ? 61  VAL C CB  1 
ATOM   449  C  CG1 . VAL A 1 61  ? -7.106  -6.341  -8.697  1.00 11.87 ? 61  VAL C CG1 1 
ATOM   450  C  CG2 . VAL A 1 61  ? -7.751  -4.218  -9.825  1.00 17.75 ? 61  VAL C CG2 1 
ATOM   451  N  N   . LEU A 1 62  ? -8.543  -5.540  -5.448  1.00 12.27 ? 62  LEU C N   1 
ATOM   452  C  CA  . LEU A 1 62  ? -8.345  -6.473  -4.343  1.00 11.78 ? 62  LEU C CA  1 
ATOM   453  C  C   . LEU A 1 62  ? -9.565  -6.512  -3.402  1.00 11.53 ? 62  LEU C C   1 
ATOM   454  O  O   . LEU A 1 62  ? -9.603  -7.328  -2.488  1.00 11.04 ? 62  LEU C O   1 
ATOM   455  C  CB  . LEU A 1 62  ? -7.047  -6.166  -3.587  1.00 11.36 ? 62  LEU C CB  1 
ATOM   456  C  CG  . LEU A 1 62  ? -5.733  -6.464  -4.305  1.00 14.56 ? 62  LEU C CG  1 
ATOM   457  C  CD1 . LEU A 1 62  ? -4.591  -5.850  -3.470  1.00 13.37 ? 62  LEU C CD1 1 
ATOM   458  C  CD2 . LEU A 1 62  ? -5.497  -7.974  -4.540  1.00 16.76 ? 62  LEU C CD2 1 
ATOM   459  N  N   . GLY A 1 63  ? -10.568 -5.660  -3.629  1.00 11.27 ? 63  GLY C N   1 
ATOM   460  C  CA  . GLY A 1 63  ? -11.754 -5.643  -2.798  1.00 10.64 ? 63  GLY C CA  1 
ATOM   461  C  C   . GLY A 1 63  ? -11.516 -5.144  -1.390  1.00 9.77  ? 63  GLY C C   1 
ATOM   462  O  O   . GLY A 1 63  ? -12.213 -5.507  -0.476  1.00 10.54 ? 63  GLY C O   1 
ATOM   463  N  N   . LEU A 1 64  ? -10.501 -4.292  -1.214  1.00 11.94 ? 64  LEU C N   1 
ATOM   464  C  CA  . LEU A 1 64  ? -10.099 -3.873  0.105   1.00 11.00 ? 64  LEU C CA  1 
ATOM   465  C  C   . LEU A 1 64  ? -10.653 -2.484  0.354   1.00 11.94 ? 64  LEU C C   1 
ATOM   466  O  O   . LEU A 1 64  ? -10.789 -1.672  -0.582  1.00 11.96 ? 64  LEU C O   1 
ATOM   467  C  CB  . LEU A 1 64  ? -8.557  -3.792  0.193   1.00 10.35 ? 64  LEU C CB  1 
ATOM   468  C  CG  . LEU A 1 64  ? -7.810  -5.137  0.273   1.00 11.54 ? 64  LEU C CG  1 
ATOM   469  C  CD1 . LEU A 1 64  ? -6.354  -4.911  0.027   1.00 10.78 ? 64  LEU C CD1 1 
ATOM   470  C  CD2 . LEU A 1 64  ? -8.072  -5.921  1.536   1.00 13.84 ? 64  LEU C CD2 1 
ATOM   471  N  N   . PRO A 1 65  ? -10.869 -2.181  1.619   1.00 11.59 ? 65  PRO C N   1 
ATOM   472  C  CA  . PRO A 1 65  ? -11.326 -0.848  2.001   1.00 12.74 ? 65  PRO C CA  1 
ATOM   473  C  C   . PRO A 1 65  ? -10.230 0.200   1.841   1.00 11.35 ? 65  PRO C C   1 
ATOM   474  O  O   . PRO A 1 65  ? -9.058  -0.081  1.928   1.00 9.75  ? 65  PRO C O   1 
ATOM   475  C  CB  . PRO A 1 65  ? -11.697 -1.016  3.471   1.00 11.46 ? 65  PRO C CB  1 
ATOM   476  C  CG  . PRO A 1 65  ? -10.697 -2.069  3.950   1.00 12.97 ? 65  PRO C CG  1 
ATOM   477  C  CD  . PRO A 1 65  ? -10.666 -3.035  2.802   1.00 12.23 ? 65  PRO C CD  1 
ATOM   478  N  N   . LEU A 1 66  ? -10.672 1.423   1.647   1.00 11.30 ? 66  LEU C N   1 
ATOM   479  C  CA  . LEU A 1 66  ? -9.843  2.593   1.525   1.00 13.11 ? 66  LEU C CA  1 
ATOM   480  C  C   . LEU A 1 66  ? -10.009 3.419   2.815   1.00 14.90 ? 66  LEU C C   1 
ATOM   481  O  O   . LEU A 1 66  ? -11.117 3.545   3.329   1.00 15.53 ? 66  LEU C O   1 
ATOM   482  C  CB  . LEU A 1 66  ? -10.263 3.447   0.329   1.00 13.54 ? 66  LEU C CB  1 
ATOM   483  C  CG  . LEU A 1 66  ? -9.992  2.892   -1.050  1.00 18.29 ? 66  LEU C CG  1 
ATOM   484  C  CD1 . LEU A 1 66  ? -10.922 3.469   -2.093  1.00 21.94 ? 66  LEU C CD1 1 
ATOM   485  C  CD2 . LEU A 1 66  ? -8.582  3.154   -1.434  1.00 20.99 ? 66  LEU C CD2 1 
ATOM   486  N  N   . VAL A 1 67  ? -8.880  3.901   3.361   1.00 14.36 ? 67  VAL C N   1 
ATOM   487  C  CA  . VAL A 1 67  ? -8.864  4.656   4.606   1.00 13.18 ? 67  VAL C CA  1 
ATOM   488  C  C   . VAL A 1 67  ? -8.060  5.923   4.338   1.00 14.24 ? 67  VAL C C   1 
ATOM   489  O  O   . VAL A 1 67  ? -7.067  5.927   3.601   1.00 12.45 ? 67  VAL C O   1 
ATOM   490  C  CB  . VAL A 1 67  ? -8.287  3.849   5.785   1.00 12.59 ? 67  VAL C CB  1 
ATOM   491  C  CG1 . VAL A 1 67  ? -7.797  4.763   6.944   1.00 15.61 ? 67  VAL C CG1 1 
ATOM   492  C  CG2 . VAL A 1 67  ? -9.255  2.819   6.260   1.00 14.62 ? 67  VAL C CG2 1 
ATOM   493  N  N   . ASP A 1 68  ? -8.531  7.025   4.902   1.00 16.24 ? 68  ASP C N   1 
ATOM   494  C  CA  . ASP A 1 68  ? -7.854  8.284   4.709   1.00 18.02 ? 68  ASP C CA  1 
ATOM   495  C  C   . ASP A 1 68  ? -7.485  8.894   6.019   1.00 20.09 ? 68  ASP C C   1 
ATOM   496  O  O   . ASP A 1 68  ? -7.923  8.435   7.066   1.00 17.61 ? 68  ASP C O   1 
ATOM   497  C  CB  . ASP A 1 68  ? -8.651  9.222   3.834   1.00 18.42 ? 68  ASP C CB  1 
ATOM   498  C  CG  . ASP A 1 68  ? -9.974  9.615   4.433   1.00 18.00 ? 68  ASP C CG  1 
ATOM   499  O  OD1 . ASP A 1 68  ? -10.019 10.280  5.469   1.00 19.46 ? 68  ASP C OD1 1 
ATOM   500  O  OD2 . ASP A 1 68  ? -11.013 9.231   3.946   1.00 18.80 ? 68  ASP C OD2 1 
ATOM   501  N  N   . ALA A 1 69  ? -6.680  9.948   5.871   1.00 22.90 ? 69  ALA C N   1 
ATOM   502  C  CA  . ALA A 1 69  ? -6.021  10.654  6.927   1.00 24.15 ? 69  ALA C CA  1 
ATOM   503  C  C   . ALA A 1 69  ? -6.967  11.335  7.934   1.00 23.77 ? 69  ALA C C   1 
ATOM   504  O  O   . ALA A 1 69  ? -6.619  11.518  9.124   1.00 25.32 ? 69  ALA C O   1 
ATOM   505  C  CB  . ALA A 1 69  ? -5.032  11.680  6.249   1.00 24.94 ? 69  ALA C CB  1 
ATOM   506  N  N   . ARG A 1 70  ? -8.196  11.643  7.507   1.00 23.92 ? 70  ARG C N   1 
ATOM   507  C  CA  . ARG A 1 70  ? -9.217  12.156  8.438   1.00 22.01 ? 70  ARG C CA  1 
ATOM   508  C  C   . ARG A 1 70  ? -9.493  11.122  9.474   1.00 22.91 ? 70  ARG C C   1 
ATOM   509  O  O   . ARG A 1 70  ? -9.946  11.448  10.568  1.00 20.29 ? 70  ARG C O   1 
ATOM   510  C  CB  . ARG A 1 70  ? -10.572 12.432  7.738   1.00 21.38 ? 70  ARG C CB  1 
ATOM   511  C  CG  . ARG A 1 70  ? -10.526 13.383  6.596   1.00 18.36 ? 70  ARG C CG  1 
ATOM   512  C  CD  . ARG A 1 70  ? -11.801 13.492  5.811   1.00 19.26 ? 70  ARG C CD  1 
ATOM   513  N  NE  . ARG A 1 70  ? -12.134 12.175  5.240   1.00 18.82 ? 70  ARG C NE  1 
ATOM   514  C  CZ  . ARG A 1 70  ? -13.352 11.814  4.844   1.00 21.64 ? 70  ARG C CZ  1 
ATOM   515  N  NH1 . ARG A 1 70  ? -14.359 12.691  4.792   1.00 18.57 ? 70  ARG C NH1 1 
ATOM   516  N  NH2 . ARG A 1 70  ? -13.564 10.572  4.416   1.00 21.54 ? 70  ARG C NH2 1 
ATOM   517  N  N   . GLN A 1 71  ? -9.335  9.841   9.119   1.00 24.60 ? 71  GLN C N   1 
ATOM   518  C  CA  . GLN A 1 71  ? -9.748  8.753   10.039  1.00 24.69 ? 71  GLN C CA  1 
ATOM   519  C  C   . GLN A 1 71  ? -8.736  8.381   11.152  1.00 27.32 ? 71  GLN C C   1 
ATOM   520  O  O   . GLN A 1 71  ? -9.052  7.593   12.063  1.00 26.38 ? 71  GLN C O   1 
ATOM   521  C  CB  . GLN A 1 71  ? -10.207 7.527   9.301   1.00 24.89 ? 71  GLN C CB  1 
ATOM   522  C  CG  . GLN A 1 71  ? -11.274 7.711   8.202   1.00 24.99 ? 71  GLN C CG  1 
ATOM   523  C  CD  . GLN A 1 71  ? -11.415 6.436   7.369   1.00 25.02 ? 71  GLN C CD  1 
ATOM   524  O  OE1 . GLN A 1 71  ? -10.975 6.390   6.220   1.00 16.97 ? 71  GLN C OE1 1 
ATOM   525  N  NE2 . GLN A 1 71  ? -12.046 5.411   7.949   1.00 25.25 ? 71  GLN C NE2 1 
ATOM   526  N  N   . LEU A 1 72  ? -7.552  8.978   11.110  1.00 29.44 ? 72  LEU C N   1 
ATOM   527  C  CA  . LEU A 1 72  ? -6.490  8.687   12.061  1.00 31.60 ? 72  LEU C CA  1 
ATOM   528  C  C   . LEU A 1 72  ? -6.217  9.879   13.009  1.00 33.37 ? 72  LEU C C   1 
ATOM   529  O  O   . LEU A 1 72  ? -6.010  11.003  12.540  1.00 34.98 ? 72  LEU C O   1 
ATOM   530  C  CB  . LEU A 1 72  ? -5.262  8.384   11.219  1.00 32.34 ? 72  LEU C CB  1 
ATOM   531  C  CG  . LEU A 1 72  ? -5.466  7.035   10.512  1.00 33.79 ? 72  LEU C CG  1 
ATOM   532  C  CD1 . LEU A 1 72  ? -5.423  7.070   8.981   1.00 35.50 ? 72  LEU C CD1 1 
ATOM   533  C  CD2 . LEU A 1 72  ? -4.462  6.157   11.085  1.00 36.59 ? 72  LEU C CD2 1 
ATOM   534  N  N   . GLY A 1 73  ? -6.206  9.640   14.321  1.00 35.20 ? 73  GLY C N   1 
ATOM   535  C  CA  . GLY A 1 73  ? -5.858  10.655  15.323  1.00 35.94 ? 73  GLY C CA  1 
ATOM   536  C  C   . GLY A 1 73  ? -4.378  11.038  15.363  1.00 37.58 ? 73  GLY C C   1 
ATOM   537  O  O   . GLY A 1 73  ? -3.589  10.535  14.587  1.00 36.99 ? 73  GLY C O   1 
ATOM   538  N  N   . ASP A 1 74  ? -4.014  11.926  16.294  1.00 39.02 ? 74  ASP C N   1 
ATOM   539  C  CA  . ASP A 1 74  ? -2.672  12.533  16.385  1.00 39.77 ? 74  ASP C CA  1 
ATOM   540  C  C   . ASP A 1 74  ? -1.558  11.666  16.983  1.00 38.60 ? 74  ASP C C   1 
ATOM   541  O  O   . ASP A 1 74  ? -0.380  11.919  16.741  1.00 37.77 ? 74  ASP C O   1 
ATOM   542  C  CB  . ASP A 1 74  ? -2.726  13.778  17.259  1.00 41.04 ? 74  ASP C CB  1 
ATOM   543  C  CG  . ASP A 1 74  ? -3.219  14.965  16.521  1.00 44.32 ? 74  ASP C CG  1 
ATOM   544  O  OD1 . ASP A 1 74  ? -2.790  15.198  15.351  1.00 49.89 ? 74  ASP C OD1 1 
ATOM   545  O  OD2 . ASP A 1 74  ? -4.045  15.721  17.058  1.00 48.14 ? 74  ASP C OD2 1 
ATOM   546  N  N   . THR A 1 75  ? -1.940  10.697  17.790  1.00 38.03 ? 75  THR C N   1 
ATOM   547  C  CA  . THR A 1 75  ? -1.001  9.744   18.361  1.00 38.42 ? 75  THR C CA  1 
ATOM   548  C  C   . THR A 1 75  ? -1.570  8.353   18.233  1.00 38.51 ? 75  THR C C   1 
ATOM   549  O  O   . THR A 1 75  ? -2.789  8.208   18.077  1.00 36.23 ? 75  THR C O   1 
ATOM   550  C  CB  . THR A 1 75  ? -0.824  10.053  19.837  1.00 38.69 ? 75  THR C CB  1 
ATOM   551  O  OG1 . THR A 1 75  ? -2.098  9.887   20.509  1.00 38.03 ? 75  THR C OG1 1 
ATOM   552  C  CG2 . THR A 1 75  ? -0.406  11.535  20.029  1.00 39.15 ? 75  THR C CG2 1 
ATOM   553  N  N   . PRO A 1 76  ? -0.705  7.338   18.309  1.00 40.10 ? 76  PRO C N   1 
ATOM   554  C  CA  . PRO A 1 76  ? -1.144  5.943   18.141  1.00 42.36 ? 76  PRO C CA  1 
ATOM   555  C  C   . PRO A 1 76  ? -2.208  5.520   19.157  1.00 45.28 ? 76  PRO C C   1 
ATOM   556  O  O   . PRO A 1 76  ? -2.083  5.883   20.318  1.00 43.96 ? 76  PRO C O   1 
ATOM   557  C  CB  . PRO A 1 76  ? 0.136   5.113   18.354  1.00 42.17 ? 76  PRO C CB  1 
ATOM   558  C  CG  . PRO A 1 76  ? 1.252   6.040   18.092  1.00 41.41 ? 76  PRO C CG  1 
ATOM   559  C  CD  . PRO A 1 76  ? 0.753   7.440   18.488  1.00 40.49 ? 76  PRO C CD  1 
ATOM   560  N  N   . PRO A 1 77  ? -3.198  4.747   18.718  1.00 48.59 ? 77  PRO C N   1 
ATOM   561  C  CA  . PRO A 1 77  ? -4.346  4.395   19.551  1.00 51.54 ? 77  PRO C CA  1 
ATOM   562  C  C   . PRO A 1 77  ? -4.028  3.672   20.854  1.00 54.92 ? 77  PRO C C   1 
ATOM   563  O  O   . PRO A 1 77  ? -4.581  4.131   21.845  1.00 56.33 ? 77  PRO C O   1 
ATOM   564  C  CB  . PRO A 1 77  ? -5.169  3.468   18.646  1.00 51.41 ? 77  PRO C CB  1 
ATOM   565  C  CG  . PRO A 1 77  ? -4.232  2.991   17.652  1.00 49.82 ? 77  PRO C CG  1 
ATOM   566  C  CD  . PRO A 1 77  ? -3.307  4.135   17.382  1.00 48.61 ? 77  PRO C CD  1 
ATOM   567  N  N   . GLU A 1 78  ? -3.247  2.591   20.873  1.00 58.31 ? 78  GLU C N   1 
ATOM   568  C  CA  . GLU A 1 78  ? -3.042  1.830   22.123  1.00 61.38 ? 78  GLU C CA  1 
ATOM   569  C  C   . GLU A 1 78  ? -2.326  0.478   21.946  1.00 63.49 ? 78  GLU C C   1 
ATOM   570  O  O   . GLU A 1 78  ? -1.160  0.312   22.337  1.00 63.96 ? 78  GLU C O   1 
ATOM   571  C  CB  . GLU A 1 78  ? -4.395  1.558   22.847  1.00 61.58 ? 78  GLU C CB  1 
ATOM   572  C  CG  . GLU A 1 78  ? -4.722  2.475   24.033  1.00 63.73 ? 78  GLU C CG  1 
ATOM   573  C  CD  . GLU A 1 78  ? -6.187  2.956   24.071  1.00 66.89 ? 78  GLU C CD  1 
ATOM   574  O  OE1 . GLU A 1 78  ? -6.952  2.674   23.107  1.00 69.42 ? 78  GLU C OE1 1 
ATOM   575  O  OE2 . GLU A 1 78  ? -6.585  3.629   25.066  1.00 67.29 ? 78  GLU C OE2 1 
HETATM 576  N  N   . MSE A 1 79  ? -3.052  -0.466  21.354  1.00 66.02 ? 79  MSE C N   1 
HETATM 577  C  CA  . MSE A 1 79  ? -2.845  -1.895  21.578  1.00 68.40 ? 79  MSE C CA  1 
HETATM 578  C  C   . MSE A 1 79  ? -3.175  -2.253  23.032  1.00 68.58 ? 79  MSE C C   1 
HETATM 579  O  O   . MSE A 1 79  ? -4.123  -1.725  23.626  1.00 69.04 ? 79  MSE C O   1 
HETATM 580  C  CB  . MSE A 1 79  ? -1.426  -2.340  21.267  1.00 69.50 ? 79  MSE C CB  1 
HETATM 581  C  CG  . MSE A 1 79  ? -1.379  -3.788  20.876  1.00 75.17 ? 79  MSE C CG  1 
HETATM 582  SE SE  . MSE A 1 79  ? -1.647  -5.195  22.306  1.00 89.83 ? 79  MSE C SE  1 
HETATM 583  C  CE  . MSE A 1 79  ? -3.609  -5.646  22.089  1.00 86.81 ? 79  MSE C CE  1 
ATOM   584  N  N   . GLU A 1 82  ? 0.855   -5.320  21.813  1.00 43.34 ? 82  GLU C N   1 
ATOM   585  C  CA  . GLU A 1 82  ? 2.153   -4.746  21.472  1.00 43.49 ? 82  GLU C CA  1 
ATOM   586  C  C   . GLU A 1 82  ? 2.199   -3.876  20.201  1.00 41.80 ? 82  GLU C C   1 
ATOM   587  O  O   . GLU A 1 82  ? 1.500   -2.792  20.091  1.00 42.59 ? 82  GLU C O   1 
ATOM   588  C  CB  . GLU A 1 82  ? 3.118   -5.926  21.293  1.00 44.15 ? 82  GLU C CB  1 
ATOM   589  C  CG  . GLU A 1 82  ? 2.812   -6.819  20.093  1.00 47.06 ? 82  GLU C CG  1 
ATOM   590  C  CD  . GLU A 1 82  ? 2.774   -8.308  20.408  1.00 52.86 ? 82  GLU C CD  1 
ATOM   591  O  OE1 . GLU A 1 82  ? 2.241   -9.082  19.552  1.00 55.77 ? 82  GLU C OE1 1 
ATOM   592  O  OE2 . GLU A 1 82  ? 3.306   -8.708  21.489  1.00 53.54 ? 82  GLU C OE2 1 
ATOM   593  N  N   . VAL A 1 83  ? 3.247   -4.216  19.436  1.00 38.27 ? 83  VAL C N   1 
ATOM   594  C  CA  . VAL A 1 83  ? 3.298   -4.714  18.020  1.00 35.58 ? 83  VAL C CA  1 
ATOM   595  C  C   . VAL A 1 83  ? 4.801   -4.961  17.794  1.00 32.72 ? 83  VAL C C   1 
ATOM   596  O  O   . VAL A 1 83  ? 5.583   -4.049  17.929  1.00 30.88 ? 83  VAL C O   1 
ATOM   597  C  CB  . VAL A 1 83  ? 2.748   -3.806  16.921  1.00 35.89 ? 83  VAL C CB  1 
ATOM   598  C  CG1 . VAL A 1 83  ? 3.266   -4.263  15.549  1.00 34.71 ? 83  VAL C CG1 1 
ATOM   599  C  CG2 . VAL A 1 83  ? 1.260   -3.876  16.918  1.00 36.80 ? 83  VAL C CG2 1 
ATOM   600  N  N   . GLN A 1 84  ? 5.198   -6.199  17.524  1.00 31.68 ? 84  GLN C N   1 
ATOM   601  C  CA  . GLN A 1 84  ? 6.610   -6.581  17.410  1.00 30.41 ? 84  GLN C CA  1 
ATOM   602  C  C   . GLN A 1 84  ? 7.042   -6.708  15.992  1.00 27.41 ? 84  GLN C C   1 
ATOM   603  O  O   . GLN A 1 84  ? 6.266   -7.078  15.122  1.00 25.30 ? 84  GLN C O   1 
ATOM   604  C  CB  . GLN A 1 84  ? 6.884   -8.021  17.942  1.00 32.57 ? 84  GLN C CB  1 
ATOM   605  C  CG  . GLN A 1 84  ? 6.262   -8.387  19.226  1.00 35.66 ? 84  GLN C CG  1 
ATOM   606  C  CD  . GLN A 1 84  ? 6.737   -7.539  20.409  1.00 43.19 ? 84  GLN C CD  1 
ATOM   607  O  OE1 . GLN A 1 84  ? 6.983   -6.329  20.263  1.00 48.29 ? 84  GLN C OE1 1 
ATOM   608  N  NE2 . GLN A 1 84  ? 6.813   -8.165  21.601  1.00 43.96 ? 84  GLN C NE2 1 
ATOM   609  N  N   . GLY A 1 85  ? 8.332   -6.526  15.800  1.00 23.75 ? 85  GLY C N   1 
ATOM   610  C  CA  . GLY A 1 85  ? 9.004   -7.014  14.633  1.00 22.36 ? 85  GLY C CA  1 
ATOM   611  C  C   . GLY A 1 85  ? 9.032   -6.035  13.522  1.00 20.43 ? 85  GLY C C   1 
ATOM   612  O  O   . GLY A 1 85  ? 9.655   -6.335  12.540  1.00 22.05 ? 85  GLY C O   1 
ATOM   613  N  N   . LEU A 1 86  ? 8.420   -4.853  13.681  1.00 19.42 ? 86  LEU C N   1 
ATOM   614  C  CA  . LEU A 1 86  ? 8.410   -3.815  12.651  1.00 18.88 ? 86  LEU C CA  1 
ATOM   615  C  C   . LEU A 1 86  ? 9.193   -2.604  13.123  1.00 20.05 ? 86  LEU C C   1 
ATOM   616  O  O   . LEU A 1 86  ? 8.778   -1.904  14.042  1.00 18.85 ? 86  LEU C O   1 
ATOM   617  C  CB  . LEU A 1 86  ? 6.959   -3.362  12.313  1.00 18.64 ? 86  LEU C CB  1 
ATOM   618  C  CG  . LEU A 1 86  ? 5.978   -4.480  11.866  1.00 17.31 ? 86  LEU C CG  1 
ATOM   619  C  CD1 . LEU A 1 86  ? 4.676   -3.907  11.381  1.00 19.72 ? 86  LEU C CD1 1 
ATOM   620  C  CD2 . LEU A 1 86  ? 6.606   -5.369  10.785  1.00 17.56 ? 86  LEU C CD2 1 
ATOM   621  N  N   . SER A 1 87  ? 10.317  -2.358  12.476  1.00 20.04 ? 87  SER C N   1 
ATOM   622  C  CA  . SER A 1 87  ? 11.113  -1.202  12.827  1.00 20.03 ? 87  SER C CA  1 
ATOM   623  C  C   . SER A 1 87  ? 10.486  -0.002  12.148  1.00 19.22 ? 87  SER C C   1 
ATOM   624  O  O   . SER A 1 87  ? 9.726   -0.135  11.154  1.00 17.64 ? 87  SER C O   1 
ATOM   625  C  CB  . SER A 1 87  ? 12.556  -1.335  12.343  1.00 18.81 ? 87  SER C CB  1 
ATOM   626  O  OG  . SER A 1 87  ? 12.603  -1.526  10.970  1.00 19.22 ? 87  SER C OG  1 
ATOM   627  N  N   . LEU A 1 88  ? 10.813  1.175   12.673  1.00 17.54 ? 88  LEU C N   1 
ATOM   628  C  CA  . LEU A 1 88  ? 10.369  2.413   12.018  1.00 17.56 ? 88  LEU C CA  1 
ATOM   629  C  C   . LEU A 1 88  ? 10.831  2.455   10.588  1.00 17.36 ? 88  LEU C C   1 
ATOM   630  O  O   . LEU A 1 88  ? 10.070  2.775   9.698   1.00 14.71 ? 88  LEU C O   1 
ATOM   631  C  CB  . LEU A 1 88  ? 10.815  3.635   12.808  1.00 18.08 ? 88  LEU C CB  1 
ATOM   632  C  CG  . LEU A 1 88  ? 10.488  4.996   12.162  1.00 19.46 ? 88  LEU C CG  1 
ATOM   633  C  CD1 . LEU A 1 88  ? 8.946   5.183   12.034  1.00 20.39 ? 88  LEU C CD1 1 
ATOM   634  C  CD2 . LEU A 1 88  ? 11.116  6.120   12.966  1.00 23.53 ? 88  LEU C CD2 1 
ATOM   635  N  N   . ARG A 1 89  ? 12.095  2.021   10.349  1.00 17.47 ? 89  ARG C N   1 
ATOM   636  C  CA  . ARG A 1 89  ? 12.649  1.982   9.020   1.00 17.02 ? 89  ARG C CA  1 
ATOM   637  C  C   . ARG A 1 89  ? 11.821  1.106   8.064   1.00 16.02 ? 89  ARG C C   1 
ATOM   638  O  O   . ARG A 1 89  ? 11.604  1.468   6.967   1.00 17.22 ? 89  ARG C O   1 
ATOM   639  C  CB  . ARG A 1 89  ? 14.093  1.410   9.055   1.00 17.40 ? 89  ARG C CB  1 
ATOM   640  C  CG  . ARG A 1 89  ? 14.836  1.497   7.713   1.00 19.66 ? 89  ARG C CG  1 
ATOM   641  C  CD  . ARG A 1 89  ? 15.890  0.423   7.533   1.00 23.20 ? 89  ARG C CD  1 
ATOM   642  N  NE  . ARG A 1 89  ? 15.230  -0.882  7.569   1.00 24.15 ? 89  ARG C NE  1 
ATOM   643  C  CZ  . ARG A 1 89  ? 14.691  -1.490  6.536   1.00 28.98 ? 89  ARG C CZ  1 
ATOM   644  N  NH1 . ARG A 1 89  ? 14.778  -0.953  5.326   1.00 30.83 ? 89  ARG C NH1 1 
ATOM   645  N  NH2 . ARG A 1 89  ? 14.055  -2.670  6.708   1.00 30.99 ? 89  ARG C NH2 1 
ATOM   646  N  N   . PHE A 1 90  ? 11.477  -0.092  8.491   1.00 15.81 ? 90  PHE C N   1 
ATOM   647  C  CA  . PHE A 1 90  ? 10.651  -1.018  7.721   1.00 14.36 ? 90  PHE C CA  1 
ATOM   648  C  C   . PHE A 1 90  ? 9.338   -0.323  7.304   1.00 13.49 ? 90  PHE C C   1 
ATOM   649  O  O   . PHE A 1 90  ? 8.937   -0.369  6.162   1.00 13.13 ? 90  PHE C O   1 
ATOM   650  C  CB  . PHE A 1 90  ? 10.329  -2.267  8.586   1.00 13.17 ? 90  PHE C CB  1 
ATOM   651  C  CG  . PHE A 1 90  ? 9.541   -3.290  7.884   1.00 14.72 ? 90  PHE C CG  1 
ATOM   652  C  CD1 . PHE A 1 90  ? 10.161  -4.430  7.321   1.00 20.03 ? 90  PHE C CD1 1 
ATOM   653  C  CD2 . PHE A 1 90  ? 8.157   -3.171  7.773   1.00 17.54 ? 90  PHE C CD2 1 
ATOM   654  C  CE1 . PHE A 1 90  ? 9.420   -5.392  6.643   1.00 18.13 ? 90  PHE C CE1 1 
ATOM   655  C  CE2 . PHE A 1 90  ? 7.392   -4.141  7.058   1.00 18.03 ? 90  PHE C CE2 1 
ATOM   656  C  CZ  . PHE A 1 90  ? 8.037   -5.240  6.479   1.00 18.87 ? 90  PHE C CZ  1 
ATOM   657  N  N   . LEU A 1 91  ? 8.645   0.272   8.256   1.00 13.36 ? 91  LEU C N   1 
ATOM   658  C  CA  . LEU A 1 91  ? 7.424   1.052   7.914   1.00 13.94 ? 91  LEU C CA  1 
ATOM   659  C  C   . LEU A 1 91  ? 7.631   2.045   6.779   1.00 14.80 ? 91  LEU C C   1 
ATOM   660  O  O   . LEU A 1 91  ? 6.830   2.100   5.800   1.00 14.93 ? 91  LEU C O   1 
ATOM   661  C  CB  . LEU A 1 91  ? 6.885   1.759   9.156   1.00 14.11 ? 91  LEU C CB  1 
ATOM   662  C  CG  . LEU A 1 91  ? 6.578   0.884   10.363  1.00 14.65 ? 91  LEU C CG  1 
ATOM   663  C  CD1 . LEU A 1 91  ? 5.953   1.767   11.449  1.00 14.95 ? 91  LEU C CD1 1 
ATOM   664  C  CD2 . LEU A 1 91  ? 5.745   -0.326  10.064  1.00 14.98 ? 91  LEU C CD2 1 
ATOM   665  N  N   . LYS A 1 92  ? 8.721   2.818   6.887   1.00 15.48 ? 92  LYS C N   1 
ATOM   666  C  CA  . LYS A 1 92  ? 9.052   3.806   5.874   1.00 14.63 ? 92  LYS C CA  1 
ATOM   667  C  C   . LYS A 1 92  ? 9.435   3.189   4.552   1.00 14.70 ? 92  LYS C C   1 
ATOM   668  O  O   . LYS A 1 92  ? 8.965   3.650   3.500   1.00 14.59 ? 92  LYS C O   1 
ATOM   669  C  CB  . LYS A 1 92  ? 10.089  4.827   6.348   1.00 14.26 ? 92  LYS C CB  1 
ATOM   670  C  CG  . LYS A 1 92  ? 9.706   5.610   7.513   1.00 15.10 ? 92  LYS C CG  1 
ATOM   671  C  CD  . LYS A 1 92  ? 10.869  6.593   7.969   1.00 17.68 ? 92  LYS C CD  1 
ATOM   672  C  CE  . LYS A 1 92  ? 10.453  7.259   9.185   1.00 24.98 ? 92  LYS C CE  1 
ATOM   673  N  NZ  . LYS A 1 92  ? 10.472  8.755   9.080   1.00 29.56 ? 92  LYS C NZ  1 
ATOM   674  N  N   . GLN A 1 93  ? 10.253  2.144   4.547   1.00 14.53 ? 93  GLN C N   1 
ATOM   675  C  CA  . GLN A 1 93  ? 10.619  1.515   3.307   1.00 15.32 ? 93  GLN C CA  1 
ATOM   676  C  C   . GLN A 1 93  ? 9.427   0.909   2.587   1.00 15.77 ? 93  GLN C C   1 
ATOM   677  O  O   . GLN A 1 93  ? 9.352   0.956   1.350   1.00 13.75 ? 93  GLN C O   1 
ATOM   678  C  CB  . GLN A 1 93  ? 11.626  0.350   3.565   1.00 15.76 ? 93  GLN C CB  1 
ATOM   679  C  CG  . GLN A 1 93  ? 11.967  -0.355  2.346   1.00 19.61 ? 93  GLN C CG  1 
ATOM   680  C  CD  . GLN A 1 93  ? 12.648  -1.721  2.562   1.00 23.84 ? 93  GLN C CD  1 
ATOM   681  O  OE1 . GLN A 1 93  ? 13.116  -2.025  3.659   1.00 26.96 ? 93  GLN C OE1 1 
ATOM   682  N  NE2 . GLN A 1 93  ? 12.706  -2.517  1.518   1.00 25.69 ? 93  GLN C NE2 1 
ATOM   683  N  N   . PHE A 1 94  ? 8.537   0.260   3.334   1.00 14.67 ? 94  PHE C N   1 
ATOM   684  C  CA  . PHE A 1 94  ? 7.422   -0.464  2.664   1.00 14.87 ? 94  PHE C CA  1 
ATOM   685  C  C   . PHE A 1 94  ? 6.143   0.391   2.520   1.00 15.77 ? 94  PHE C C   1 
ATOM   686  O  O   . PHE A 1 94  ? 5.139   -0.054  1.832   1.00 15.26 ? 94  PHE C O   1 
ATOM   687  C  CB  . PHE A 1 94  ? 7.181   -1.776  3.408   1.00 14.96 ? 94  PHE C CB  1 
ATOM   688  C  CG  . PHE A 1 94  ? 8.261   -2.812  3.122   1.00 16.38 ? 94  PHE C CG  1 
ATOM   689  C  CD1 . PHE A 1 94  ? 8.270   -3.529  1.893   1.00 15.74 ? 94  PHE C CD1 1 
ATOM   690  C  CD2 . PHE A 1 94  ? 9.295   -2.978  3.995   1.00 15.95 ? 94  PHE C CD2 1 
ATOM   691  C  CE1 . PHE A 1 94  ? 9.296   -4.446  1.639   1.00 14.95 ? 94  PHE C CE1 1 
ATOM   692  C  CE2 . PHE A 1 94  ? 10.362  -3.871  3.696   1.00 21.10 ? 94  PHE C CE2 1 
ATOM   693  C  CZ  . PHE A 1 94  ? 10.330  -4.609  2.525   1.00 19.54 ? 94  PHE C CZ  1 
ATOM   694  N  N   . HIS A 1 95  ? 6.151   1.557   3.190   1.00 13.72 ? 95  HIS C N   1 
ATOM   695  C  CA  . HIS A 1 95  ? 5.031   2.525   3.215   1.00 13.97 ? 95  HIS C CA  1 
ATOM   696  C  C   . HIS A 1 95  ? 3.796   1.840   3.729   1.00 13.50 ? 95  HIS C C   1 
ATOM   697  O  O   . HIS A 1 95  ? 2.789   1.679   3.015   1.00 12.69 ? 95  HIS C O   1 
ATOM   698  C  CB  . HIS A 1 95  ? 4.739   3.117   1.828   1.00 15.36 ? 95  HIS C CB  1 
ATOM   699  C  CG  . HIS A 1 95  ? 5.935   3.730   1.169   1.00 15.18 ? 95  HIS C CG  1 
ATOM   700  N  ND1 . HIS A 1 95  ? 6.363   5.016   1.434   1.00 18.40 ? 95  HIS C ND1 1 
ATOM   701  C  CD2 . HIS A 1 95  ? 6.891   3.163   0.391   1.00 15.23 ? 95  HIS C CD2 1 
ATOM   702  C  CE1 . HIS A 1 95  ? 7.495   5.238   0.762   1.00 19.02 ? 95  HIS C CE1 1 
ATOM   703  N  NE2 . HIS A 1 95  ? 7.824   4.130   0.118   1.00 14.55 ? 95  HIS C NE2 1 
ATOM   704  N  N   . LEU A 1 96  ? 3.860   1.335   4.956   1.00 12.67 ? 96  LEU C N   1 
ATOM   705  C  CA  . LEU A 1 96  ? 2.674   0.731   5.552   1.00 11.17 ? 96  LEU C CA  1 
ATOM   706  C  C   . LEU A 1 96  ? 2.827   1.004   7.072   1.00 10.96 ? 96  LEU C C   1 
ATOM   707  O  O   . LEU A 1 96  ? 3.916   1.365   7.543   1.00 9.12  ? 96  LEU C O   1 
ATOM   708  C  CB  . LEU A 1 96  ? 2.662   -0.751  5.285   1.00 12.04 ? 96  LEU C CB  1 
ATOM   709  C  CG  . LEU A 1 96  ? 3.916   -1.584  5.465   1.00 11.17 ? 96  LEU C CG  1 
ATOM   710  C  CD1 . LEU A 1 96  ? 4.122   -1.960  6.914   1.00 13.76 ? 96  LEU C CD1 1 
ATOM   711  C  CD2 . LEU A 1 96  ? 3.826   -2.896  4.672   1.00 14.15 ? 96  LEU C CD2 1 
ATOM   712  N  N   . CYS A 1 97  ? 1.751   0.898   7.802   1.00 11.85 ? 97  CYS C N   1 
ATOM   713  C  CA  . CYS A 1 97  ? 1.676   1.391   9.181   1.00 13.80 ? 97  CYS C CA  1 
ATOM   714  C  C   . CYS A 1 97  ? 0.576   0.707   10.001  1.00 15.08 ? 97  CYS C C   1 
ATOM   715  O  O   . CYS A 1 97  ? -0.569  0.733   9.601   1.00 15.33 ? 97  CYS C O   1 
ATOM   716  C  CB  . CYS A 1 97  ? 1.417   2.904   9.173   1.00 13.01 ? 97  CYS C CB  1 
ATOM   717  S  SG  . CYS A 1 97  ? 1.717   3.605   10.863  1.00 18.67 ? 97  CYS C SG  1 
ATOM   718  N  N   . PRO A 1 98  ? 0.894   0.056   11.114  1.00 15.38 ? 98  PRO C N   1 
ATOM   719  C  CA  . PRO A 1 98  ? -0.145  -0.470  11.960  1.00 15.92 ? 98  PRO C CA  1 
ATOM   720  C  C   . PRO A 1 98  ? -0.959  0.703   12.546  1.00 16.93 ? 98  PRO C C   1 
ATOM   721  O  O   . PRO A 1 98  ? -0.360  1.693   13.063  1.00 17.44 ? 98  PRO C O   1 
ATOM   722  C  CB  . PRO A 1 98  ? 0.634   -1.202  13.040  1.00 17.72 ? 98  PRO C CB  1 
ATOM   723  C  CG  . PRO A 1 98  ? 1.928   -1.461  12.413  1.00 18.98 ? 98  PRO C CG  1 
ATOM   724  C  CD  . PRO A 1 98  ? 2.237   -0.212  11.664  1.00 17.70 ? 98  PRO C CD  1 
ATOM   725  N  N   . VAL A 1 99  ? -2.278  0.599   12.487  1.00 16.53 ? 99  VAL C N   1 
ATOM   726  C  CA  . VAL A 1 99  ? -3.161  1.696   12.962  1.00 18.76 ? 99  VAL C CA  1 
ATOM   727  C  C   . VAL A 1 99  ? -4.155  1.320   14.050  1.00 21.54 ? 99  VAL C C   1 
ATOM   728  O  O   . VAL A 1 99  ? -4.881  2.208   14.564  1.00 25.11 ? 99  VAL C O   1 
ATOM   729  C  CB  . VAL A 1 99  ? -3.880  2.436   11.826  1.00 18.19 ? 99  VAL C CB  1 
ATOM   730  C  CG1 . VAL A 1 99  ? -2.868  3.110   10.968  1.00 15.97 ? 99  VAL C CG1 1 
ATOM   731  C  CG2 . VAL A 1 99  ? -4.753  1.505   10.950  1.00 17.40 ? 99  VAL C CG2 1 
ATOM   732  N  N   . GLY A 1 100 ? -4.199  0.048   14.410  1.00 21.27 ? 100 GLY C N   1 
ATOM   733  C  CA  . GLY A 1 100 ? -5.110  -0.402  15.439  1.00 22.74 ? 100 GLY C CA  1 
ATOM   734  C  C   . GLY A 1 100 ? -5.125  -1.906  15.498  1.00 22.24 ? 100 GLY C C   1 
ATOM   735  O  O   . GLY A 1 100 ? -4.659  -2.540  14.614  1.00 18.39 ? 100 GLY C O   1 
ATOM   736  N  N   . GLU A 1 101 ? -5.730  -2.443  16.542  1.00 23.19 ? 101 GLU C N   1 
ATOM   737  C  CA  . GLU A 1 101 ? -5.898  -3.855  16.733  1.00 25.78 ? 101 GLU C CA  1 
ATOM   738  C  C   . GLU A 1 101 ? -7.342  -4.062  17.229  1.00 27.05 ? 101 GLU C C   1 
ATOM   739  O  O   . GLU A 1 101 ? -7.731  -3.444  18.236  1.00 28.02 ? 101 GLU C O   1 
ATOM   740  C  CB  . GLU A 1 101 ? -4.887  -4.320  17.761  1.00 27.80 ? 101 GLU C CB  1 
ATOM   741  C  CG  . GLU A 1 101 ? -3.965  -5.415  17.316  1.00 30.70 ? 101 GLU C CG  1 
ATOM   742  C  CD  . GLU A 1 101 ? -2.931  -5.846  18.369  1.00 34.49 ? 101 GLU C CD  1 
ATOM   743  O  OE1 . GLU A 1 101 ? -2.756  -7.063  18.563  1.00 37.30 ? 101 GLU C OE1 1 
ATOM   744  O  OE2 . GLU A 1 101 ? -2.282  -4.985  19.003  1.00 33.97 ? 101 GLU C OE2 1 
ATOM   745  N  N   . ARG A 1 102 ? -8.146  -4.818  16.486  1.00 26.59 ? 102 ARG C N   1 
ATOM   746  C  CA  . ARG A 1 102 ? -9.579  -5.028  16.791  1.00 27.10 ? 102 ARG C CA  1 
ATOM   747  C  C   . ARG A 1 102 ? -9.999  -6.479  16.414  1.00 27.48 ? 102 ARG C C   1 
ATOM   748  O  O   . ARG A 1 102 ? -9.634  -7.027  15.346  1.00 26.12 ? 102 ARG C O   1 
ATOM   749  C  CB  . ARG A 1 102 ? -10.485 -4.047  16.060  1.00 27.09 ? 102 ARG C CB  1 
ATOM   750  C  CG  . ARG A 1 102 ? -10.197 -2.539  16.203  1.00 29.62 ? 102 ARG C CG  1 
ATOM   751  C  CD  . ARG A 1 102 ? -10.972 -1.649  15.180  1.00 31.32 ? 102 ARG C CD  1 
ATOM   752  N  NE  . ARG A 1 102 ? -10.660 -2.001  13.777  1.00 28.52 ? 102 ARG C NE  1 
ATOM   753  C  CZ  . ARG A 1 102 ? -11.520 -2.075  12.780  1.00 26.87 ? 102 ARG C CZ  1 
ATOM   754  N  NH1 . ARG A 1 102 ? -12.810 -1.823  12.948  1.00 30.83 ? 102 ARG C NH1 1 
ATOM   755  N  NH2 . ARG A 1 102 ? -11.096 -2.415  11.578  1.00 22.98 ? 102 ARG C NH2 1 
ATOM   756  N  N   . ASP A 1 103 ? -10.788 -7.099  17.304  1.00 27.81 ? 103 ASP C N   1 
ATOM   757  C  CA  . ASP A 1 103 ? -11.230 -8.496  17.178  1.00 26.31 ? 103 ASP C CA  1 
ATOM   758  C  C   . ASP A 1 103 ? -10.108 -9.451  16.789  1.00 24.50 ? 103 ASP C C   1 
ATOM   759  O  O   . ASP A 1 103 ? -10.284 -10.353 15.981  1.00 24.42 ? 103 ASP C O   1 
ATOM   760  C  CB  . ASP A 1 103 ? -12.428 -8.646  16.247  1.00 28.32 ? 103 ASP C CB  1 
ATOM   761  C  CG  . ASP A 1 103 ? -13.703 -8.002  16.818  1.00 32.38 ? 103 ASP C CG  1 
ATOM   762  O  OD1 . ASP A 1 103 ? -13.747 -7.768  18.040  1.00 35.45 ? 103 ASP C OD1 1 
ATOM   763  O  OD2 . ASP A 1 103 ? -14.649 -7.639  16.088  1.00 34.73 ? 103 ASP C OD2 1 
ATOM   764  N  N   . GLY A 1 104 ? -8.951  -9.269  17.414  1.00 22.50 ? 104 GLY C N   1 
ATOM   765  C  CA  . GLY A 1 104 ? -7.850  -10.148 17.198  1.00 21.36 ? 104 GLY C CA  1 
ATOM   766  C  C   . GLY A 1 104 ? -7.090  -9.987  15.890  1.00 19.72 ? 104 GLY C C   1 
ATOM   767  O  O   . GLY A 1 104 ? -6.227  -10.828 15.544  1.00 18.47 ? 104 GLY C O   1 
ATOM   768  N  N   . ARG A 1 105 ? -7.382  -8.914  15.172  1.00 18.62 ? 105 ARG C N   1 
ATOM   769  C  CA  . ARG A 1 105 ? -6.619  -8.539  13.992  1.00 16.66 ? 105 ARG C CA  1 
ATOM   770  C  C   . ARG A 1 105 ? -5.940  -7.169  14.070  1.00 15.56 ? 105 ARG C C   1 
ATOM   771  O  O   . ARG A 1 105 ? -6.465  -6.180  14.585  1.00 15.66 ? 105 ARG C O   1 
ATOM   772  C  CB  . ARG A 1 105 ? -7.505  -8.599  12.760  1.00 16.74 ? 105 ARG C CB  1 
ATOM   773  C  CG  . ARG A 1 105 ? -8.257  -9.918  12.624  1.00 20.38 ? 105 ARG C CG  1 
ATOM   774  C  CD  . ARG A 1 105 ? -9.132  -10.027 11.357  1.00 22.50 ? 105 ARG C CD  1 
ATOM   775  N  NE  . ARG A 1 105 ? -8.385  -10.190 10.123  1.00 19.38 ? 105 ARG C NE  1 
ATOM   776  C  CZ  . ARG A 1 105 ? -8.918  -10.630 8.976   1.00 16.32 ? 105 ARG C CZ  1 
ATOM   777  N  NH1 . ARG A 1 105 ? -10.180 -10.899 8.930   1.00 10.14 ? 105 ARG C NH1 1 
ATOM   778  N  NH2 . ARG A 1 105 ? -8.170  -10.824 7.891   1.00 18.09 ? 105 ARG C NH2 1 
ATOM   779  N  N   . LEU A 1 106 ? -4.775  -7.107  13.477  1.00 13.14 ? 106 LEU C N   1 
ATOM   780  C  CA  . LEU A 1 106 ? -4.022  -5.877  13.324  1.00 12.50 ? 106 LEU C CA  1 
ATOM   781  C  C   . LEU A 1 106 ? -4.461  -5.124  12.087  1.00 11.70 ? 106 LEU C C   1 
ATOM   782  O  O   . LEU A 1 106 ? -4.310  -5.626  10.954  1.00 10.94 ? 106 LEU C O   1 
ATOM   783  C  CB  . LEU A 1 106 ? -2.510  -6.223  13.262  1.00 12.46 ? 106 LEU C CB  1 
ATOM   784  C  CG  . LEU A 1 106 ? -1.598  -5.005  13.293  1.00 14.79 ? 106 LEU C CG  1 
ATOM   785  C  CD1 . LEU A 1 106 ? -1.575  -4.416  14.763  1.00 16.25 ? 106 LEU C CD1 1 
ATOM   786  C  CD2 . LEU A 1 106 ? -0.223  -5.454  12.841  1.00 16.89 ? 106 LEU C CD2 1 
ATOM   787  N  N   . ASP A 1 107 ? -4.968  -3.895  12.284  1.00 12.25 ? 107 ASP C N   1 
ATOM   788  C  CA  . ASP A 1 107 ? -5.303  -3.031  11.208  1.00 13.64 ? 107 ASP C CA  1 
ATOM   789  C  C   . ASP A 1 107 ? -4.015  -2.450  10.613  1.00 13.74 ? 107 ASP C C   1 
ATOM   790  O  O   . ASP A 1 107 ? -3.237  -1.787  11.328  1.00 15.79 ? 107 ASP C O   1 
ATOM   791  C  CB  . ASP A 1 107 ? -6.250  -1.930  11.583  1.00 12.03 ? 107 ASP C CB  1 
ATOM   792  C  CG  . ASP A 1 107 ? -7.596  -2.422  12.011  1.00 16.88 ? 107 ASP C CG  1 
ATOM   793  O  OD1 . ASP A 1 107 ? -8.270  -3.162  11.253  1.00 12.00 ? 107 ASP C OD1 1 
ATOM   794  O  OD2 . ASP A 1 107 ? -8.069  -2.138  13.122  1.00 16.64 ? 107 ASP C OD2 1 
ATOM   795  N  N   . LEU A 1 108 ? -3.777  -2.717  9.333   1.00 11.79 ? 108 LEU C N   1 
ATOM   796  C  CA  . LEU A 1 108 ? -2.583  -2.224  8.660   1.00 11.79 ? 108 LEU C CA  1 
ATOM   797  C  C   . LEU A 1 108 ? -2.965  -1.393  7.477   1.00 12.45 ? 108 LEU C C   1 
ATOM   798  O  O   . LEU A 1 108 ? -3.561  -1.883  6.504   1.00 11.52 ? 108 LEU C O   1 
ATOM   799  C  CB  . LEU A 1 108 ? -1.716  -3.409  8.230   1.00 10.81 ? 108 LEU C CB  1 
ATOM   800  C  CG  . LEU A 1 108 ? -0.343  -3.070  7.665   1.00 10.09 ? 108 LEU C CG  1 
ATOM   801  C  CD1 . LEU A 1 108 ? 0.529   -2.720  8.845   1.00 12.41 ? 108 LEU C CD1 1 
ATOM   802  C  CD2 . LEU A 1 108 ? 0.315   -4.187  6.822   1.00 14.20 ? 108 LEU C CD2 1 
ATOM   803  N  N   . TRP A 1 109 ? -2.555  -0.144  7.523   1.00 11.02 ? 109 TRP C N   1 
ATOM   804  C  CA  . TRP A 1 109 ? -2.698  0.775   6.434   1.00 9.97  ? 109 TRP C CA  1 
ATOM   805  C  C   . TRP A 1 109 ? -1.547  0.540   5.445   1.00 11.81 ? 109 TRP C C   1 
ATOM   806  O  O   . TRP A 1 109 ? -0.351  0.633   5.835   1.00 11.11 ? 109 TRP C O   1 
ATOM   807  C  CB  . TRP A 1 109 ? -2.634  2.175   7.024   1.00 10.18 ? 109 TRP C CB  1 
ATOM   808  C  CG  . TRP A 1 109 ? -3.344  3.242   6.328   1.00 14.11 ? 109 TRP C CG  1 
ATOM   809  C  CD1 . TRP A 1 109 ? -4.280  3.104   5.300   1.00 17.48 ? 109 TRP C CD1 1 
ATOM   810  C  CD2 . TRP A 1 109 ? -3.219  4.656   6.545   1.00 15.12 ? 109 TRP C CD2 1 
ATOM   811  N  NE1 . TRP A 1 109 ? -4.720  4.334   4.914   1.00 14.60 ? 109 TRP C NE1 1 
ATOM   812  C  CE2 . TRP A 1 109 ? -4.085  5.297   5.654   1.00 16.01 ? 109 TRP C CE2 1 
ATOM   813  C  CE3 . TRP A 1 109 ? -2.389  5.449   7.340   1.00 18.61 ? 109 TRP C CE3 1 
ATOM   814  C  CZ2 . TRP A 1 109 ? -4.186  6.687   5.572   1.00 17.91 ? 109 TRP C CZ2 1 
ATOM   815  C  CZ3 . TRP A 1 109 ? -2.522  6.829   7.273   1.00 20.03 ? 109 TRP C CZ3 1 
ATOM   816  C  CH2 . TRP A 1 109 ? -3.390  7.425   6.374   1.00 17.42 ? 109 TRP C CH2 1 
ATOM   817  N  N   . ILE A 1 110 ? -1.862  0.312   4.167   1.00 9.98  ? 110 ILE C N   1 
ATOM   818  C  CA  . ILE A 1 110 ? -0.835  -0.152  3.249   1.00 10.87 ? 110 ILE C CA  1 
ATOM   819  C  C   . ILE A 1 110 ? -0.964  0.529   1.911   1.00 9.45  ? 110 ILE C C   1 
ATOM   820  O  O   . ILE A 1 110 ? -2.131  0.690   1.383   1.00 9.38  ? 110 ILE C O   1 
ATOM   821  C  CB  . ILE A 1 110 ? -0.916  -1.738  3.164   1.00 10.58 ? 110 ILE C CB  1 
ATOM   822  C  CG1 . ILE A 1 110 ? 0.147   -2.325  2.281   1.00 12.16 ? 110 ILE C CG1 1 
ATOM   823  C  CG2 . ILE A 1 110 ? -2.323  -2.159  2.690   1.00 12.69 ? 110 ILE C CG2 1 
ATOM   824  C  CD1 . ILE A 1 110 ? 0.379   -3.768  2.453   1.00 12.15 ? 110 ILE C CD1 1 
ATOM   825  N  N   . ALA A 1 111 ? 0.165   0.982   1.366   1.00 8.40  ? 111 ALA C N   1 
ATOM   826  C  CA  . ALA A 1 111 ? 0.177   1.635   0.035   1.00 9.46  ? 111 ALA C CA  1 
ATOM   827  C  C   . ALA A 1 111 ? 0.092   0.685   -1.138  1.00 9.96  ? 111 ALA C C   1 
ATOM   828  O  O   . ALA A 1 111 ? -0.583  0.995   -2.177  1.00 10.14 ? 111 ALA C O   1 
ATOM   829  C  CB  . ALA A 1 111 ? 1.374   2.621   -0.136  1.00 10.10 ? 111 ALA C CB  1 
ATOM   830  N  N   . ASP A 1 112 ? 0.767   -0.458  -0.970  1.00 10.29 ? 112 ASP C N   1 
ATOM   831  C  CA  . ASP A 1 112 ? 0.966   -1.437  -2.015  1.00 10.97 ? 112 ASP C CA  1 
ATOM   832  C  C   . ASP A 1 112 ? 0.442   -2.811  -1.602  1.00 10.83 ? 112 ASP C C   1 
ATOM   833  O  O   . ASP A 1 112 ? 1.196   -3.748  -1.410  1.00 11.56 ? 112 ASP C O   1 
ATOM   834  C  CB  . ASP A 1 112 ? 2.423   -1.503  -2.429  1.00 11.32 ? 112 ASP C CB  1 
ATOM   835  C  CG  . ASP A 1 112 ? 2.972   -0.172  -2.928  1.00 15.72 ? 112 ASP C CG  1 
ATOM   836  O  OD1 . ASP A 1 112 ? 2.255   0.611   -3.627  1.00 14.46 ? 112 ASP C OD1 1 
ATOM   837  O  OD2 . ASP A 1 112 ? 4.141   0.156   -2.681  1.00 15.33 ? 112 ASP C OD2 1 
ATOM   838  N  N   . PRO A 1 113 ? -0.865  -2.960  -1.549  1.00 10.53 ? 113 PRO C N   1 
ATOM   839  C  CA  . PRO A 1 113 ? -1.480  -4.229  -1.084  1.00 9.14  ? 113 PRO C CA  1 
ATOM   840  C  C   . PRO A 1 113 ? -1.374  -5.431  -1.995  1.00 10.82 ? 113 PRO C C   1 
ATOM   841  O  O   . PRO A 1 113 ? -1.750  -6.518  -1.552  1.00 12.47 ? 113 PRO C O   1 
ATOM   842  C  CB  . PRO A 1 113 ? -2.923  -3.825  -0.842  1.00 10.82 ? 113 PRO C CB  1 
ATOM   843  C  CG  . PRO A 1 113 ? -3.159  -2.764  -1.840  1.00 10.13 ? 113 PRO C CG  1 
ATOM   844  C  CD  . PRO A 1 113 ? -1.890  -1.950  -1.854  1.00 10.03 ? 113 PRO C CD  1 
ATOM   845  N  N   . TYR A 1 114 ? -0.867  -5.242  -3.199  1.00 11.07 ? 114 TYR C N   1 
ATOM   846  C  CA  . TYR A 1 114 ? -0.507  -6.304  -4.123  1.00 12.68 ? 114 TYR C CA  1 
ATOM   847  C  C   . TYR A 1 114 ? 0.872   -6.939  -3.814  1.00 14.03 ? 114 TYR C C   1 
ATOM   848  O  O   . TYR A 1 114 ? 1.237   -7.888  -4.480  1.00 15.79 ? 114 TYR C O   1 
ATOM   849  C  CB  . TYR A 1 114 ? -0.461  -5.751  -5.548  1.00 11.40 ? 114 TYR C CB  1 
ATOM   850  C  CG  . TYR A 1 114 ? 0.463   -4.608  -5.743  1.00 13.87 ? 114 TYR C CG  1 
ATOM   851  C  CD1 . TYR A 1 114 ? 1.802   -4.796  -6.012  1.00 10.16 ? 114 TYR C CD1 1 
ATOM   852  C  CD2 . TYR A 1 114 ? -0.018  -3.285  -5.611  1.00 14.76 ? 114 TYR C CD2 1 
ATOM   853  C  CE1 . TYR A 1 114 ? 2.648   -3.688  -6.181  1.00 16.60 ? 114 TYR C CE1 1 
ATOM   854  C  CE2 . TYR A 1 114 ? 0.778   -2.218  -5.744  1.00 11.79 ? 114 TYR C CE2 1 
ATOM   855  C  CZ  . TYR A 1 114 ? 2.102   -2.402  -6.004  1.00 13.44 ? 114 TYR C CZ  1 
ATOM   856  O  OH  . TYR A 1 114 ? 2.887   -1.290  -6.089  1.00 18.24 ? 114 TYR C OH  1 
ATOM   857  N  N   . ASP A 1 115 ? 1.629   -6.391  -2.846  1.00 12.26 ? 115 ASP C N   1 
ATOM   858  C  CA  . ASP A 1 115 ? 3.008   -6.814  -2.615  1.00 12.62 ? 115 ASP C CA  1 
ATOM   859  C  C   . ASP A 1 115 ? 3.009   -7.910  -1.539  1.00 11.58 ? 115 ASP C C   1 
ATOM   860  O  O   . ASP A 1 115 ? 3.059   -7.632  -0.345  1.00 11.55 ? 115 ASP C O   1 
ATOM   861  C  CB  . ASP A 1 115 ? 3.867   -5.598  -2.226  1.00 11.51 ? 115 ASP C CB  1 
ATOM   862  C  CG  . ASP A 1 115 ? 5.328   -5.934  -2.124  1.00 17.11 ? 115 ASP C CG  1 
ATOM   863  O  OD1 . ASP A 1 115 ? 5.661   -7.151  -1.991  1.00 11.30 ? 115 ASP C OD1 1 
ATOM   864  O  OD2 . ASP A 1 115 ? 6.140   -5.002  -2.111  1.00 16.87 ? 115 ASP C OD2 1 
ATOM   865  N  N   . ASP A 1 116 ? 2.853   -9.137  -2.012  1.00 12.76 ? 116 ASP C N   1 
ATOM   866  C  CA  . ASP A 1 116 ? 2.743   -10.271 -1.151  1.00 13.99 ? 116 ASP C CA  1 
ATOM   867  C  C   . ASP A 1 116 ? 4.049   -10.503 -0.329  1.00 14.32 ? 116 ASP C C   1 
ATOM   868  O  O   . ASP A 1 116 ? 3.976   -11.002 0.771   1.00 10.59 ? 116 ASP C O   1 
ATOM   869  C  CB  . ASP A 1 116 ? 2.334   -11.522 -1.950  1.00 16.44 ? 116 ASP C CB  1 
ATOM   870  C  CG  . ASP A 1 116 ? 3.303   -11.886 -2.993  1.00 19.02 ? 116 ASP C CG  1 
ATOM   871  O  OD1 . ASP A 1 116 ? 3.272   -11.227 -4.061  1.00 16.54 ? 116 ASP C OD1 1 
ATOM   872  O  OD2 . ASP A 1 116 ? 4.134   -12.839 -2.839  1.00 20.14 ? 116 ASP C OD2 1 
ATOM   873  N  N   . TYR A 1 117 ? 5.192   -10.061 -0.838  1.00 12.37 ? 117 TYR C N   1 
ATOM   874  C  CA  . TYR A 1 117 ? 6.458   -10.147 -0.064  1.00 13.01 ? 117 TYR C CA  1 
ATOM   875  C  C   . TYR A 1 117 ? 6.386   -9.306  1.207   1.00 11.60 ? 117 TYR C C   1 
ATOM   876  O  O   . TYR A 1 117 ? 6.640   -9.768  2.316   1.00 11.41 ? 117 TYR C O   1 
ATOM   877  C  CB  . TYR A 1 117 ? 7.649   -9.676  -0.951  1.00 14.36 ? 117 TYR C CB  1 
ATOM   878  C  CG  . TYR A 1 117 ? 8.956   -9.660  -0.203  1.00 13.37 ? 117 TYR C CG  1 
ATOM   879  C  CD1 . TYR A 1 117 ? 9.719   -10.842 -0.041  1.00 14.58 ? 117 TYR C CD1 1 
ATOM   880  C  CD2 . TYR A 1 117 ? 9.326   -8.550  0.523   1.00 14.70 ? 117 TYR C CD2 1 
ATOM   881  C  CE1 . TYR A 1 117 ? 10.908  -10.812 0.735   1.00 12.65 ? 117 TYR C CE1 1 
ATOM   882  C  CE2 . TYR A 1 117 ? 10.471  -8.526  1.276   1.00 14.81 ? 117 TYR C CE2 1 
ATOM   883  C  CZ  . TYR A 1 117 ? 11.261  -9.679  1.386   1.00 17.37 ? 117 TYR C CZ  1 
ATOM   884  O  OH  . TYR A 1 117 ? 12.386  -9.624  2.195   1.00 17.18 ? 117 TYR C OH  1 
ATOM   885  N  N   . ALA A 1 118 ? 5.934   -8.066  1.068   1.00 12.12 ? 118 ALA C N   1 
ATOM   886  C  CA  . ALA A 1 118 ? 5.812   -7.191  2.190   1.00 10.86 ? 118 ALA C CA  1 
ATOM   887  C  C   . ALA A 1 118 ? 4.785   -7.658  3.201   1.00 12.18 ? 118 ALA C C   1 
ATOM   888  O  O   . ALA A 1 118 ? 5.020   -7.606  4.400   1.00 10.76 ? 118 ALA C O   1 
ATOM   889  C  CB  . ALA A 1 118 ? 5.484   -5.778  1.712   1.00 13.22 ? 118 ALA C CB  1 
ATOM   890  N  N   . ILE A 1 119 ? 3.622   -8.067  2.701   1.00 11.23 ? 119 ILE C N   1 
ATOM   891  C  CA  . ILE A 1 119 ? 2.586   -8.519  3.575   1.00 11.13 ? 119 ILE C CA  1 
ATOM   892  C  C   . ILE A 1 119 ? 3.021   -9.760  4.325   1.00 11.45 ? 119 ILE C C   1 
ATOM   893  O  O   . ILE A 1 119 ? 2.710   -9.837  5.492   1.00 12.17 ? 119 ILE C O   1 
ATOM   894  C  CB  . ILE A 1 119 ? 1.278   -8.834  2.752   1.00 11.31 ? 119 ILE C CB  1 
ATOM   895  C  CG1 . ILE A 1 119 ? 0.649   -7.536  2.272   1.00 9.86  ? 119 ILE C CG1 1 
ATOM   896  C  CG2 . ILE A 1 119 ? 0.261   -9.781  3.491   1.00 12.87 ? 119 ILE C CG2 1 
ATOM   897  C  CD1 . ILE A 1 119 ? -0.212  -7.684  1.074   1.00 13.02 ? 119 ILE C CD1 1 
ATOM   898  N  N   . ASP A 1 120 ? 3.600   -10.749 3.615   1.00 11.09 ? 120 ASP C N   1 
ATOM   899  C  CA  . ASP A 1 120 ? 4.081   -11.961 4.283   1.00 11.64 ? 120 ASP C CA  1 
ATOM   900  C  C   . ASP A 1 120 ? 5.194   -11.646 5.310   1.00 12.83 ? 120 ASP C C   1 
ATOM   901  O  O   . ASP A 1 120 ? 5.219   -12.226 6.392   1.00 12.50 ? 120 ASP C O   1 
ATOM   902  C  CB  . ASP A 1 120 ? 4.457   -13.036 3.268   1.00 11.80 ? 120 ASP C CB  1 
ATOM   903  C  CG  . ASP A 1 120 ? 3.259   -13.628 2.580   1.00 13.56 ? 120 ASP C CG  1 
ATOM   904  O  OD1 . ASP A 1 120 ? 2.088   -13.269 2.947   1.00 13.41 ? 120 ASP C OD1 1 
ATOM   905  O  OD2 . ASP A 1 120 ? 3.410   -14.340 1.567   1.00 13.18 ? 120 ASP C OD2 1 
ATOM   906  N  N   . ALA A 1 121 ? 6.033   -10.654 5.023   1.00 13.47 ? 121 ALA C N   1 
ATOM   907  C  CA  . ALA A 1 121 ? 7.003   -10.126 6.020   1.00 12.78 ? 121 ALA C CA  1 
ATOM   908  C  C   . ALA A 1 121 ? 6.327   -9.608  7.292   1.00 13.79 ? 121 ALA C C   1 
ATOM   909  O  O   . ALA A 1 121 ? 6.747   -9.952  8.444   1.00 15.11 ? 121 ALA C O   1 
ATOM   910  C  CB  . ALA A 1 121 ? 7.897   -9.061  5.361   1.00 12.92 ? 121 ALA C CB  1 
ATOM   911  N  N   . VAL A 1 122 ? 5.224   -8.873  7.117   1.00 12.22 ? 122 VAL C N   1 
ATOM   912  C  CA  . VAL A 1 122 ? 4.531   -8.300  8.249   1.00 12.95 ? 122 VAL C CA  1 
ATOM   913  C  C   . VAL A 1 122 ? 3.854   -9.408  9.036   1.00 11.66 ? 122 VAL C C   1 
ATOM   914  O  O   . VAL A 1 122 ? 3.920   -9.448  10.309  1.00 13.04 ? 122 VAL C O   1 
ATOM   915  C  CB  . VAL A 1 122 ? 3.539   -7.185  7.775   1.00 12.69 ? 122 VAL C CB  1 
ATOM   916  C  CG1 . VAL A 1 122 ? 2.688   -6.747  8.882   1.00 16.36 ? 122 VAL C CG1 1 
ATOM   917  C  CG2 . VAL A 1 122 ? 4.339   -6.024  7.214   1.00 12.48 ? 122 VAL C CG2 1 
ATOM   918  N  N   . ARG A 1 123 ? 3.269   -10.347 8.315   1.00 10.71 ? 123 ARG C N   1 
ATOM   919  C  CA  . ARG A 1 123 ? 2.530   -11.451 8.952   1.00 12.10 ? 123 ARG C CA  1 
ATOM   920  C  C   . ARG A 1 123 ? 3.520   -12.244 9.843   1.00 12.84 ? 123 ARG C C   1 
ATOM   921  O  O   . ARG A 1 123 ? 3.238   -12.576 11.032  1.00 13.69 ? 123 ARG C O   1 
ATOM   922  C  CB  . ARG A 1 123 ? 1.906   -12.398 7.876   1.00 12.34 ? 123 ARG C CB  1 
ATOM   923  C  CG  . ARG A 1 123 ? 0.668   -11.917 7.157   1.00 10.72 ? 123 ARG C CG  1 
ATOM   924  C  CD  . ARG A 1 123 ? 0.224   -12.733 6.008   1.00 10.46 ? 123 ARG C CD  1 
ATOM   925  N  NE  . ARG A 1 123 ? -0.081  -14.082 6.457   1.00 11.57 ? 123 ARG C NE  1 
ATOM   926  C  CZ  . ARG A 1 123 ? 0.232   -15.219 5.851   1.00 14.44 ? 123 ARG C CZ  1 
ATOM   927  N  NH1 . ARG A 1 123 ? 0.809   -15.281 4.677   1.00 14.22 ? 123 ARG C NH1 1 
ATOM   928  N  NH2 . ARG A 1 123 ? -0.065  -16.349 6.490   1.00 15.61 ? 123 ARG C NH2 1 
ATOM   929  N  N   . LEU A 1 124 ? 4.704   -12.520 9.285   1.00 12.77 ? 124 LEU C N   1 
ATOM   930  C  CA  . LEU A 1 124 ? 5.708   -13.342 9.990   1.00 13.74 ? 124 LEU C CA  1 
ATOM   931  C  C   . LEU A 1 124 ? 6.322   -12.580 11.175  1.00 14.79 ? 124 LEU C C   1 
ATOM   932  O  O   . LEU A 1 124 ? 6.501   -13.143 12.285  1.00 14.35 ? 124 LEU C O   1 
ATOM   933  C  CB  . LEU A 1 124 ? 6.838   -13.768 9.051   1.00 13.05 ? 124 LEU C CB  1 
ATOM   934  C  CG  . LEU A 1 124 ? 7.924   -14.692 9.692   1.00 16.65 ? 124 LEU C CG  1 
ATOM   935  C  CD1 . LEU A 1 124 ? 7.284   -16.054 10.201  1.00 22.13 ? 124 LEU C CD1 1 
ATOM   936  C  CD2 . LEU A 1 124 ? 9.025   -15.041 8.684   1.00 21.81 ? 124 LEU C CD2 1 
ATOM   937  N  N   . ALA A 1 125 ? 6.623   -11.304 10.957  1.00 14.78 ? 125 ALA C N   1 
ATOM   938  C  CA  . ALA A 1 125 ? 7.311   -10.514 11.989  1.00 15.63 ? 125 ALA C CA  1 
ATOM   939  C  C   . ALA A 1 125 ? 6.396   -10.217 13.164  1.00 14.96 ? 125 ALA C C   1 
ATOM   940  O  O   . ALA A 1 125 ? 6.864   -10.208 14.329  1.00 13.61 ? 125 ALA C O   1 
ATOM   941  C  CB  . ALA A 1 125 ? 7.884   -9.224  11.429  1.00 16.51 ? 125 ALA C CB  1 
ATOM   942  N  N   . THR A 1 126 ? 5.100   -9.975  12.905  1.00 13.45 ? 126 THR C N   1 
ATOM   943  C  CA  . THR A 1 126 ? 4.202   -9.581  14.008  1.00 15.11 ? 126 THR C CA  1 
ATOM   944  C  C   . THR A 1 126 ? 3.597   -10.794 14.647  1.00 15.20 ? 126 THR C C   1 
ATOM   945  O  O   . THR A 1 126 ? 3.237   -10.786 15.834  1.00 16.74 ? 126 THR C O   1 
ATOM   946  C  CB  . THR A 1 126 ? 3.040   -8.646  13.542  1.00 14.95 ? 126 THR C CB  1 
ATOM   947  O  OG1 . THR A 1 126 ? 2.313   -9.292  12.463  1.00 14.76 ? 126 THR C OG1 1 
ATOM   948  C  CG2 . THR A 1 126 ? 3.564   -7.309  12.945  1.00 13.95 ? 126 THR C CG2 1 
ATOM   949  N  N   . GLY A 1 127 ? 3.472   -11.850 13.874  1.00 15.68 ? 127 GLY C N   1 
ATOM   950  C  CA  . GLY A 1 127 ? 2.704   -13.003 14.289  1.00 17.04 ? 127 GLY C CA  1 
ATOM   951  C  C   . GLY A 1 127 ? 1.216   -12.744 14.484  1.00 17.44 ? 127 GLY C C   1 
ATOM   952  O  O   . GLY A 1 127 ? 0.551   -13.551 15.115  1.00 18.04 ? 127 GLY C O   1 
ATOM   953  N  N   . LEU A 1 128 ? 0.694   -11.664 13.909  1.00 15.44 ? 128 LEU C N   1 
ATOM   954  C  CA  . LEU A 1 128 ? -0.725  -11.268 14.056  1.00 16.03 ? 128 LEU C CA  1 
ATOM   955  C  C   . LEU A 1 128 ? -1.472  -11.414 12.763  1.00 15.80 ? 128 LEU C C   1 
ATOM   956  O  O   . LEU A 1 128 ? -0.913  -11.195 11.673  1.00 16.15 ? 128 LEU C O   1 
ATOM   957  C  CB  . LEU A 1 128 ? -0.872  -9.808  14.522  1.00 15.36 ? 128 LEU C CB  1 
ATOM   958  C  CG  . LEU A 1 128 ? -0.389  -9.597  15.970  1.00 18.23 ? 128 LEU C CG  1 
ATOM   959  C  CD1 . LEU A 1 128 ? -0.324  -8.144  16.328  1.00 17.08 ? 128 LEU C CD1 1 
ATOM   960  C  CD2 . LEU A 1 128 ? -1.256  -10.343 17.046  1.00 23.88 ? 128 LEU C CD2 1 
ATOM   961  N  N   . PRO A 1 129 ? -2.746  -11.782 12.845  1.00 16.55 ? 129 PRO C N   1 
ATOM   962  C  CA  . PRO A 1 129 ? -3.577  -11.745 11.641  1.00 15.97 ? 129 PRO C CA  1 
ATOM   963  C  C   . PRO A 1 129 ? -3.841  -10.277 11.272  1.00 15.19 ? 129 PRO C C   1 
ATOM   964  O  O   . PRO A 1 129 ? -3.958  -9.437  12.150  1.00 16.97 ? 129 PRO C O   1 
ATOM   965  C  CB  . PRO A 1 129 ? -4.812  -12.543 12.000  1.00 17.55 ? 129 PRO C CB  1 
ATOM   966  C  CG  . PRO A 1 129 ? -4.836  -12.732 13.475  1.00 15.40 ? 129 PRO C CG  1 
ATOM   967  C  CD  . PRO A 1 129 ? -3.446  -12.345 14.019  1.00 17.36 ? 129 PRO C CD  1 
ATOM   968  N  N   . LEU A 1 130 ? -3.761  -9.959  9.984   1.00 12.21 ? 130 LEU C N   1 
ATOM   969  C  CA  . LEU A 1 130 ? -3.878  -8.599  9.484   1.00 10.93 ? 130 LEU C CA  1 
ATOM   970  C  C   . LEU A 1 130 ? -5.250  -8.339  8.909   1.00 10.43 ? 130 LEU C C   1 
ATOM   971  O  O   . LEU A 1 130 ? -5.861  -9.259  8.321   1.00 11.32 ? 130 LEU C O   1 
ATOM   972  C  CB  . LEU A 1 130 ? -2.865  -8.373  8.339   1.00 11.53 ? 130 LEU C CB  1 
ATOM   973  C  CG  . LEU A 1 130 ? -1.384  -8.776  8.679   1.00 11.28 ? 130 LEU C CG  1 
ATOM   974  C  CD1 . LEU A 1 130 ? -0.451  -8.419  7.552   1.00 11.70 ? 130 LEU C CD1 1 
ATOM   975  C  CD2 . LEU A 1 130 ? -0.864  -8.076  9.921   1.00 10.85 ? 130 LEU C CD2 1 
ATOM   976  N  N   . LEU A 1 131 ? -5.667  -7.078  8.999   1.00 10.25 ? 131 LEU C N   1 
ATOM   977  C  CA  . LEU A 1 131 ? -6.755  -6.542  8.194   1.00 12.44 ? 131 LEU C CA  1 
ATOM   978  C  C   . LEU A 1 131 ? -6.155  -5.378  7.414   1.00 11.65 ? 131 LEU C C   1 
ATOM   979  O  O   . LEU A 1 131 ? -5.677  -4.430  7.986   1.00 10.44 ? 131 LEU C O   1 
ATOM   980  C  CB  . LEU A 1 131 ? -7.922  -6.073  9.073   1.00 12.90 ? 131 LEU C CB  1 
ATOM   981  C  CG  . LEU A 1 131 ? -9.311  -5.868  8.461   1.00 15.58 ? 131 LEU C CG  1 
ATOM   982  C  CD1 . LEU A 1 131 ? -9.909  -7.167  7.928   1.00 13.34 ? 131 LEU C CD1 1 
ATOM   983  C  CD2 . LEU A 1 131 ? -10.217 -5.272  9.505   1.00 19.36 ? 131 LEU C CD2 1 
ATOM   984  N  N   . LEU A 1 132 ? -6.138  -5.504  6.088   1.00 11.09 ? 132 LEU C N   1 
ATOM   985  C  CA  . LEU A 1 132 ? -5.512  -4.548  5.226   1.00 10.92 ? 132 LEU C CA  1 
ATOM   986  C  C   . LEU A 1 132 ? -6.447  -3.411  4.840   1.00 11.82 ? 132 LEU C C   1 
ATOM   987  O  O   . LEU A 1 132 ? -7.580  -3.630  4.495   1.00 11.35 ? 132 LEU C O   1 
ATOM   988  C  CB  . LEU A 1 132 ? -4.996  -5.210  3.957   1.00 11.00 ? 132 LEU C CB  1 
ATOM   989  C  CG  . LEU A 1 132 ? -3.895  -6.278  4.200   1.00 11.04 ? 132 LEU C CG  1 
ATOM   990  C  CD1 . LEU A 1 132 ? -3.527  -6.921  2.855   1.00 12.91 ? 132 LEU C CD1 1 
ATOM   991  C  CD2 . LEU A 1 132 ? -2.736  -5.617  4.942   1.00 11.19 ? 132 LEU C CD2 1 
ATOM   992  N  N   . HIS A 1 133 ? -5.934  -2.179  4.914   1.00 12.22 ? 133 HIS C N   1 
ATOM   993  C  CA  . HIS A 1 133 ? -6.663  -0.996  4.485   1.00 10.96 ? 133 HIS C CA  1 
ATOM   994  C  C   . HIS A 1 133 ? -5.781  -0.176  3.571   1.00 11.12 ? 133 HIS C C   1 
ATOM   995  O  O   . HIS A 1 133 ? -4.610  0.123   3.926   1.00 10.17 ? 133 HIS C O   1 
ATOM   996  C  CB  . HIS A 1 133 ? -6.986  -0.148  5.707   1.00 10.98 ? 133 HIS C CB  1 
ATOM   997  C  CG  . HIS A 1 133 ? -7.769  -0.858  6.771   1.00 8.97  ? 133 HIS C CG  1 
ATOM   998  N  ND1 . HIS A 1 133 ? -7.214  -1.284  7.948   1.00 16.34 ? 133 HIS C ND1 1 
ATOM   999  C  CD2 . HIS A 1 133 ? -9.090  -1.091  6.891   1.00 2.02  ? 133 HIS C CD2 1 
ATOM   1000 C  CE1 . HIS A 1 133 ? -8.152  -1.859  8.695   1.00 13.27 ? 133 HIS C CE1 1 
ATOM   1001 N  NE2 . HIS A 1 133 ? -9.291  -1.795  8.046   1.00 14.16 ? 133 HIS C NE2 1 
ATOM   1002 N  N   . VAL A 1 134 ? -6.263  0.142   2.387   1.00 10.28 ? 134 VAL C N   1 
ATOM   1003 C  CA  . VAL A 1 134 ? -5.432  0.835   1.405   1.00 11.59 ? 134 VAL C CA  1 
ATOM   1004 C  C   . VAL A 1 134 ? -5.449  2.354   1.745   1.00 11.99 ? 134 VAL C C   1 
ATOM   1005 O  O   . VAL A 1 134 ? -6.493  2.962   2.087   1.00 12.66 ? 134 VAL C O   1 
ATOM   1006 C  CB  . VAL A 1 134 ? -5.922  0.598   -0.048  1.00 10.77 ? 134 VAL C CB  1 
ATOM   1007 C  CG1 . VAL A 1 134 ? -4.993  1.253   -1.102  1.00 12.55 ? 134 VAL C CG1 1 
ATOM   1008 C  CG2 . VAL A 1 134 ? -6.211  -0.927  -0.317  1.00 13.25 ? 134 VAL C CG2 1 
ATOM   1009 N  N   . GLY A 1 135 ? -4.293  2.942   1.679   1.00 12.08 ? 135 GLY C N   1 
ATOM   1010 C  CA  . GLY A 1 135 ? -4.111  4.381   1.877   1.00 10.93 ? 135 GLY C CA  1 
ATOM   1011 C  C   . GLY A 1 135 ? -3.153  4.961   0.847   1.00 10.15 ? 135 GLY C C   1 
ATOM   1012 O  O   . GLY A 1 135 ? -2.336  4.275   0.207   1.00 10.01 ? 135 GLY C O   1 
ATOM   1013 N  N   . LEU A 1 136 ? -3.334  6.252   0.600   1.00 10.56 ? 136 LEU C N   1 
ATOM   1014 C  CA  . LEU A 1 136 ? -2.511  6.988   -0.311  1.00 10.55 ? 136 LEU C CA  1 
ATOM   1015 C  C   . LEU A 1 136 ? -1.080  7.034   0.370   1.00 11.47 ? 136 LEU C C   1 
ATOM   1016 O  O   . LEU A 1 136 ? -0.916  7.158   1.619   1.00 10.81 ? 136 LEU C O   1 
ATOM   1017 C  CB  . LEU A 1 136 ? -3.051  8.415   -0.574  1.00 12.01 ? 136 LEU C CB  1 
ATOM   1018 C  CG  . LEU A 1 136 ? -4.086  8.622   -1.705  1.00 12.83 ? 136 LEU C CG  1 
ATOM   1019 C  CD1 . LEU A 1 136 ? -5.427  7.988   -1.346  1.00 14.81 ? 136 LEU C CD1 1 
ATOM   1020 C  CD2 . LEU A 1 136 ? -4.236  10.160  -1.883  1.00 17.81 ? 136 LEU C CD2 1 
ATOM   1021 N  N   . ARG A 1 137 ? -0.114  6.754   -0.468  1.00 10.84 ? 137 ARG C N   1 
ATOM   1022 C  CA  . ARG A 1 137 ? 1.259   6.591   -0.073  1.00 12.27 ? 137 ARG C CA  1 
ATOM   1023 C  C   . ARG A 1 137 ? 1.723   7.719   0.860   1.00 13.91 ? 137 ARG C C   1 
ATOM   1024 O  O   . ARG A 1 137 ? 2.323   7.467   1.910   1.00 11.41 ? 137 ARG C O   1 
ATOM   1025 C  CB  . ARG A 1 137 ? 2.147   6.524   -1.308  1.00 12.35 ? 137 ARG C CB  1 
ATOM   1026 C  CG  . ARG A 1 137 ? 3.638   6.054   -1.010  1.00 14.79 ? 137 ARG C CG  1 
ATOM   1027 C  CD  . ARG A 1 137 ? 4.514   5.939   -2.283  1.00 19.72 ? 137 ARG C CD  1 
ATOM   1028 N  NE  . ARG A 1 137 ? 3.767   5.111   -3.223  1.00 19.03 ? 137 ARG C NE  1 
ATOM   1029 C  CZ  . ARG A 1 137 ? 3.691   3.794   -3.159  1.00 18.87 ? 137 ARG C CZ  1 
ATOM   1030 N  NH1 . ARG A 1 137 ? 2.848   3.199   -3.953  1.00 18.31 ? 137 ARG C NH1 1 
ATOM   1031 N  NH2 . ARG A 1 137 ? 4.480   3.086   -2.334  1.00 18.17 ? 137 ARG C NH2 1 
ATOM   1032 N  N   . SER A 1 138 ? 1.494   8.963   0.466   1.00 15.18 ? 138 SER C N   1 
ATOM   1033 C  CA  . SER A 1 138 ? 2.063   10.074  1.216   1.00 15.30 ? 138 SER C CA  1 
ATOM   1034 C  C   . SER A 1 138 ? 1.318   10.265  2.491   1.00 14.09 ? 138 SER C C   1 
ATOM   1035 O  O   . SER A 1 138 ? 1.857   10.840  3.475   1.00 14.08 ? 138 SER C O   1 
ATOM   1036 C  CB  . SER A 1 138 ? 1.964   11.363  0.371   1.00 18.58 ? 138 SER C CB  1 
ATOM   1037 O  OG  . SER A 1 138 ? 2.866   11.170  -0.719  1.00 23.09 ? 138 SER C OG  1 
ATOM   1038 N  N   . GLU A 1 139 ? 0.030   9.893   2.507   1.00 14.34 ? 139 GLU C N   1 
ATOM   1039 C  CA  . GLU A 1 139 ? -0.744  9.973   3.740   1.00 13.06 ? 139 GLU C CA  1 
ATOM   1040 C  C   . GLU A 1 139 ? -0.233  8.997   4.799   1.00 12.67 ? 139 GLU C C   1 
ATOM   1041 O  O   . GLU A 1 139 ? -0.208  9.311   5.991   1.00 12.39 ? 139 GLU C O   1 
ATOM   1042 C  CB  . GLU A 1 139 ? -2.235  9.738   3.477   1.00 14.06 ? 139 GLU C CB  1 
ATOM   1043 C  CG  . GLU A 1 139 ? -2.820  10.857  2.629   1.00 15.39 ? 139 GLU C CG  1 
ATOM   1044 C  CD  . GLU A 1 139 ? -4.305  10.683  2.316   1.00 18.11 ? 139 GLU C CD  1 
ATOM   1045 O  OE1 . GLU A 1 139 ? -4.975  9.903   2.974   1.00 16.69 ? 139 GLU C OE1 1 
ATOM   1046 O  OE2 . GLU A 1 139 ? -4.740  11.385  1.405   1.00 17.27 ? 139 GLU C OE2 1 
ATOM   1047 N  N   . ILE A 1 140 ? 0.088   7.788   4.367   1.00 12.91 ? 140 ILE C N   1 
ATOM   1048 C  CA  . ILE A 1 140 ? 0.733   6.784   5.223   1.00 12.20 ? 140 ILE C CA  1 
ATOM   1049 C  C   . ILE A 1 140 ? 2.093   7.311   5.707   1.00 13.87 ? 140 ILE C C   1 
ATOM   1050 O  O   . ILE A 1 140 ? 2.405   7.224   6.908   1.00 13.07 ? 140 ILE C O   1 
ATOM   1051 C  CB  . ILE A 1 140 ? 0.901   5.450   4.461   1.00 13.46 ? 140 ILE C CB  1 
ATOM   1052 C  CG1 . ILE A 1 140 ? -0.462  4.867   4.152   1.00 10.19 ? 140 ILE C CG1 1 
ATOM   1053 C  CG2 . ILE A 1 140 ? 1.750   4.467   5.270   1.00 14.40 ? 140 ILE C CG2 1 
ATOM   1054 C  CD1 . ILE A 1 140 ? -0.453  3.631   3.333   1.00 9.45  ? 140 ILE C CD1 1 
ATOM   1055 N  N   . ASP A 1 141 ? 2.904   7.834   4.789   1.00 14.50 ? 141 ASP C N   1 
ATOM   1056 C  CA  . ASP A 1 141 ? 4.226   8.368   5.196   1.00 16.51 ? 141 ASP C CA  1 
ATOM   1057 C  C   . ASP A 1 141 ? 4.117   9.456   6.259   1.00 17.64 ? 141 ASP C C   1 
ATOM   1058 O  O   . ASP A 1 141 ? 4.841   9.435   7.232   1.00 17.28 ? 141 ASP C O   1 
ATOM   1059 C  CB  . ASP A 1 141 ? 4.931   8.935   3.999   1.00 16.57 ? 141 ASP C CB  1 
ATOM   1060 C  CG  . ASP A 1 141 ? 5.325   7.867   3.042   1.00 14.89 ? 141 ASP C CG  1 
ATOM   1061 O  OD1 . ASP A 1 141 ? 5.334   6.645   3.372   1.00 17.44 ? 141 ASP C OD1 1 
ATOM   1062 O  OD2 . ASP A 1 141 ? 5.614   8.179   1.909   1.00 16.96 ? 141 ASP C OD2 1 
ATOM   1063 N  N   . ASP A 1 142 ? 3.132   10.333  6.076   1.00 19.43 ? 142 ASP C N   1 
ATOM   1064 C  CA  . ASP A 1 142 ? 2.880   11.449  6.975   1.00 20.91 ? 142 ASP C CA  1 
ATOM   1065 C  C   . ASP A 1 142 ? 2.495   10.939  8.347   1.00 19.22 ? 142 ASP C C   1 
ATOM   1066 O  O   . ASP A 1 142 ? 3.032   11.369  9.368   1.00 19.86 ? 142 ASP C O   1 
ATOM   1067 C  CB  . ASP A 1 142 ? 1.745   12.317  6.417   1.00 21.81 ? 142 ASP C CB  1 
ATOM   1068 C  CG  . ASP A 1 142 ? 2.184   13.245  5.304   1.00 24.55 ? 142 ASP C CG  1 
ATOM   1069 O  OD1 . ASP A 1 142 ? 3.363   13.334  4.928   1.00 27.03 ? 142 ASP C OD1 1 
ATOM   1070 O  OD2 . ASP A 1 142 ? 1.363   13.905  4.698   1.00 27.63 ? 142 ASP C OD2 1 
ATOM   1071 N  N   . LEU A 1 143 ? 1.604   9.951   8.407   1.00 18.74 ? 143 LEU C N   1 
ATOM   1072 C  CA  . LEU A 1 143 ? 1.184   9.375   9.675   1.00 17.22 ? 143 LEU C CA  1 
ATOM   1073 C  C   . LEU A 1 143 ? 2.364   8.687   10.362  1.00 18.86 ? 143 LEU C C   1 
ATOM   1074 O  O   . LEU A 1 143 ? 2.536   8.801   11.617  1.00 16.77 ? 143 LEU C O   1 
ATOM   1075 C  CB  . LEU A 1 143 ? 0.069   8.327   9.514   1.00 18.35 ? 143 LEU C CB  1 
ATOM   1076 C  CG  . LEU A 1 143 ? -0.417  7.743   10.836  1.00 21.54 ? 143 LEU C CG  1 
ATOM   1077 C  CD1 . LEU A 1 143 ? -1.353  8.724   11.454  1.00 24.64 ? 143 LEU C CD1 1 
ATOM   1078 C  CD2 . LEU A 1 143 ? -1.080  6.433   10.623  1.00 23.34 ? 143 LEU C CD2 1 
ATOM   1079 N  N   . ILE A 1 144 ? 3.170   7.936   9.597   1.00 18.33 ? 144 ILE C N   1 
ATOM   1080 C  CA  . ILE A 1 144 ? 4.312   7.238   10.209  1.00 17.89 ? 144 ILE C CA  1 
ATOM   1081 C  C   . ILE A 1 144 ? 5.162   8.295   10.949  1.00 22.10 ? 144 ILE C C   1 
ATOM   1082 O  O   . ILE A 1 144 ? 5.487   8.061   12.107  1.00 24.46 ? 144 ILE C O   1 
ATOM   1083 C  CB  . ILE A 1 144 ? 5.171   6.498   9.212   1.00 16.72 ? 144 ILE C CB  1 
ATOM   1084 C  CG1 . ILE A 1 144 ? 4.410   5.274   8.631   1.00 14.95 ? 144 ILE C CG1 1 
ATOM   1085 C  CG2 . ILE A 1 144 ? 6.533   6.042   9.885   1.00 17.73 ? 144 ILE C CG2 1 
ATOM   1086 C  CD1 . ILE A 1 144 ? 4.954   4.780   7.297   1.00 16.79 ? 144 ILE C CD1 1 
ATOM   1087 N  N   . GLU A 1 145 ? 5.473   9.408   10.306  1.00 24.57 ? 145 GLU C N   1 
ATOM   1088 C  CA  . GLU A 1 145 ? 6.340   10.434  10.887  1.00 28.35 ? 145 GLU C CA  1 
ATOM   1089 C  C   . GLU A 1 145 ? 5.703   11.163  12.074  1.00 29.86 ? 145 GLU C C   1 
ATOM   1090 O  O   . GLU A 1 145 ? 6.391   11.471  13.078  1.00 31.41 ? 145 GLU C O   1 
ATOM   1091 C  CB  . GLU A 1 145 ? 6.728   11.491  9.856   1.00 29.31 ? 145 GLU C CB  1 
ATOM   1092 C  CG  . GLU A 1 145 ? 7.819   12.478  10.319  1.00 33.61 ? 145 GLU C CG  1 
ATOM   1093 C  CD  . GLU A 1 145 ? 9.003   11.738  10.927  1.00 40.77 ? 145 GLU C CD  1 
ATOM   1094 O  OE1 . GLU A 1 145 ? 9.651   10.959  10.193  1.00 44.19 ? 145 GLU C OE1 1 
ATOM   1095 O  OE2 . GLU A 1 145 ? 9.255   11.876  12.157  1.00 47.47 ? 145 GLU C OE2 1 
ATOM   1096 N  N   . ARG A 1 146 ? 4.427   11.495  11.931  1.00 28.88 ? 146 ARG C N   1 
ATOM   1097 C  CA  . ARG A 1 146 ? 3.664   12.146  12.963  1.00 29.61 ? 146 ARG C CA  1 
ATOM   1098 C  C   . ARG A 1 146 ? 3.570   11.285  14.193  1.00 29.49 ? 146 ARG C C   1 
ATOM   1099 O  O   . ARG A 1 146 ? 3.791   11.734  15.326  1.00 29.40 ? 146 ARG C O   1 
ATOM   1100 C  CB  . ARG A 1 146 ? 2.277   12.465  12.403  1.00 29.85 ? 146 ARG C CB  1 
ATOM   1101 C  CG  . ARG A 1 146 ? 1.294   12.942  13.399  1.00 32.98 ? 146 ARG C CG  1 
ATOM   1102 C  CD  . ARG A 1 146 ? 0.180   13.680  12.714  1.00 37.73 ? 146 ARG C CD  1 
ATOM   1103 N  NE  . ARG A 1 146 ? -1.027  12.895  12.692  1.00 38.92 ? 146 ARG C NE  1 
ATOM   1104 C  CZ  . ARG A 1 146 ? -1.652  12.398  11.629  1.00 38.62 ? 146 ARG C CZ  1 
ATOM   1105 N  NH1 . ARG A 1 146 ? -1.184  12.547  10.370  1.00 38.66 ? 146 ARG C NH1 1 
ATOM   1106 N  NH2 . ARG A 1 146 ? -2.802  11.744  11.851  1.00 36.21 ? 146 ARG C NH2 1 
ATOM   1107 N  N   . TRP A 1 147 ? 3.290   10.014  13.984  1.00 27.81 ? 147 TRP C N   1 
ATOM   1108 C  CA  . TRP A 1 147 ? 3.150   9.126   15.088  1.00 29.36 ? 147 TRP C CA  1 
ATOM   1109 C  C   . TRP A 1 147 ? 4.524   8.729   15.659  1.00 31.87 ? 147 TRP C C   1 
ATOM   1110 O  O   . TRP A 1 147 ? 4.591   8.418   16.866  1.00 31.08 ? 147 TRP C O   1 
ATOM   1111 C  CB  . TRP A 1 147 ? 2.364   7.887   14.698  1.00 27.69 ? 147 TRP C CB  1 
ATOM   1112 C  CG  . TRP A 1 147 ? 0.911   8.058   14.720  1.00 25.10 ? 147 TRP C CG  1 
ATOM   1113 C  CD1 . TRP A 1 147 ? 0.194   9.238   14.891  1.00 21.27 ? 147 TRP C CD1 1 
ATOM   1114 C  CD2 . TRP A 1 147 ? -0.048  7.021   14.609  1.00 26.30 ? 147 TRP C CD2 1 
ATOM   1115 N  NE1 . TRP A 1 147 ? -1.147  8.964   14.899  1.00 25.52 ? 147 TRP C NE1 1 
ATOM   1116 C  CE2 . TRP A 1 147 ? -1.324  7.608   14.725  1.00 26.27 ? 147 TRP C CE2 1 
ATOM   1117 C  CE3 . TRP A 1 147 ? 0.037   5.627   14.434  1.00 27.12 ? 147 TRP C CE3 1 
ATOM   1118 C  CZ2 . TRP A 1 147 ? -2.494  6.855   14.650  1.00 27.65 ? 147 TRP C CZ2 1 
ATOM   1119 C  CZ3 . TRP A 1 147 ? -1.099  4.888   14.382  1.00 27.34 ? 147 TRP C CZ3 1 
ATOM   1120 C  CH2 . TRP A 1 147 ? -2.365  5.494   14.486  1.00 26.44 ? 147 TRP C CH2 1 
ATOM   1121 N  N   . TYR A 1 148 ? 5.578   8.736   14.819  1.00 32.62 ? 148 TYR C N   1 
ATOM   1122 C  CA  . TYR A 1 148 ? 6.941   8.289   15.230  1.00 33.50 ? 148 TYR C CA  1 
ATOM   1123 C  C   . TYR A 1 148 ? 8.040   9.199   14.707  1.00 36.07 ? 148 TYR C C   1 
ATOM   1124 O  O   . TYR A 1 148 ? 7.777   10.140  13.977  1.00 38.75 ? 148 TYR C O   1 
ATOM   1125 C  CB  . TYR A 1 148 ? 7.190   6.831   14.877  1.00 32.62 ? 148 TYR C CB  1 
ATOM   1126 C  CG  . TYR A 1 148 ? 6.012   5.904   15.173  1.00 29.20 ? 148 TYR C CG  1 
ATOM   1127 C  CD1 . TYR A 1 148 ? 5.637   5.654   16.452  1.00 31.79 ? 148 TYR C CD1 1 
ATOM   1128 C  CD2 . TYR A 1 148 ? 5.289   5.253   14.159  1.00 28.82 ? 148 TYR C CD2 1 
ATOM   1129 C  CE1 . TYR A 1 148 ? 4.556   4.800   16.741  1.00 30.33 ? 148 TYR C CE1 1 
ATOM   1130 C  CE2 . TYR A 1 148 ? 4.198   4.433   14.438  1.00 23.40 ? 148 TYR C CE2 1 
ATOM   1131 C  CZ  . TYR A 1 148 ? 3.852   4.199   15.741  1.00 25.17 ? 148 TYR C CZ  1 
ATOM   1132 O  OH  . TYR A 1 148 ? 2.804   3.396   16.149  1.00 24.37 ? 148 TYR C OH  1 
ATOM   1133 N  N   . GLY A 1 149 ? 9.273   8.992   15.133  1.00 38.43 ? 149 GLY C N   1 
ATOM   1134 C  CA  . GLY A 1 149 ? 10.346  9.938   14.800  1.00 40.21 ? 149 GLY C CA  1 
ATOM   1135 C  C   . GLY A 1 149 ? 10.115  11.432  15.061  1.00 40.46 ? 149 GLY C C   1 
ATOM   1136 O  O   . GLY A 1 149 ? 9.727   11.888  16.174  1.00 41.77 ? 149 GLY C O   1 
HETATM 1137 AS AS  . CAC B 2 .   ? -1.403  -0.446  16.986  1.00 36.86 ? 200 CAC C AS  1 
HETATM 1138 O  O1  . CAC B 2 .   ? -2.277  -0.415  18.591  1.00 42.53 ? 200 CAC C O1  1 
HETATM 1139 O  O2  . CAC B 2 .   ? -2.047  0.588   15.707  1.00 45.36 ? 200 CAC C O2  1 
HETATM 1140 C  C1  . CAC B 2 .   ? 0.232   0.513   17.663  1.00 41.93 ? 200 CAC C C1  1 
HETATM 1141 C  C2  . CAC B 2 .   ? -1.450  -2.414  17.039  1.00 42.43 ? 200 CAC C C2  1 
HETATM 1142 O  O   . HOH C 3 .   ? 14.767  -2.713  -1.292  1.00 62.03 ? 201 HOH C O   1 
HETATM 1143 O  O   . HOH C 3 .   ? 1.369   5.505   -4.927  1.00 17.93 ? 202 HOH C O   1 
HETATM 1144 O  O   . HOH C 3 .   ? -2.967  11.880  -5.794  1.00 11.28 ? 203 HOH C O   1 
HETATM 1145 O  O   . HOH C 3 .   ? -3.102  -8.897  -1.099  1.00 13.85 ? 204 HOH C O   1 
HETATM 1146 O  O   . HOH C 3 .   ? -5.529  11.814  -9.274  1.00 14.68 ? 205 HOH C O   1 
HETATM 1147 O  O   . HOH C 3 .   ? 11.573  -8.131  12.160  1.00 18.93 ? 206 HOH C O   1 
HETATM 1148 O  O   . HOH C 3 .   ? -8.378  -5.464  -13.845 1.00 10.69 ? 207 HOH C O   1 
HETATM 1149 O  O   . HOH C 3 .   ? -3.382  8.653   -12.456 1.00 17.60 ? 208 HOH C O   1 
HETATM 1150 O  O   . HOH C 3 .   ? -8.654  -9.810  -6.360  1.00 20.45 ? 209 HOH C O   1 
HETATM 1151 O  O   . HOH C 3 .   ? -4.699  13.375  -7.211  1.00 13.14 ? 210 HOH C O   1 
HETATM 1152 O  O   . HOH C 3 .   ? -9.716  7.309   -9.044  1.00 28.25 ? 211 HOH C O   1 
HETATM 1153 O  O   . HOH C 3 .   ? -1.772  3.439   -2.363  1.00 16.69 ? 212 HOH C O   1 
HETATM 1154 O  O   . HOH C 3 .   ? -13.836 -3.949  -7.728  1.00 12.50 ? 213 HOH C O   1 
HETATM 1155 O  O   . HOH C 3 .   ? -4.514  -11.729 -8.838  1.00 18.46 ? 214 HOH C O   1 
HETATM 1156 O  O   . HOH C 3 .   ? -13.081 -5.915  2.157   1.00 9.02  ? 215 HOH C O   1 
HETATM 1157 O  O   . HOH C 3 .   ? 2.754   -0.679  1.042   1.00 11.43 ? 216 HOH C O   1 
HETATM 1158 O  O   . HOH C 3 .   ? 5.859   -9.032  -3.986  1.00 21.77 ? 217 HOH C O   1 
HETATM 1159 O  O   . HOH C 3 .   ? 15.648  1.408   4.334   1.00 25.79 ? 218 HOH C O   1 
HETATM 1160 O  O   . HOH C 3 .   ? 5.826   -0.372  -0.723  1.00 23.26 ? 219 HOH C O   1 
HETATM 1161 O  O   . HOH C 3 .   ? -8.303  -7.559  19.547  1.00 34.24 ? 220 HOH C O   1 
HETATM 1162 O  O   . HOH C 3 .   ? -12.020 -4.568  6.128   1.00 13.39 ? 221 HOH C O   1 
HETATM 1163 O  O   . HOH C 3 .   ? 1.390   6.352   -7.614  1.00 21.72 ? 222 HOH C O   1 
HETATM 1164 O  O   . HOH C 3 .   ? 4.888   -14.104 -0.686  1.00 15.01 ? 223 HOH C O   1 
HETATM 1165 O  O   . HOH C 3 .   ? -0.409  8.195   -17.395 1.00 25.01 ? 224 HOH C O   1 
HETATM 1166 O  O   . HOH C 3 .   ? 7.369   8.831   7.005   1.00 19.86 ? 225 HOH C O   1 
HETATM 1167 O  O   . HOH C 3 .   ? 14.269  2.030   12.571  1.00 21.37 ? 226 HOH C O   1 
HETATM 1168 O  O   . HOH C 3 .   ? 0.060   11.765  -6.984  1.00 24.74 ? 227 HOH C O   1 
HETATM 1169 O  O   . HOH C 3 .   ? -7.257  10.376  -12.919 1.00 37.19 ? 228 HOH C O   1 
HETATM 1170 O  O   . HOH C 3 .   ? 5.185   -15.089 13.617  1.00 28.58 ? 229 HOH C O   1 
HETATM 1171 O  O   . HOH C 3 .   ? -12.837 -9.948  10.211  1.00 17.57 ? 230 HOH C O   1 
HETATM 1172 O  O   . HOH C 3 .   ? -5.315  -12.727 17.289  1.00 24.22 ? 231 HOH C O   1 
HETATM 1173 O  O   . HOH C 3 .   ? -15.017 0.410   3.181   1.00 27.46 ? 232 HOH C O   1 
HETATM 1174 O  O   . HOH C 3 .   ? -11.084 7.735   1.920   1.00 26.31 ? 233 HOH C O   1 
HETATM 1175 O  O   . HOH C 3 .   ? -10.845 7.552   -11.729 1.00 27.10 ? 234 HOH C O   1 
HETATM 1176 O  O   . HOH C 3 .   ? 9.415   -10.666 15.152  1.00 20.46 ? 235 HOH C O   1 
HETATM 1177 O  O   . HOH C 3 .   ? 0.006   -10.620 -4.656  1.00 34.45 ? 236 HOH C O   1 
HETATM 1178 O  O   . HOH C 3 .   ? 12.550  1.174   14.975  1.00 28.93 ? 237 HOH C O   1 
HETATM 1179 O  O   . HOH C 3 .   ? -14.899 -1.597  5.216   1.00 28.52 ? 238 HOH C O   1 
HETATM 1180 O  O   . HOH C 3 .   ? 3.384   -8.283  17.269  1.00 21.47 ? 239 HOH C O   1 
HETATM 1181 O  O   . HOH C 3 .   ? 7.564   6.850   4.833   1.00 25.54 ? 240 HOH C O   1 
HETATM 1182 O  O   . HOH C 3 .   ? 6.997   4.084   -3.049  1.00 23.50 ? 241 HOH C O   1 
HETATM 1183 O  O   . HOH C 3 .   ? -13.117 -1.632  6.958   1.00 34.96 ? 242 HOH C O   1 
HETATM 1184 O  O   . HOH C 3 .   ? -11.519 -1.625  -14.604 1.00 30.18 ? 243 HOH C O   1 
HETATM 1185 O  O   . HOH C 3 .   ? -2.861  14.561  -8.850  1.00 32.14 ? 244 HOH C O   1 
HETATM 1186 O  O   . HOH C 3 .   ? -2.455  12.933  -3.400  1.00 20.70 ? 245 HOH C O   1 
HETATM 1187 O  O   . HOH C 3 .   ? 15.999  -0.161  2.099   1.00 26.89 ? 246 HOH C O   1 
HETATM 1188 O  O   . HOH C 3 .   ? -12.826 -2.552  9.318   1.00 32.12 ? 247 HOH C O   1 
HETATM 1189 O  O   . HOH C 3 .   ? 8.093   -13.455 4.958   1.00 33.38 ? 248 HOH C O   1 
HETATM 1190 O  O   . HOH C 3 .   ? 1.107   -8.680  -8.097  1.00 23.83 ? 249 HOH C O   1 
HETATM 1191 O  O   . HOH C 3 .   ? -6.189  6.969   15.184  1.00 38.70 ? 250 HOH C O   1 
HETATM 1192 O  O   . HOH C 3 .   ? 2.841   -0.496  15.525  1.00 35.24 ? 251 HOH C O   1 
HETATM 1193 O  O   . HOH C 3 .   ? 5.902   5.453   -6.105  1.00 32.28 ? 252 HOH C O   1 
HETATM 1194 O  O   . HOH C 3 .   ? -3.167  9.773   -17.162 1.00 45.87 ? 253 HOH C O   1 
HETATM 1195 O  O   . HOH C 3 .   ? -1.611  13.296  5.529   1.00 24.64 ? 254 HOH C O   1 
HETATM 1196 O  O   . HOH C 3 .   ? -1.951  10.932  7.332   1.00 21.62 ? 255 HOH C O   1 
HETATM 1197 O  O   . HOH C 3 .   ? -14.571 1.085   -11.202 1.00 42.42 ? 256 HOH C O   1 
HETATM 1198 O  O   . HOH C 3 .   ? -9.297  0.863   10.783  1.00 34.12 ? 257 HOH C O   1 
HETATM 1199 O  O   . HOH C 3 .   ? -6.333  4.406   14.533  1.00 42.56 ? 258 HOH C O   1 
HETATM 1200 O  O   . HOH C 3 .   ? 13.410  -7.138  3.240   1.00 23.68 ? 259 HOH C O   1 
HETATM 1201 O  O   . HOH C 3 .   ? -0.301  -12.136 -15.170 1.00 33.15 ? 260 HOH C O   1 
HETATM 1202 O  O   . HOH C 3 .   ? 7.098   -3.468  16.090  1.00 30.68 ? 261 HOH C O   1 
HETATM 1203 O  O   . HOH C 3 .   ? -6.197  -0.239  18.812  1.00 38.12 ? 262 HOH C O   1 
HETATM 1204 O  O   . HOH C 3 .   ? 4.393   12.571  2.587   1.00 44.56 ? 263 HOH C O   1 
HETATM 1205 O  O   . HOH C 3 .   ? 10.241  3.059   -0.839  1.00 52.77 ? 264 HOH C O   1 
HETATM 1206 O  O   . HOH C 3 .   ? -0.280  13.728  1.710   1.00 30.90 ? 265 HOH C O   1 
HETATM 1207 O  O   . HOH C 3 .   ? -3.060  -15.535 -10.135 1.00 35.71 ? 266 HOH C O   1 
HETATM 1208 O  O   . HOH C 3 .   ? -10.041 -3.617  -15.622 1.00 33.53 ? 267 HOH C O   1 
HETATM 1209 O  O   . HOH C 3 .   ? -0.204  -11.342 -7.362  1.00 26.64 ? 268 HOH C O   1 
HETATM 1210 O  O   . HOH C 3 .   ? 5.690   10.894  1.255   1.00 30.68 ? 269 HOH C O   1 
HETATM 1211 O  O   . HOH C 3 .   ? -15.970 9.114   3.703   1.00 45.66 ? 270 HOH C O   1 
HETATM 1212 O  O   . HOH C 3 .   ? 8.015   6.824   -2.404  1.00 41.59 ? 271 HOH C O   1 
HETATM 1213 O  O   . HOH C 3 .   ? 9.595   -13.090 15.100  1.00 56.04 ? 272 HOH C O   1 
HETATM 1214 O  O   . HOH C 3 .   ? 8.368   -0.385  -4.079  1.00 45.58 ? 273 HOH C O   1 
HETATM 1215 O  O   . HOH C 3 .   ? -2.842  -8.399  21.330  1.00 44.13 ? 274 HOH C O   1 
HETATM 1216 O  O   . HOH C 3 .   ? 11.345  -3.885  -5.406  1.00 45.53 ? 275 HOH C O   1 
HETATM 1217 O  O   . HOH C 3 .   ? 6.595   -4.953  -11.791 1.00 34.35 ? 276 HOH C O   1 
HETATM 1218 O  O   . HOH C 3 .   ? -11.742 -5.309  19.582  1.00 28.95 ? 277 HOH C O   1 
HETATM 1219 O  O   . HOH C 3 .   ? -7.352  5.543   0.417   1.00 34.13 ? 278 HOH C O   1 
HETATM 1220 O  O   . HOH C 3 .   ? -11.057 2.817   -21.596 1.00 46.89 ? 279 HOH C O   1 
HETATM 1221 O  O   . HOH C 3 .   ? -12.785 6.081   -15.453 1.00 38.19 ? 280 HOH C O   1 
HETATM 1222 O  O   . HOH C 3 .   ? -4.631  5.175   -23.247 1.00 41.46 ? 281 HOH C O   1 
HETATM 1223 O  O   . HOH C 3 .   ? 0.709   1.006   -23.823 1.00 40.75 ? 282 HOH C O   1 
HETATM 1224 O  O   . HOH C 3 .   ? 5.630   -3.374  -0.459  1.00 22.17 ? 283 HOH C O   1 
HETATM 1225 O  O   . HOH C 3 .   ? -4.903  -4.173  -20.659 1.00 49.96 ? 284 HOH C O   1 
HETATM 1226 O  O   . HOH C 3 .   ? 2.858   -1.557  -22.463 1.00 60.40 ? 285 HOH C O   1 
HETATM 1227 O  O   . HOH C 3 .   ? -15.028 -8.103  13.564  1.00 41.20 ? 286 HOH C O   1 
HETATM 1228 O  O   . HOH C 3 .   ? 11.519  -5.251  -8.504  1.00 54.88 ? 287 HOH C O   1 
HETATM 1229 O  O   . HOH C 3 .   ? 5.410   -8.647  -12.278 1.00 47.84 ? 288 HOH C O   1 
HETATM 1230 O  O   . HOH C 3 .   ? 3.353   -9.808  -11.691 1.00 54.96 ? 289 HOH C O   1 
HETATM 1231 O  O   . HOH C 3 .   ? 1.857   -6.283  -15.334 1.00 42.07 ? 290 HOH C O   1 
HETATM 1232 O  O   . HOH C 3 .   ? -14.880 -3.570  -14.766 1.00 45.03 ? 291 HOH C O   1 
HETATM 1233 O  O   . HOH C 3 .   ? 1.935   16.305  14.068  1.00 59.04 ? 292 HOH C O   1 
HETATM 1234 O  O   . HOH C 3 .   ? -9.646  10.252  13.834  1.00 48.67 ? 293 HOH C O   1 
HETATM 1235 O  O   . HOH C 3 .   ? -13.239 -5.130  -15.333 1.00 37.76 ? 294 HOH C O   1 
HETATM 1236 O  O   . HOH C 3 .   ? -11.535 -6.815  12.799  1.00 43.49 ? 295 HOH C O   1 
HETATM 1237 O  O   . HOH C 3 .   ? 2.238   -11.977 18.164  1.00 42.01 ? 296 HOH C O   1 
HETATM 1238 O  O   . HOH C 3 .   ? 0.895   -16.331 14.792  1.00 44.07 ? 297 HOH C O   1 
HETATM 1239 O  O   . HOH C 3 .   ? -9.456  9.425   -13.179 1.00 40.30 ? 298 HOH C O   1 
HETATM 1240 O  O   . HOH C 3 .   ? 10.251  -6.617  20.834  1.00 42.32 ? 299 HOH C O   1 
HETATM 1241 O  O   . HOH C 3 .   ? -6.336  13.515  11.244  1.00 51.14 ? 300 HOH C O   1 
HETATM 1242 O  O   . HOH C 3 .   ? -13.068 4.368   -18.985 1.00 38.77 ? 301 HOH C O   1 
HETATM 1243 O  O   . HOH C 3 .   ? -5.947  -6.271  -20.514 1.00 37.25 ? 302 HOH C O   1 
HETATM 1244 O  O   . HOH C 3 .   ? 4.443   15.739  14.462  1.00 53.23 ? 303 HOH C O   1 
HETATM 1245 O  O   . HOH C 3 .   ? -3.438  13.644  0.890   1.00 34.86 ? 304 HOH C O   1 
HETATM 1246 O  O   . HOH C 3 .   ? 7.424   -13.687 -0.226  1.00 25.53 ? 305 HOH C O   1 
HETATM 1247 O  O   . HOH C 3 .   ? 3.852   7.187   -6.065  1.00 35.53 ? 306 HOH C O   1 
HETATM 1248 O  O   . HOH C 3 .   ? -5.316  13.544  -2.707  1.00 25.37 ? 307 HOH C O   1 
HETATM 1249 O  O   . HOH C 3 .   ? 4.643   15.287  11.648  1.00 63.68 ? 308 HOH C O   1 
HETATM 1250 O  O   . HOH C 3 .   ? 6.269   -11.961 16.284  1.00 45.32 ? 309 HOH C O   1 
HETATM 1251 O  O   . HOH C 3 .   ? -0.018  11.523  -11.883 1.00 46.14 ? 310 HOH C O   1 
HETATM 1252 O  O   . HOH C 3 .   ? 4.633   -2.484  -20.531 1.00 53.33 ? 311 HOH C O   1 
HETATM 1253 O  O   . HOH C 3 .   ? -5.730  -3.678  21.042  1.00 56.12 ? 312 HOH C O   1 
HETATM 1254 O  O   . HOH C 3 .   ? -1.382  -14.458 9.125   1.00 19.60 ? 313 HOH C O   1 
HETATM 1255 O  O   . HOH C 3 .   ? -13.721 2.933   -7.520  1.00 27.56 ? 314 HOH C O   1 
HETATM 1256 O  O   . HOH C 3 .   ? -8.474  6.351   -3.835  1.00 29.38 ? 315 HOH C O   1 
HETATM 1257 O  O   . HOH C 3 .   ? 5.652   0.705   -4.865  1.00 31.35 ? 316 HOH C O   1 
HETATM 1258 O  O   . HOH C 3 .   ? -4.840  8.982   -18.751 1.00 58.22 ? 317 HOH C O   1 
HETATM 1259 O  O   . HOH C 3 .   ? -4.803  15.583  5.171   1.00 63.11 ? 318 HOH C O   1 
HETATM 1260 O  O   . HOH C 3 .   ? -8.019  -9.482  -1.979  1.00 10.05 ? 319 HOH C O   1 
HETATM 1261 O  O   . HOH C 3 .   ? -0.933  5.680   -3.274  1.00 13.89 ? 320 HOH C O   1 
HETATM 1262 O  O   . HOH C 3 .   ? 9.362   -11.010 8.558   1.00 13.10 ? 321 HOH C O   1 
HETATM 1263 O  O   . HOH C 3 .   ? -5.641  7.435   2.082   1.00 18.16 ? 322 HOH C O   1 
HETATM 1264 O  O   . HOH C 3 .   ? 8.089   -12.056 2.847   1.00 17.54 ? 323 HOH C O   1 
HETATM 1265 O  O   . HOH C 3 .   ? 3.220   -3.459  0.611   1.00 20.56 ? 324 HOH C O   1 
HETATM 1266 O  O   . HOH C 3 .   ? -11.442 0.525   6.597   1.00 18.16 ? 325 HOH C O   1 
HETATM 1267 O  O   . HOH C 3 .   ? 0.487   -13.335 11.034  1.00 16.89 ? 326 HOH C O   1 
HETATM 1268 O  O   . HOH C 3 .   ? 11.550  -4.764  11.158  1.00 15.47 ? 327 HOH C O   1 
HETATM 1269 O  O   . HOH C 3 .   ? -13.216 5.933   -12.673 1.00 25.68 ? 328 HOH C O   1 
HETATM 1270 O  O   . HOH C 3 .   ? -2.282  -10.119 -3.689  1.00 37.40 ? 329 HOH C O   1 
HETATM 1271 O  O   . HOH C 3 .   ? -1.596  -17.266 8.648   1.00 25.47 ? 330 HOH C O   1 
HETATM 1272 O  O   . HOH C 3 .   ? -0.910  11.591  -1.914  1.00 22.04 ? 331 HOH C O   1 
HETATM 1273 O  O   . HOH C 3 .   ? -12.726 2.247   4.905   1.00 24.92 ? 332 HOH C O   1 
HETATM 1274 O  O   . HOH C 3 .   ? 5.378   -1.667  -7.801  1.00 29.94 ? 333 HOH C O   1 
HETATM 1275 O  O   . HOH C 3 .   ? -3.931  -14.378 16.160  1.00 26.86 ? 334 HOH C O   1 
HETATM 1276 O  O   . HOH C 3 .   ? 8.560   -1.155  -1.628  1.00 30.50 ? 335 HOH C O   1 
HETATM 1277 O  O   . HOH C 3 .   ? 15.392  -6.370  4.758   1.00 39.85 ? 336 HOH C O   1 
HETATM 1278 O  O   . HOH C 3 .   ? 2.833   9.951   -9.610  1.00 28.88 ? 337 HOH C O   1 
HETATM 1279 O  O   . HOH C 3 .   ? -11.244 1.553   9.848   1.00 36.03 ? 338 HOH C O   1 
HETATM 1280 O  O   . HOH C 3 .   ? -10.292 8.183   -4.948  1.00 22.35 ? 339 HOH C O   1 
HETATM 1281 O  O   . HOH C 3 .   ? -8.962  -5.367  12.783  1.00 25.97 ? 340 HOH C O   1 
HETATM 1282 O  O   . HOH C 3 .   ? 1.403   3.694   -9.458  1.00 25.53 ? 341 HOH C O   1 
HETATM 1283 O  O   . HOH C 3 .   ? -12.812 5.510   2.605   1.00 32.44 ? 342 HOH C O   1 
HETATM 1284 O  O   . HOH C 3 .   ? -1.404  -14.491 16.829  1.00 32.29 ? 343 HOH C O   1 
HETATM 1285 O  O   . HOH C 3 .   ? -0.354  -13.575 19.131  1.00 41.41 ? 344 HOH C O   1 
HETATM 1286 O  O   . HOH C 3 .   ? -2.375  11.201  -13.023 1.00 34.06 ? 345 HOH C O   1 
HETATM 1287 O  O   . HOH C 3 .   ? 15.912  -2.489  -12.709 1.00 73.78 ? 346 HOH C O   1 
HETATM 1288 O  O   . HOH C 3 .   ? -6.399  4.664   -20.661 1.00 40.91 ? 347 HOH C O   1 
HETATM 1289 O  O   . HOH C 3 .   ? -3.523  14.170  3.805   1.00 41.14 ? 348 HOH C O   1 
HETATM 1290 O  O   . HOH C 3 .   ? 12.610  3.655   16.300  1.00 48.40 ? 349 HOH C O   1 
HETATM 1291 O  O   . HOH C 3 .   ? 10.414  5.563   2.010   1.00 43.78 ? 350 HOH C O   1 
HETATM 1292 O  O   . HOH C 3 .   ? -10.719 -8.818  21.520  1.00 33.82 ? 351 HOH C O   1 
HETATM 1293 O  O   . HOH C 3 .   ? 1.917   1.896   14.371  1.00 37.23 ? 352 HOH C O   1 
# 
